data_5AH5
#
_entry.id   5AH5
#
_cell.length_a   169.910
_cell.length_b   50.320
_cell.length_c   170.520
_cell.angle_alpha   90.00
_cell.angle_beta   93.48
_cell.angle_gamma   90.00
#
_symmetry.space_group_name_H-M   'P 1 21 1'
#
loop_
_entity.id
_entity.type
_entity.pdbx_description
1 polymer 'LEUCINE--TRNA LIGASE'
2 polymer 'TRNA-LEU TAA ISOACCEPTOR'
3 non-polymer 'ZINC ION'
4 non-polymer "5'-O-(L-leucylsulfamoyl)adenosine"
5 non-polymer 'SULFATE ION'
6 non-polymer 'MANGANESE (II) ION'
7 water water
#
loop_
_entity_poly.entity_id
_entity_poly.type
_entity_poly.pdbx_seq_one_letter_code
_entity_poly.pdbx_strand_id
1 'polypeptide(L)'
;MQYDHRSRDAFWQQKWDEKRIFDWDPSSPGKKFYVLEMFPYTSGHLHIGHVRNYSMGDTLARMQIARGYSVLHPMGWDSF
GLPAENAARKFGTHPAKFTQDAIDSMKRSMMQLGFGYSWANELATCSPTYVLAQQKLFLDLYRKGLIYRDDTYVYWDPVE
QTVLAAEQVIDGKGWRSGAAVYKRRTPQWFVDIRSYADRLLDDLESLEGWPTSVRNIQRNWIGRTEGAEVRFLVEASDLT
INAFTTRLDTLAGCTFIALAPEHTILDELPIPSQMRASVKDYCESILVLSSEERSAGAKSGIFTGLMVVNPLNQERVPLY
VANYVMPDFGTGAVIGVPAHDERDADFGALFGLPVRVVISTDSDATGLNIADGIVTNSHSLVDGLTSSAAREILIAHLSE
KLEGQKSTQYRLQNWSISRQRYWGCPIPIIHCSECGTIPVAEEQLPILLPDHLISEGSGSPLSRDESWMKAKCPQCGGDA
ARDPDTMDTFVDSSWYFLRYPSPSSPNPIDSSLCNKIAPADVYIGGIEHATLHLIYSRFITKVLHDLGYIEFDEPFVELY
NQGMVNDVHGRKQSKSLGNVTDPSVVVQEFGADAVRCYLLFKTTYNAPINWEDSGPQAMRSYLERVCRLFTNNLDRLRSS
SAIEICPDDCENEEDREIARQLQLAIGKVTADVERFHFNAAIAAIMSVTNLLYEKGGKASPTVLAGSLRLLVRLLAPFAP
HISEELWALSGCNSLVAAEPWPTINERLVQAENIVLPVQINGKLIRTMTIPVNLAEEDILSTVLALPEVRSRLSDRDLKN
YRYVPNRIINLVVGLEHHHHHH
;
A,B
2 'polyribonucleotide'
;GCCCGCAUGGUGAAAUCGGUAAACACAUCGCACUUAAAAUGCGCCGCCUCUGGCUUGCCGGUUCAAGUCCGGCUGCGGGC
ACCA
;
C,D
#
# COMPACT_ATOMS: atom_id res chain seq x y z
N GLN A 2 15.00 -52.77 45.18
CA GLN A 2 15.04 -54.21 44.76
C GLN A 2 15.33 -54.44 43.28
N TYR A 3 15.39 -53.39 42.46
CA TYR A 3 16.08 -53.47 41.17
C TYR A 3 17.55 -53.29 41.49
N ASP A 4 18.34 -54.33 41.25
CA ASP A 4 19.76 -54.28 41.50
C ASP A 4 20.55 -53.69 40.30
N HIS A 5 20.63 -52.34 40.28
CA HIS A 5 21.31 -51.62 39.24
C HIS A 5 22.79 -52.01 39.13
N ARG A 6 23.40 -52.38 40.24
CA ARG A 6 24.85 -52.70 40.28
C ARG A 6 25.34 -53.84 39.34
N SER A 7 24.46 -54.79 39.02
CA SER A 7 24.72 -55.75 37.94
C SER A 7 23.81 -55.61 36.74
N ARG A 8 22.55 -55.19 36.95
CA ARG A 8 21.58 -55.19 35.85
C ARG A 8 21.76 -54.05 34.85
N ASP A 9 22.24 -52.87 35.30
CA ASP A 9 22.54 -51.82 34.30
C ASP A 9 23.52 -52.32 33.22
N ALA A 10 24.56 -53.01 33.70
CA ALA A 10 25.61 -53.50 32.79
C ALA A 10 25.09 -54.63 31.92
N PHE A 11 24.26 -55.50 32.51
CA PHE A 11 23.52 -56.52 31.76
C PHE A 11 22.83 -55.89 30.57
N TRP A 12 21.99 -54.88 30.83
CA TRP A 12 21.23 -54.29 29.75
C TRP A 12 22.11 -53.56 28.76
N GLN A 13 23.17 -52.93 29.25
CA GLN A 13 24.10 -52.26 28.31
C GLN A 13 24.69 -53.28 27.28
N GLN A 14 25.05 -54.45 27.76
CA GLN A 14 25.60 -55.49 26.87
C GLN A 14 24.55 -55.90 25.82
N LYS A 15 23.30 -56.03 26.26
CA LYS A 15 22.25 -56.40 25.31
C LYS A 15 22.14 -55.39 24.21
N TRP A 16 22.20 -54.10 24.58
CA TRP A 16 22.08 -53.07 23.56
C TRP A 16 23.30 -53.14 22.67
N ASP A 17 24.51 -53.34 23.25
CA ASP A 17 25.75 -53.53 22.44
C ASP A 17 25.58 -54.69 21.44
N GLU A 18 25.23 -55.88 21.89
CA GLU A 18 25.16 -56.99 20.96
C GLU A 18 24.08 -56.87 19.90
N LYS A 19 23.01 -56.10 20.16
CA LYS A 19 22.03 -55.87 19.12
C LYS A 19 22.39 -54.73 18.19
N ARG A 20 23.45 -53.99 18.48
CA ARG A 20 23.91 -52.90 17.60
C ARG A 20 22.85 -51.78 17.48
N ILE A 21 22.00 -51.62 18.50
CA ILE A 21 20.97 -50.57 18.56
C ILE A 21 21.56 -49.22 18.23
N PHE A 22 22.75 -48.90 18.75
CA PHE A 22 23.29 -47.55 18.63
C PHE A 22 24.28 -47.29 17.52
N ASP A 23 24.51 -48.30 16.67
CA ASP A 23 25.52 -48.21 15.62
C ASP A 23 24.92 -47.57 14.43
N TRP A 24 25.48 -46.46 13.99
CA TRP A 24 24.90 -45.73 12.92
C TRP A 24 25.16 -46.48 11.62
N ASP A 25 24.12 -46.71 10.82
CA ASP A 25 24.37 -47.31 9.54
C ASP A 25 23.89 -46.38 8.47
N PRO A 26 24.82 -45.74 7.77
CA PRO A 26 24.39 -44.90 6.66
C PRO A 26 23.62 -45.61 5.51
N SER A 27 23.78 -46.92 5.31
CA SER A 27 22.98 -47.62 4.29
C SER A 27 21.55 -47.96 4.76
N SER A 28 21.19 -47.62 6.00
CA SER A 28 19.79 -47.78 6.44
C SER A 28 18.84 -46.86 5.69
N PRO A 29 17.64 -47.35 5.42
CA PRO A 29 16.70 -46.54 4.70
C PRO A 29 15.95 -45.51 5.60
N GLY A 30 15.95 -45.64 6.91
CA GLY A 30 15.30 -44.62 7.78
C GLY A 30 15.64 -43.16 7.47
N LYS A 31 14.70 -42.25 7.72
CA LYS A 31 15.00 -40.83 7.58
C LYS A 31 16.19 -40.44 8.50
N LYS A 32 17.10 -39.63 8.01
CA LYS A 32 18.36 -39.34 8.74
C LYS A 32 18.07 -38.44 9.95
N PHE A 33 18.70 -38.70 11.08
CA PHE A 33 18.70 -37.71 12.18
C PHE A 33 20.11 -37.65 12.86
N TYR A 34 20.69 -36.47 12.95
CA TYR A 34 22.00 -36.23 13.55
C TYR A 34 21.85 -35.40 14.83
N VAL A 35 21.95 -36.09 15.95
CA VAL A 35 22.05 -35.38 17.23
C VAL A 35 23.47 -35.52 17.82
N LEU A 36 24.06 -34.41 18.22
CA LEU A 36 25.27 -34.48 19.02
C LEU A 36 25.37 -33.35 20.04
N GLU A 37 26.34 -33.56 20.92
CA GLU A 37 26.64 -32.69 22.02
C GLU A 37 28.05 -32.16 21.84
N MET A 38 28.35 -31.03 22.48
CA MET A 38 29.73 -30.52 22.51
C MET A 38 30.67 -31.54 23.22
N PHE A 39 31.53 -32.17 22.42
CA PHE A 39 32.44 -33.23 22.92
C PHE A 39 33.39 -32.59 23.99
N PRO A 40 33.73 -33.31 25.03
CA PRO A 40 34.46 -32.87 26.16
C PRO A 40 36.02 -32.74 25.95
N TYR A 41 36.62 -31.76 26.59
CA TYR A 41 38.07 -31.65 26.72
C TYR A 41 38.56 -32.82 27.56
N THR A 42 39.68 -33.38 27.14
CA THR A 42 40.26 -34.50 27.87
C THR A 42 41.15 -34.00 29.00
N SER A 43 40.55 -33.28 29.92
CA SER A 43 41.25 -32.57 30.96
C SER A 43 41.01 -33.26 32.29
N GLY A 44 40.30 -34.39 32.32
CA GLY A 44 39.88 -34.94 33.63
C GLY A 44 38.87 -36.06 33.47
N HIS A 45 38.31 -36.50 34.57
CA HIS A 45 37.24 -37.48 34.56
C HIS A 45 35.91 -36.83 34.15
N LEU A 46 34.93 -37.68 33.86
CA LEU A 46 33.57 -37.17 33.48
C LEU A 46 32.97 -36.48 34.72
N HIS A 47 32.33 -35.34 34.53
CA HIS A 47 31.68 -34.69 35.67
CA HIS A 47 31.71 -34.51 35.59
C HIS A 47 30.16 -34.55 35.45
N ILE A 48 29.46 -34.20 36.53
CA ILE A 48 27.99 -34.25 36.59
C ILE A 48 27.33 -33.35 35.54
N GLY A 49 27.96 -32.24 35.27
CA GLY A 49 27.64 -31.37 34.17
C GLY A 49 27.57 -32.05 32.84
N HIS A 50 28.65 -32.80 32.50
CA HIS A 50 28.64 -33.53 31.27
C HIS A 50 27.47 -34.49 31.21
N VAL A 51 27.22 -35.15 32.33
CA VAL A 51 26.19 -36.15 32.43
C VAL A 51 24.84 -35.54 32.07
N ARG A 52 24.61 -34.30 32.50
CA ARG A 52 23.38 -33.61 32.13
C ARG A 52 23.29 -33.31 30.64
N ASN A 53 24.35 -32.73 30.14
CA ASN A 53 24.47 -32.43 28.72
C ASN A 53 24.22 -33.68 27.85
N TYR A 54 24.72 -34.81 28.28
CA TYR A 54 24.77 -35.96 27.42
C TYR A 54 23.56 -36.85 27.64
N SER A 55 22.92 -36.78 28.80
CA SER A 55 21.68 -37.51 29.02
C SER A 55 20.56 -37.04 28.11
N MET A 56 20.56 -35.76 27.83
CA MET A 56 19.54 -35.12 26.97
C MET A 56 19.67 -35.65 25.56
N GLY A 57 20.92 -35.72 25.07
CA GLY A 57 21.19 -36.26 23.79
C GLY A 57 20.82 -37.73 23.71
N ASP A 58 21.16 -38.50 24.75
CA ASP A 58 20.85 -39.90 24.72
C ASP A 58 19.33 -40.14 24.71
N THR A 59 18.61 -39.41 25.56
CA THR A 59 17.14 -39.53 25.62
C THR A 59 16.52 -39.23 24.26
N LEU A 60 16.92 -38.15 23.60
CA LEU A 60 16.39 -37.84 22.31
C LEU A 60 16.70 -38.94 21.28
N ALA A 61 17.97 -39.39 21.22
CA ALA A 61 18.41 -40.36 20.21
C ALA A 61 17.68 -41.65 20.38
N ARG A 62 17.49 -42.10 21.61
CA ARG A 62 16.77 -43.30 21.84
C ARG A 62 15.33 -43.20 21.29
N MET A 63 14.70 -42.04 21.50
CA MET A 63 13.32 -41.88 21.05
C MET A 63 13.34 -41.89 19.55
N GLN A 64 14.24 -41.11 18.95
CA GLN A 64 14.28 -41.03 17.50
C GLN A 64 14.63 -42.39 16.85
N ILE A 65 15.42 -43.21 17.51
CA ILE A 65 15.67 -44.55 16.99
C ILE A 65 14.33 -45.30 16.99
N ALA A 66 13.62 -45.29 18.10
CA ALA A 66 12.31 -45.98 18.21
C ALA A 66 11.30 -45.53 17.15
N ARG A 67 11.41 -44.27 16.74
CA ARG A 67 10.53 -43.68 15.77
C ARG A 67 10.93 -43.93 14.32
N GLY A 68 11.89 -44.81 14.10
CA GLY A 68 12.37 -45.19 12.74
C GLY A 68 13.43 -44.32 12.08
N TYR A 69 13.98 -43.32 12.78
CA TYR A 69 15.04 -42.50 12.21
C TYR A 69 16.37 -43.32 12.11
N SER A 70 17.18 -43.03 11.11
CA SER A 70 18.57 -43.57 11.07
C SER A 70 19.45 -42.53 11.77
N VAL A 71 19.69 -42.78 13.04
CA VAL A 71 20.23 -41.72 13.91
C VAL A 71 21.76 -41.83 14.00
N LEU A 72 22.49 -40.76 13.74
CA LEU A 72 23.92 -40.67 14.13
C LEU A 72 23.99 -39.86 15.42
N HIS A 73 24.33 -40.56 16.49
CA HIS A 73 24.65 -40.03 17.77
C HIS A 73 26.13 -40.44 18.19
N PRO A 74 27.11 -39.60 17.85
CA PRO A 74 28.55 -39.93 18.03
C PRO A 74 29.20 -39.22 19.22
N MET A 75 30.29 -39.80 19.71
CA MET A 75 31.11 -39.18 20.74
C MET A 75 32.59 -39.36 20.42
N GLY A 76 33.36 -38.37 20.81
CA GLY A 76 34.74 -38.20 20.40
C GLY A 76 35.39 -37.29 21.43
N TRP A 77 36.67 -36.97 21.24
CA TRP A 77 37.50 -36.44 22.34
C TRP A 77 38.19 -35.19 21.88
N ASP A 78 37.95 -34.07 22.55
CA ASP A 78 38.58 -32.77 22.18
C ASP A 78 39.91 -32.75 22.98
N SER A 79 40.99 -33.20 22.35
CA SER A 79 42.12 -33.66 23.15
C SER A 79 43.43 -32.93 22.97
N PHE A 80 43.48 -31.93 22.12
CA PHE A 80 44.64 -31.07 21.98
C PHE A 80 44.42 -29.72 22.63
N GLY A 81 45.52 -29.03 22.82
CA GLY A 81 45.53 -27.65 23.28
C GLY A 81 45.55 -27.52 24.79
N LEU A 82 45.28 -26.29 25.25
CA LEU A 82 45.53 -25.91 26.61
C LEU A 82 44.84 -26.76 27.66
N PRO A 83 43.55 -27.11 27.49
CA PRO A 83 42.92 -27.81 28.58
C PRO A 83 43.58 -29.12 28.94
N ALA A 84 43.70 -30.03 27.98
CA ALA A 84 44.40 -31.31 28.22
C ALA A 84 45.88 -31.05 28.71
N GLU A 85 46.56 -30.12 28.09
CA GLU A 85 48.01 -29.93 28.32
C GLU A 85 48.25 -29.34 29.73
N ASN A 86 47.46 -28.32 30.10
CA ASN A 86 47.57 -27.73 31.43
C ASN A 86 47.17 -28.72 32.45
N ALA A 87 46.15 -29.55 32.19
CA ALA A 87 45.85 -30.54 33.20
C ALA A 87 46.99 -31.56 33.41
N ALA A 88 47.58 -32.00 32.32
CA ALA A 88 48.62 -33.06 32.42
C ALA A 88 49.85 -32.49 33.11
N ARG A 89 50.19 -31.25 32.80
CA ARG A 89 51.30 -30.58 33.40
CA ARG A 89 51.31 -30.55 33.43
C ARG A 89 51.06 -30.43 34.91
N LYS A 90 49.84 -30.11 35.33
CA LYS A 90 49.56 -29.92 36.78
C LYS A 90 49.63 -31.25 37.49
N PHE A 91 49.21 -32.34 36.83
CA PHE A 91 49.33 -33.63 37.45
C PHE A 91 50.84 -34.09 37.40
N GLY A 92 51.57 -33.73 36.33
CA GLY A 92 53.02 -34.12 36.09
C GLY A 92 53.24 -35.32 35.12
N THR A 93 52.29 -35.60 34.22
CA THR A 93 52.43 -36.64 33.20
C THR A 93 52.51 -36.03 31.82
N HIS A 94 53.03 -36.83 30.88
CA HIS A 94 53.08 -36.41 29.50
C HIS A 94 51.60 -36.24 29.01
N PRO A 95 51.29 -35.21 28.25
CA PRO A 95 49.88 -34.98 27.81
C PRO A 95 49.30 -36.09 26.94
N ALA A 96 50.12 -36.89 26.24
CA ALA A 96 49.66 -38.05 25.49
C ALA A 96 49.13 -39.08 26.39
N LYS A 97 49.86 -39.35 27.46
N LYS A 97 49.82 -39.34 27.50
CA LYS A 97 49.40 -40.33 28.42
CA LYS A 97 49.39 -40.35 28.47
C LYS A 97 48.18 -39.80 29.20
C LYS A 97 48.26 -39.87 29.42
N PHE A 98 48.26 -38.60 29.73
CA PHE A 98 47.15 -38.02 30.55
C PHE A 98 45.82 -38.01 29.69
N THR A 99 45.88 -37.52 28.45
CA THR A 99 44.79 -37.54 27.46
C THR A 99 44.15 -38.90 27.27
N GLN A 100 44.98 -39.93 27.05
CA GLN A 100 44.47 -41.27 26.87
C GLN A 100 43.84 -41.83 28.12
N ASP A 101 44.40 -41.57 29.29
CA ASP A 101 43.77 -42.00 30.49
C ASP A 101 42.38 -41.29 30.69
N ALA A 102 42.30 -40.01 30.37
CA ALA A 102 41.04 -39.24 30.58
C ALA A 102 39.96 -39.72 29.55
N ILE A 103 40.35 -39.85 28.27
CA ILE A 103 39.56 -40.59 27.30
C ILE A 103 38.98 -41.92 27.82
N ASP A 104 39.84 -42.82 28.28
CA ASP A 104 39.41 -44.16 28.69
C ASP A 104 38.44 -44.08 29.89
N SER A 105 38.76 -43.20 30.83
CA SER A 105 37.95 -42.98 32.01
C SER A 105 36.56 -42.38 31.61
N MET A 106 36.55 -41.35 30.79
CA MET A 106 35.29 -40.71 30.35
C MET A 106 34.41 -41.68 29.53
N LYS A 107 35.03 -42.49 28.68
CA LYS A 107 34.31 -43.45 27.88
C LYS A 107 33.72 -44.50 28.71
N ARG A 108 34.49 -44.96 29.67
CA ARG A 108 33.99 -45.90 30.63
C ARG A 108 32.76 -45.32 31.41
N SER A 109 32.85 -44.07 31.87
CA SER A 109 31.76 -43.45 32.62
C SER A 109 30.51 -43.33 31.73
N MET A 110 30.70 -42.88 30.48
CA MET A 110 29.63 -42.81 29.50
C MET A 110 28.94 -44.16 29.28
N MET A 111 29.72 -45.23 29.19
CA MET A 111 29.16 -46.56 28.90
C MET A 111 28.43 -47.03 30.09
N GLN A 112 28.93 -46.72 31.27
CA GLN A 112 28.24 -47.12 32.50
C GLN A 112 26.91 -46.35 32.76
N LEU A 113 26.78 -45.16 32.18
CA LEU A 113 25.55 -44.36 32.25
C LEU A 113 24.50 -44.82 31.22
N GLY A 114 24.88 -45.79 30.36
CA GLY A 114 24.02 -46.26 29.30
C GLY A 114 23.85 -45.25 28.21
N PHE A 115 24.88 -44.47 27.93
CA PHE A 115 24.78 -43.54 26.87
C PHE A 115 25.08 -44.28 25.54
N GLY A 116 24.07 -44.34 24.67
CA GLY A 116 24.13 -45.18 23.49
C GLY A 116 24.79 -44.46 22.35
N TYR A 117 26.14 -44.44 22.29
CA TYR A 117 26.79 -43.77 21.20
C TYR A 117 27.15 -44.78 20.10
N SER A 118 27.30 -44.26 18.91
CA SER A 118 27.79 -44.97 17.76
C SER A 118 29.35 -44.95 17.84
N TRP A 119 29.84 -45.82 18.69
CA TRP A 119 31.32 -45.91 18.97
C TRP A 119 32.21 -46.17 17.74
N ALA A 120 31.64 -46.73 16.64
CA ALA A 120 32.41 -46.87 15.39
C ALA A 120 32.70 -45.55 14.79
N ASN A 121 32.04 -44.48 15.25
CA ASN A 121 32.31 -43.13 14.75
C ASN A 121 33.15 -42.31 15.71
N GLU A 122 33.69 -42.93 16.74
CA GLU A 122 34.56 -42.23 17.68
C GLU A 122 35.76 -41.61 16.97
N LEU A 123 36.18 -40.45 17.46
CA LEU A 123 37.39 -39.81 17.01
C LEU A 123 38.10 -39.18 18.22
N ALA A 124 39.37 -38.90 18.05
CA ALA A 124 40.13 -38.12 19.06
C ALA A 124 40.91 -37.11 18.27
N THR A 125 40.85 -35.82 18.60
CA THR A 125 41.49 -34.85 17.73
C THR A 125 43.06 -34.93 17.75
N CYS A 126 43.62 -35.64 18.69
CA CYS A 126 45.10 -35.81 18.81
C CYS A 126 45.59 -37.04 18.03
N SER A 127 44.69 -37.88 17.51
CA SER A 127 45.14 -39.07 16.79
C SER A 127 45.78 -38.69 15.48
N PRO A 128 46.79 -39.48 15.05
CA PRO A 128 47.42 -39.21 13.77
C PRO A 128 46.45 -39.14 12.63
N THR A 129 45.44 -40.00 12.65
CA THR A 129 44.41 -39.88 11.59
C THR A 129 43.69 -38.51 11.48
N TYR A 130 43.42 -37.88 12.63
CA TYR A 130 42.78 -36.54 12.64
C TYR A 130 43.74 -35.49 12.22
N VAL A 131 44.99 -35.63 12.71
CA VAL A 131 46.05 -34.67 12.36
C VAL A 131 46.27 -34.61 10.86
N LEU A 132 46.26 -35.77 10.22
CA LEU A 132 46.41 -35.82 8.75
C LEU A 132 45.31 -35.00 8.04
N ALA A 133 44.10 -35.30 8.46
CA ALA A 133 42.91 -34.58 7.95
C ALA A 133 43.00 -33.14 8.16
N GLN A 134 43.33 -32.73 9.37
CA GLN A 134 43.40 -31.30 9.62
C GLN A 134 44.50 -30.60 8.93
N GLN A 135 45.64 -31.30 8.79
CA GLN A 135 46.75 -30.72 8.03
C GLN A 135 46.40 -30.56 6.56
N LYS A 136 45.75 -31.54 5.99
CA LYS A 136 45.25 -31.33 4.61
C LYS A 136 44.26 -30.18 4.51
N LEU A 137 43.35 -30.08 5.48
CA LEU A 137 42.47 -28.86 5.45
C LEU A 137 43.21 -27.59 5.63
N PHE A 138 44.22 -27.58 6.51
CA PHE A 138 45.01 -26.37 6.73
C PHE A 138 45.62 -25.95 5.40
N LEU A 139 46.24 -26.91 4.71
CA LEU A 139 46.97 -26.61 3.50
C LEU A 139 46.05 -26.21 2.35
N ASP A 140 44.88 -26.81 2.28
CA ASP A 140 43.90 -26.34 1.29
C ASP A 140 43.52 -24.88 1.58
N LEU A 141 43.23 -24.56 2.84
CA LEU A 141 42.87 -23.14 3.19
C LEU A 141 44.04 -22.20 2.95
N TYR A 142 45.26 -22.67 3.27
CA TYR A 142 46.47 -21.93 2.91
C TYR A 142 46.59 -21.61 1.40
N ARG A 143 46.54 -22.62 0.54
CA ARG A 143 46.59 -22.41 -0.92
C ARG A 143 45.48 -21.51 -1.45
N LYS A 144 44.32 -21.45 -0.82
CA LYS A 144 43.22 -20.59 -1.33
C LYS A 144 43.25 -19.20 -0.74
N GLY A 145 44.26 -18.88 0.08
CA GLY A 145 44.40 -17.58 0.69
C GLY A 145 43.57 -17.35 1.94
N LEU A 146 42.84 -18.35 2.42
CA LEU A 146 42.05 -18.19 3.66
C LEU A 146 42.89 -18.27 4.96
N ILE A 147 43.92 -19.10 4.98
CA ILE A 147 44.90 -19.07 6.06
C ILE A 147 46.10 -18.30 5.52
N TYR A 148 46.68 -17.43 6.37
CA TYR A 148 47.81 -16.57 5.97
C TYR A 148 48.73 -16.24 7.14
N ARG A 149 49.93 -15.75 6.84
CA ARG A 149 50.96 -15.46 7.85
C ARG A 149 51.19 -13.96 7.85
N ASP A 150 51.25 -13.35 9.03
CA ASP A 150 51.37 -11.88 9.10
C ASP A 150 52.03 -11.42 10.39
N ASP A 151 52.75 -10.31 10.28
CA ASP A 151 53.55 -9.78 11.37
C ASP A 151 52.77 -8.61 11.94
N THR A 152 51.85 -8.91 12.83
CA THR A 152 50.94 -7.89 13.38
C THR A 152 50.84 -8.10 14.85
N TYR A 153 50.15 -7.16 15.48
CA TYR A 153 49.72 -7.23 16.88
C TYR A 153 48.75 -8.38 17.19
N VAL A 154 49.00 -9.04 18.31
CA VAL A 154 48.40 -10.26 18.65
C VAL A 154 48.30 -10.30 20.17
N TYR A 155 47.35 -11.04 20.72
CA TYR A 155 47.24 -11.14 22.17
C TYR A 155 48.27 -12.15 22.69
N TRP A 156 48.92 -11.84 23.82
CA TRP A 156 49.92 -12.70 24.45
C TRP A 156 49.59 -12.92 25.92
N ASP A 157 49.48 -14.19 26.33
CA ASP A 157 49.24 -14.60 27.71
C ASP A 157 50.59 -15.03 28.31
N PRO A 158 51.16 -14.17 29.20
CA PRO A 158 52.43 -14.50 29.76
C PRO A 158 52.39 -15.63 30.78
N VAL A 159 51.25 -16.05 31.31
CA VAL A 159 51.27 -17.31 32.07
C VAL A 159 51.25 -18.54 31.14
N GLU A 160 50.52 -18.47 30.06
CA GLU A 160 50.41 -19.60 29.16
C GLU A 160 51.62 -19.68 28.29
N GLN A 161 52.28 -18.52 28.10
CA GLN A 161 53.42 -18.34 27.23
C GLN A 161 53.01 -18.59 25.79
N THR A 162 51.86 -18.05 25.41
CA THR A 162 51.45 -18.21 24.03
C THR A 162 50.57 -17.09 23.59
N VAL A 163 50.62 -16.84 22.30
CA VAL A 163 49.64 -16.06 21.61
C VAL A 163 48.27 -16.73 21.85
N LEU A 164 47.24 -15.90 22.04
CA LEU A 164 45.81 -16.33 22.10
C LEU A 164 45.02 -15.56 21.07
N ALA A 165 43.92 -16.15 20.60
CA ALA A 165 42.96 -15.43 19.76
C ALA A 165 42.16 -14.38 20.60
N ALA A 166 41.68 -13.33 19.95
CA ALA A 166 40.70 -12.36 20.57
C ALA A 166 39.55 -13.04 21.32
N GLU A 167 39.10 -14.20 20.88
CA GLU A 167 37.96 -14.88 21.53
C GLU A 167 38.35 -15.52 22.83
N GLN A 168 39.66 -15.75 22.99
CA GLN A 168 40.20 -16.37 24.16
C GLN A 168 40.64 -15.33 25.19
N VAL A 169 40.30 -14.07 24.94
CA VAL A 169 40.54 -13.01 25.92
C VAL A 169 39.17 -12.57 26.52
N ILE A 170 39.00 -12.78 27.81
CA ILE A 170 37.74 -12.64 28.51
C ILE A 170 37.97 -11.72 29.71
N ASP A 171 37.45 -10.49 29.57
CA ASP A 171 37.62 -9.39 30.54
C ASP A 171 39.11 -8.99 30.59
N GLY A 172 39.74 -8.90 29.44
CA GLY A 172 41.20 -8.74 29.30
C GLY A 172 42.11 -9.81 29.89
N LYS A 173 41.57 -10.95 30.28
CA LYS A 173 42.30 -12.04 30.90
C LYS A 173 42.36 -13.22 29.93
N GLY A 174 43.33 -14.11 30.12
CA GLY A 174 43.48 -15.26 29.26
C GLY A 174 42.43 -16.28 29.57
N TRP A 175 41.81 -16.82 28.52
CA TRP A 175 40.83 -17.90 28.63
C TRP A 175 41.03 -18.92 29.76
N ARG A 176 42.18 -19.53 29.88
CA ARG A 176 42.36 -20.54 30.95
C ARG A 176 43.12 -20.03 32.12
N SER A 177 44.02 -19.07 31.90
CA SER A 177 44.96 -18.65 32.98
C SER A 177 44.31 -17.64 33.95
N GLY A 178 43.35 -16.86 33.48
CA GLY A 178 42.86 -15.73 34.26
C GLY A 178 43.91 -14.63 34.40
N ALA A 179 45.01 -14.67 33.62
CA ALA A 179 46.09 -13.70 33.72
C ALA A 179 45.87 -12.60 32.74
N ALA A 180 46.33 -11.42 33.12
CA ALA A 180 46.22 -10.25 32.29
C ALA A 180 47.04 -10.52 31.10
N VAL A 181 46.46 -10.16 29.96
CA VAL A 181 47.00 -10.38 28.63
C VAL A 181 47.65 -9.11 28.07
N TYR A 182 48.69 -9.28 27.23
CA TYR A 182 49.37 -8.17 26.56
C TYR A 182 49.28 -8.29 25.07
N LYS A 183 49.78 -7.27 24.40
CA LYS A 183 49.82 -7.22 22.94
C LYS A 183 51.27 -7.30 22.46
N ARG A 184 51.54 -8.02 21.38
CA ARG A 184 52.83 -7.93 20.75
C ARG A 184 52.77 -8.25 19.29
N ARG A 185 53.79 -7.74 18.59
CA ARG A 185 53.96 -7.88 17.16
C ARG A 185 54.92 -9.04 16.89
N THR A 186 54.54 -9.93 15.98
CA THR A 186 55.12 -11.27 15.82
C THR A 186 54.52 -11.93 14.60
N PRO A 187 55.33 -12.64 13.82
CA PRO A 187 54.77 -13.38 12.68
C PRO A 187 53.92 -14.57 13.15
N GLN A 188 52.63 -14.61 12.77
CA GLN A 188 51.70 -15.61 13.28
C GLN A 188 50.82 -16.08 12.17
N TRP A 189 50.18 -17.21 12.40
CA TRP A 189 49.21 -17.73 11.40
C TRP A 189 47.78 -17.25 11.73
N PHE A 190 47.02 -16.91 10.69
CA PHE A 190 45.68 -16.33 10.80
C PHE A 190 44.75 -16.99 9.83
N VAL A 191 43.45 -16.98 10.18
CA VAL A 191 42.35 -17.33 9.25
C VAL A 191 41.52 -16.07 9.02
N ASP A 192 41.14 -15.88 7.75
CA ASP A 192 40.50 -14.65 7.31
C ASP A 192 38.97 -14.64 7.61
N ILE A 193 38.62 -14.63 8.89
CA ILE A 193 37.21 -14.68 9.31
C ILE A 193 36.48 -13.38 9.01
N ARG A 194 37.19 -12.26 9.00
CA ARG A 194 36.64 -10.96 8.62
C ARG A 194 36.00 -10.98 7.28
N SER A 195 36.62 -11.65 6.31
CA SER A 195 36.02 -11.81 4.99
C SER A 195 34.67 -12.61 4.93
N TYR A 196 34.28 -13.26 6.02
CA TYR A 196 33.04 -13.99 6.12
C TYR A 196 32.12 -13.26 7.12
N ALA A 197 32.48 -12.05 7.53
CA ALA A 197 31.82 -11.41 8.66
C ALA A 197 30.34 -11.05 8.29
N ASP A 198 30.16 -10.47 7.12
CA ASP A 198 28.80 -10.20 6.62
C ASP A 198 27.91 -11.44 6.59
N ARG A 199 28.41 -12.55 6.08
CA ARG A 199 27.61 -13.78 6.13
C ARG A 199 27.39 -14.30 7.52
N LEU A 200 28.38 -14.27 8.37
CA LEU A 200 28.17 -14.71 9.75
C LEU A 200 27.08 -13.88 10.47
N LEU A 201 27.02 -12.59 10.16
CA LEU A 201 26.06 -11.69 10.76
C LEU A 201 24.64 -11.84 10.13
N ASP A 202 24.54 -11.64 8.83
CA ASP A 202 23.28 -11.74 8.09
C ASP A 202 22.60 -13.11 8.24
N ASP A 203 23.38 -14.19 8.30
CA ASP A 203 22.79 -15.54 8.36
C ASP A 203 22.33 -15.90 9.75
N LEU A 204 22.59 -15.06 10.75
CA LEU A 204 21.91 -15.20 12.02
C LEU A 204 20.36 -15.10 11.98
N GLU A 205 19.82 -14.40 10.98
CA GLU A 205 18.35 -14.29 10.77
C GLU A 205 17.68 -15.60 10.38
N SER A 206 18.31 -16.38 9.53
CA SER A 206 17.78 -17.70 9.17
C SER A 206 18.03 -18.83 10.21
N LEU A 207 18.71 -18.55 11.33
CA LEU A 207 18.91 -19.55 12.44
C LEU A 207 17.83 -19.52 13.47
N GLU A 208 16.59 -19.81 13.07
CA GLU A 208 15.48 -19.75 13.99
C GLU A 208 15.57 -20.84 15.03
N GLY A 209 16.25 -21.95 14.73
CA GLY A 209 16.49 -22.96 15.74
C GLY A 209 17.52 -22.59 16.81
N TRP A 210 18.17 -21.42 16.72
CA TRP A 210 19.14 -21.02 17.78
C TRP A 210 18.50 -20.03 18.76
N PRO A 211 18.79 -20.15 20.05
CA PRO A 211 18.25 -19.14 20.95
C PRO A 211 18.63 -17.71 20.57
N THR A 212 17.70 -16.78 20.79
CA THR A 212 17.91 -15.42 20.37
C THR A 212 19.07 -14.77 21.19
N SER A 213 19.24 -15.19 22.41
CA SER A 213 20.40 -14.78 23.23
C SER A 213 21.78 -15.05 22.57
N VAL A 214 21.95 -16.26 22.02
CA VAL A 214 23.23 -16.63 21.43
C VAL A 214 23.42 -15.84 20.17
N ARG A 215 22.35 -15.69 19.41
CA ARG A 215 22.48 -14.94 18.18
C ARG A 215 22.79 -13.48 18.39
N ASN A 216 22.28 -12.93 19.47
CA ASN A 216 22.57 -11.55 19.82
C ASN A 216 24.00 -11.40 20.35
N ILE A 217 24.46 -12.33 21.19
CA ILE A 217 25.87 -12.33 21.62
C ILE A 217 26.85 -12.33 20.42
N GLN A 218 26.61 -13.17 19.41
CA GLN A 218 27.45 -13.18 18.21
C GLN A 218 27.30 -11.93 17.39
N ARG A 219 26.09 -11.36 17.37
CA ARG A 219 25.86 -10.03 16.74
C ARG A 219 26.75 -8.97 17.39
N ASN A 220 26.80 -8.96 18.71
CA ASN A 220 27.65 -8.00 19.44
C ASN A 220 29.16 -8.32 19.23
N TRP A 221 29.48 -9.61 19.12
CA TRP A 221 30.88 -10.04 18.90
C TRP A 221 31.38 -9.58 17.56
N ILE A 222 30.64 -9.88 16.51
CA ILE A 222 31.02 -9.49 15.17
C ILE A 222 31.08 -7.96 15.03
N GLY A 223 30.16 -7.27 15.71
CA GLY A 223 30.19 -5.82 15.80
C GLY A 223 30.31 -5.02 14.53
N ARG A 224 29.41 -5.22 13.57
CA ARG A 224 29.34 -4.39 12.37
C ARG A 224 28.81 -2.95 12.73
N THR A 225 29.59 -1.95 12.31
CA THR A 225 29.36 -0.50 12.56
C THR A 225 29.62 0.22 11.23
N GLU A 226 28.97 1.36 11.01
CA GLU A 226 29.13 2.09 9.74
C GLU A 226 29.37 3.59 9.91
N GLY A 227 30.02 4.19 8.90
CA GLY A 227 30.42 5.60 8.92
C GLY A 227 31.28 5.99 7.73
N ALA A 228 32.21 6.92 7.92
CA ALA A 228 33.05 7.37 6.81
C ALA A 228 34.54 7.57 7.16
N GLU A 229 35.40 7.16 6.22
CA GLU A 229 36.85 7.42 6.25
C GLU A 229 37.11 8.81 5.63
N VAL A 230 37.70 9.74 6.39
CA VAL A 230 38.08 11.09 5.92
C VAL A 230 39.58 11.15 5.61
N ARG A 231 39.95 11.28 4.32
CA ARG A 231 41.37 11.23 3.90
C ARG A 231 42.14 12.57 4.04
N PHE A 232 42.75 12.77 5.21
CA PHE A 232 43.64 13.91 5.51
C PHE A 232 45.03 13.75 4.88
N LEU A 233 45.60 14.86 4.38
CA LEU A 233 46.91 14.87 3.69
C LEU A 233 48.01 15.49 4.57
N VAL A 234 49.19 14.88 4.53
CA VAL A 234 50.32 15.24 5.40
C VAL A 234 51.25 16.27 4.74
N GLU A 235 51.54 17.36 5.45
CA GLU A 235 52.17 18.58 4.90
C GLU A 235 53.44 18.37 4.06
N ALA A 236 54.49 17.86 4.71
CA ALA A 236 55.82 17.77 4.08
C ALA A 236 56.03 16.56 3.15
N SER A 237 54.94 15.99 2.62
CA SER A 237 55.02 14.72 1.89
C SER A 237 53.79 14.44 1.01
N ASP A 238 53.92 13.42 0.17
CA ASP A 238 52.83 12.89 -0.67
C ASP A 238 51.78 12.13 0.17
N LEU A 239 52.20 11.59 1.32
CA LEU A 239 51.42 10.58 2.06
C LEU A 239 50.20 11.14 2.78
N THR A 240 49.18 10.30 2.94
CA THR A 240 47.87 10.66 3.47
C THR A 240 47.37 9.61 4.47
N ILE A 241 46.85 10.06 5.62
CA ILE A 241 46.18 9.17 6.59
C ILE A 241 44.70 9.05 6.21
N ASN A 242 43.90 8.44 7.08
CA ASN A 242 42.43 8.60 7.03
C ASN A 242 41.75 8.24 8.35
N ALA A 243 40.94 9.18 8.83
CA ALA A 243 40.18 9.01 10.07
C ALA A 243 38.86 8.31 9.81
N PHE A 244 38.28 7.82 10.89
CA PHE A 244 36.96 7.22 10.87
C PHE A 244 36.12 7.96 11.90
N THR A 245 34.90 8.32 11.51
CA THR A 245 33.92 8.87 12.46
C THR A 245 32.51 8.58 11.98
N THR A 246 31.60 8.63 12.96
CA THR A 246 30.18 8.42 12.72
C THR A 246 29.45 9.77 12.58
N ARG A 247 29.61 10.67 13.57
CA ARG A 247 29.16 12.08 13.48
C ARG A 247 30.03 12.90 12.47
N LEU A 248 29.97 12.54 11.17
CA LEU A 248 30.65 13.29 10.08
C LEU A 248 30.11 14.70 9.98
N ASP A 249 28.91 14.90 10.52
CA ASP A 249 28.37 16.23 10.77
C ASP A 249 29.48 17.19 11.21
N THR A 250 30.37 16.77 12.11
CA THR A 250 31.37 17.65 12.71
C THR A 250 32.68 17.84 11.91
N LEU A 251 32.74 17.43 10.64
CA LEU A 251 34.00 17.44 9.84
C LEU A 251 34.71 18.79 9.88
N ALA A 252 33.95 19.84 9.59
CA ALA A 252 34.46 21.21 9.60
C ALA A 252 34.98 21.66 10.98
N GLY A 253 34.47 21.09 12.07
CA GLY A 253 34.94 21.38 13.44
C GLY A 253 36.20 20.66 13.94
N CYS A 254 36.98 20.07 13.04
CA CYS A 254 38.22 19.35 13.38
C CYS A 254 39.38 20.27 13.79
N THR A 255 39.75 20.24 15.07
CA THR A 255 40.88 21.02 15.61
C THR A 255 42.15 20.22 15.94
N PHE A 256 42.05 18.89 16.02
CA PHE A 256 43.22 18.01 16.14
C PHE A 256 42.95 16.63 15.55
N ILE A 257 44.00 15.80 15.52
CA ILE A 257 43.89 14.39 15.12
C ILE A 257 44.75 13.54 16.03
N ALA A 258 44.09 12.64 16.77
CA ALA A 258 44.79 11.61 17.54
C ALA A 258 44.95 10.35 16.68
N LEU A 259 46.07 9.67 16.91
CA LEU A 259 46.39 8.41 16.29
C LEU A 259 46.60 7.38 17.39
N ALA A 260 46.30 6.14 17.10
CA ALA A 260 46.71 5.05 17.98
C ALA A 260 48.25 4.96 17.97
N PRO A 261 48.86 4.67 19.13
CA PRO A 261 50.27 4.40 19.22
C PRO A 261 50.80 3.21 18.45
N GLU A 262 49.92 2.39 17.86
CA GLU A 262 50.36 1.30 16.98
C GLU A 262 49.95 1.53 15.54
N HIS A 263 49.58 2.77 15.20
CA HIS A 263 49.22 3.09 13.82
C HIS A 263 50.48 2.98 12.95
N THR A 264 50.42 2.16 11.91
CA THR A 264 51.54 1.97 10.93
C THR A 264 52.26 3.24 10.46
N ILE A 265 51.51 4.32 10.28
CA ILE A 265 52.04 5.58 9.74
C ILE A 265 53.10 6.26 10.62
N LEU A 266 53.18 5.90 11.92
CA LEU A 266 54.20 6.46 12.82
C LEU A 266 55.65 6.03 12.53
N ASP A 267 55.84 5.03 11.68
CA ASP A 267 57.17 4.75 11.11
C ASP A 267 57.57 5.69 9.95
N GLU A 268 56.74 6.70 9.63
CA GLU A 268 56.99 7.69 8.57
C GLU A 268 56.39 9.05 8.97
N MET A 275 63.80 15.74 16.14
CA MET A 275 62.42 15.48 15.73
C MET A 275 61.77 14.28 16.50
N ARG A 276 61.79 13.06 15.91
CA ARG A 276 60.92 11.94 16.35
C ARG A 276 61.57 11.05 17.40
N ALA A 277 62.13 11.66 18.43
CA ALA A 277 62.79 10.90 19.45
C ALA A 277 61.76 10.49 20.49
N SER A 278 61.17 11.49 21.15
CA SER A 278 60.28 11.27 22.31
C SER A 278 58.86 10.85 21.94
N VAL A 279 58.47 11.03 20.68
CA VAL A 279 57.28 10.37 20.12
C VAL A 279 57.37 8.86 20.34
N LYS A 280 58.45 8.25 19.88
CA LYS A 280 58.61 6.80 20.00
C LYS A 280 58.83 6.35 21.44
N ASP A 281 59.39 7.22 22.29
CA ASP A 281 59.46 6.99 23.75
C ASP A 281 58.06 6.91 24.38
N TYR A 282 57.18 7.81 23.94
CA TYR A 282 55.80 7.84 24.43
C TYR A 282 55.00 6.59 23.98
N CYS A 283 55.03 6.29 22.68
CA CYS A 283 54.30 5.14 22.10
C CYS A 283 54.57 3.86 22.84
N GLU A 284 55.86 3.57 23.05
CA GLU A 284 56.29 2.34 23.69
C GLU A 284 55.79 2.27 25.13
N SER A 285 55.68 3.41 25.81
CA SER A 285 55.06 3.46 27.14
C SER A 285 53.61 2.97 27.14
N ILE A 286 52.90 3.22 26.03
CA ILE A 286 51.54 2.68 25.80
C ILE A 286 51.51 1.20 25.31
N LEU A 287 52.35 0.85 24.33
CA LEU A 287 52.35 -0.50 23.74
C LEU A 287 52.68 -1.58 24.75
N VAL A 288 53.43 -1.20 25.76
CA VAL A 288 53.91 -2.07 26.80
C VAL A 288 52.81 -2.45 27.81
N LEU A 289 51.72 -1.69 27.84
CA LEU A 289 50.62 -1.88 28.82
C LEU A 289 49.81 -3.14 28.56
N SER A 290 49.34 -3.80 29.61
CA SER A 290 48.32 -4.85 29.48
C SER A 290 47.00 -4.33 28.81
N SER A 291 46.17 -5.24 28.29
CA SER A 291 44.95 -4.84 27.58
C SER A 291 43.94 -4.15 28.54
N GLU A 292 43.73 -4.74 29.73
CA GLU A 292 43.13 -4.13 30.90
C GLU A 292 43.59 -2.66 31.12
N GLU A 293 44.89 -2.51 31.42
CA GLU A 293 45.54 -1.19 31.64
C GLU A 293 45.37 -0.22 30.49
N ARG A 294 45.37 -0.73 29.26
CA ARG A 294 45.25 0.10 28.06
C ARG A 294 43.90 0.82 27.87
N SER A 295 42.82 0.24 28.43
CA SER A 295 41.47 0.86 28.43
C SER A 295 41.25 1.82 29.58
N ALA A 296 42.04 1.69 30.65
CA ALA A 296 41.81 2.33 31.95
C ALA A 296 42.70 3.58 32.18
N GLY A 297 42.51 4.21 33.34
CA GLY A 297 43.29 5.39 33.75
C GLY A 297 43.08 6.65 32.92
N ALA A 298 43.80 7.70 33.28
CA ALA A 298 43.65 9.03 32.67
C ALA A 298 44.29 9.06 31.31
N LYS A 299 44.03 10.12 30.55
CA LYS A 299 44.41 10.18 29.15
C LYS A 299 45.83 10.78 29.03
N SER A 300 46.42 10.65 27.85
CA SER A 300 47.86 10.89 27.62
C SER A 300 48.04 11.14 26.15
N GLY A 301 49.12 11.83 25.79
CA GLY A 301 49.47 12.03 24.37
C GLY A 301 50.81 12.70 24.14
N ILE A 302 51.20 12.81 22.87
CA ILE A 302 52.37 13.58 22.48
C ILE A 302 52.18 14.20 21.09
N PHE A 303 52.41 15.50 20.98
CA PHE A 303 52.31 16.20 19.69
C PHE A 303 53.44 15.68 18.81
N THR A 304 53.13 15.32 17.57
CA THR A 304 54.12 14.72 16.68
C THR A 304 55.14 15.75 16.21
N GLY A 305 54.65 16.81 15.59
CA GLY A 305 55.48 17.80 14.90
C GLY A 305 54.94 18.04 13.51
N LEU A 306 54.39 16.99 12.90
CA LEU A 306 53.72 17.12 11.62
C LEU A 306 52.35 17.80 11.82
N MET A 307 51.82 18.40 10.74
CA MET A 307 50.46 18.97 10.69
C MET A 307 49.76 18.34 9.47
N VAL A 308 48.45 18.50 9.35
CA VAL A 308 47.66 17.74 8.35
C VAL A 308 46.49 18.55 7.75
N VAL A 309 46.10 18.21 6.51
CA VAL A 309 45.18 19.01 5.67
C VAL A 309 43.74 18.47 5.57
N ASN A 310 42.82 19.07 6.35
CA ASN A 310 41.37 18.81 6.31
C ASN A 310 40.78 19.01 4.89
N PRO A 311 40.56 17.92 4.14
CA PRO A 311 40.32 17.95 2.67
C PRO A 311 39.03 18.63 2.18
N LEU A 312 38.14 19.00 3.11
CA LEU A 312 37.02 19.90 2.83
C LEU A 312 37.49 21.36 2.72
N ASN A 313 38.07 21.86 3.81
CA ASN A 313 38.48 23.27 3.92
C ASN A 313 39.83 23.60 3.28
N GLN A 314 40.66 22.57 3.04
CA GLN A 314 42.13 22.70 2.82
C GLN A 314 42.83 23.50 3.93
N GLU A 315 42.34 23.30 5.16
CA GLU A 315 42.77 23.98 6.38
C GLU A 315 43.75 23.08 7.14
N ARG A 316 44.60 23.66 8.00
CA ARG A 316 45.69 22.92 8.69
C ARG A 316 45.43 22.69 10.19
N VAL A 317 45.77 21.47 10.65
CA VAL A 317 45.56 21.03 12.04
C VAL A 317 46.69 20.12 12.56
N PRO A 318 46.95 20.15 13.90
CA PRO A 318 48.05 19.39 14.51
C PRO A 318 47.80 17.89 14.67
N LEU A 319 48.69 17.06 14.12
CA LEU A 319 48.66 15.60 14.32
C LEU A 319 49.16 15.25 15.73
N TYR A 320 48.53 14.27 16.35
CA TYR A 320 48.81 13.84 17.71
C TYR A 320 48.87 12.31 17.79
N VAL A 321 49.26 11.80 18.95
CA VAL A 321 49.27 10.38 19.22
C VAL A 321 48.81 10.28 20.66
N ALA A 322 47.67 9.61 20.90
CA ALA A 322 47.06 9.55 22.25
C ALA A 322 46.59 8.17 22.66
N ASN A 323 46.55 7.93 23.96
CA ASN A 323 46.19 6.60 24.50
C ASN A 323 44.70 6.27 24.43
N TYR A 324 43.84 7.29 24.41
CA TYR A 324 42.36 7.11 24.42
C TYR A 324 41.86 6.57 23.07
N VAL A 325 42.68 6.65 22.03
CA VAL A 325 42.34 6.02 20.75
C VAL A 325 42.75 4.55 20.82
N MET A 326 41.75 3.68 20.70
CA MET A 326 41.92 2.22 20.84
C MET A 326 42.24 1.61 19.49
N PRO A 327 43.15 0.66 19.47
CA PRO A 327 43.56 0.08 18.18
C PRO A 327 42.50 -0.82 17.46
N ASP A 328 41.63 -1.49 18.21
CA ASP A 328 40.74 -2.48 17.61
C ASP A 328 39.45 -1.93 16.94
N PHE A 329 39.34 -0.62 16.77
CA PHE A 329 38.14 0.05 16.20
C PHE A 329 38.58 1.09 15.17
N GLY A 330 37.94 1.07 14.01
CA GLY A 330 38.15 2.12 13.02
C GLY A 330 39.45 1.94 12.26
N THR A 331 40.07 3.06 11.90
CA THR A 331 41.36 3.06 11.17
C THR A 331 42.58 3.29 12.06
N GLY A 332 42.37 3.62 13.34
CA GLY A 332 43.46 4.00 14.23
C GLY A 332 43.62 5.50 14.32
N ALA A 333 43.17 6.21 13.29
CA ALA A 333 43.10 7.66 13.28
C ALA A 333 41.68 8.10 13.58
N VAL A 334 41.52 8.95 14.59
CA VAL A 334 40.23 9.63 14.81
C VAL A 334 40.27 10.99 14.10
N ILE A 335 39.19 11.77 14.24
CA ILE A 335 39.04 13.10 13.62
C ILE A 335 38.36 13.96 14.69
N GLY A 336 39.14 14.32 15.72
CA GLY A 336 38.60 14.85 16.96
C GLY A 336 38.05 16.28 16.93
N VAL A 337 37.13 16.56 17.86
CA VAL A 337 36.48 17.88 18.03
C VAL A 337 36.08 18.15 19.50
N PRO A 338 36.77 19.07 20.21
CA PRO A 338 36.30 19.46 21.55
C PRO A 338 35.00 20.26 21.52
N ASP A 341 31.88 14.54 20.22
CA ASP A 341 32.87 13.71 20.90
C ASP A 341 33.41 14.43 22.17
N GLU A 342 32.86 14.08 23.32
CA GLU A 342 33.31 14.58 24.62
C GLU A 342 34.68 14.02 25.02
N ARG A 343 35.04 12.87 24.45
CA ARG A 343 36.38 12.28 24.65
C ARG A 343 37.46 13.25 24.18
N ASP A 344 37.22 13.86 23.01
CA ASP A 344 38.15 14.78 22.39
C ASP A 344 38.30 16.09 23.16
N ALA A 345 37.30 16.44 23.98
CA ALA A 345 37.37 17.60 24.88
C ALA A 345 38.22 17.37 26.13
N ASP A 346 38.19 16.17 26.71
CA ASP A 346 39.08 15.83 27.83
C ASP A 346 40.56 15.79 27.42
N PHE A 347 40.79 15.51 26.14
CA PHE A 347 42.14 15.49 25.56
C PHE A 347 42.67 16.91 25.31
N GLY A 348 41.82 17.77 24.74
CA GLY A 348 42.09 19.22 24.63
C GLY A 348 42.40 19.89 25.97
N ALA A 349 41.67 19.53 27.02
CA ALA A 349 41.93 20.02 28.38
C ALA A 349 43.21 19.48 29.05
N LEU A 350 43.98 18.62 28.35
CA LEU A 350 45.36 18.31 28.75
C LEU A 350 46.44 18.96 27.86
N PHE A 351 46.08 19.45 26.67
CA PHE A 351 47.03 20.16 25.79
C PHE A 351 46.63 21.62 25.41
N GLY A 352 45.59 22.14 26.08
CA GLY A 352 45.06 23.49 25.84
C GLY A 352 44.69 23.78 24.39
N LEU A 353 44.13 22.79 23.71
CA LEU A 353 43.93 22.86 22.27
C LEU A 353 42.81 23.83 21.88
N PRO A 354 42.74 24.20 20.58
CA PRO A 354 41.58 24.92 20.05
C PRO A 354 40.22 24.22 20.28
N VAL A 355 39.16 25.02 20.36
CA VAL A 355 37.78 24.55 20.53
C VAL A 355 36.82 25.40 19.66
N ARG A 356 36.49 24.92 18.45
CA ARG A 356 35.50 25.56 17.56
C ARG A 356 34.09 25.18 18.08
N VAL A 357 33.07 25.00 17.21
CA VAL A 357 31.70 24.66 17.67
C VAL A 357 30.81 24.07 16.57
N VAL A 358 29.80 23.29 16.99
CA VAL A 358 28.65 22.88 16.16
C VAL A 358 27.41 22.88 17.07
N SER A 378 26.58 25.92 10.39
CA SER A 378 27.39 27.10 10.74
C SER A 378 28.91 26.92 10.45
N HIS A 379 29.23 26.20 9.37
CA HIS A 379 30.62 25.89 8.97
C HIS A 379 30.72 25.64 7.45
N SER A 380 31.49 26.48 6.76
CA SER A 380 31.98 26.19 5.40
C SER A 380 30.95 26.08 4.23
N LEU A 381 30.73 24.87 3.65
CA LEU A 381 30.23 24.73 2.26
C LEU A 381 28.72 24.39 2.08
N VAL A 382 28.13 23.59 2.99
CA VAL A 382 26.68 23.25 2.94
C VAL A 382 26.06 23.33 4.36
N ASP A 383 25.95 24.56 4.87
CA ASP A 383 25.60 24.84 6.28
C ASP A 383 24.12 24.66 6.57
N GLY A 384 23.68 24.99 7.79
CA GLY A 384 22.26 25.08 8.13
C GLY A 384 21.61 23.72 8.36
N LEU A 385 21.50 22.95 7.28
CA LEU A 385 21.10 21.52 7.29
C LEU A 385 21.66 20.79 8.51
N THR A 386 20.82 20.03 9.23
CA THR A 386 21.28 19.30 10.44
C THR A 386 22.04 18.03 10.10
N SER A 387 22.70 17.49 11.13
CA SER A 387 23.63 16.36 11.05
C SER A 387 23.41 15.39 9.89
N SER A 388 22.21 14.81 9.84
CA SER A 388 21.86 13.74 8.89
C SER A 388 22.04 14.14 7.43
N ALA A 389 21.52 15.33 7.12
CA ALA A 389 21.63 15.90 5.77
C ALA A 389 23.09 16.20 5.37
N ALA A 390 23.92 16.57 6.35
CA ALA A 390 25.36 16.78 6.12
C ALA A 390 26.01 15.49 5.65
N ARG A 391 25.84 14.45 6.47
CA ARG A 391 26.52 13.16 6.34
C ARG A 391 26.50 12.59 4.92
N GLU A 392 25.31 12.55 4.31
CA GLU A 392 25.14 11.88 3.00
C GLU A 392 25.65 12.68 1.79
N ILE A 393 25.54 14.03 1.82
CA ILE A 393 26.09 14.90 0.73
C ILE A 393 27.60 15.20 0.91
N LEU A 394 28.07 15.29 2.16
CA LEU A 394 29.52 15.41 2.43
C LEU A 394 30.30 14.29 1.78
N ILE A 395 29.89 13.06 2.07
CA ILE A 395 30.60 11.87 1.64
C ILE A 395 30.56 11.64 0.11
N ALA A 396 29.48 12.08 -0.54
CA ALA A 396 29.38 12.05 -2.02
C ALA A 396 30.35 13.05 -2.66
N HIS A 397 30.50 14.22 -2.03
CA HIS A 397 31.47 15.22 -2.47
C HIS A 397 32.88 14.66 -2.38
N LEU A 398 33.18 13.99 -1.28
CA LEU A 398 34.54 13.55 -0.98
C LEU A 398 35.05 12.39 -1.88
N SER A 399 34.21 11.38 -2.12
CA SER A 399 34.58 10.22 -2.96
C SER A 399 34.58 10.52 -4.47
N GLU A 400 33.91 11.61 -4.87
CA GLU A 400 33.97 12.14 -6.23
C GLU A 400 35.30 12.87 -6.46
N LYS A 401 35.71 13.71 -5.50
CA LYS A 401 37.09 14.23 -5.42
C LYS A 401 38.13 13.10 -5.45
N LEU A 402 37.83 12.03 -4.71
CA LEU A 402 38.67 10.83 -4.50
C LEU A 402 39.61 11.04 -3.29
N GLU A 403 39.06 11.67 -2.25
CA GLU A 403 39.67 11.70 -0.91
C GLU A 403 38.58 11.57 0.19
N GLY A 404 38.17 10.32 0.44
CA GLY A 404 37.10 9.99 1.41
C GLY A 404 36.12 8.97 0.83
N GLN A 405 35.36 8.30 1.70
CA GLN A 405 34.31 7.35 1.27
C GLN A 405 33.51 6.73 2.41
N LYS A 406 32.40 6.08 2.04
CA LYS A 406 31.57 5.31 2.97
C LYS A 406 32.30 4.06 3.43
N SER A 407 32.27 3.79 4.73
CA SER A 407 33.06 2.70 5.31
C SER A 407 32.28 1.84 6.31
N THR A 408 32.38 0.52 6.10
CA THR A 408 31.86 -0.47 7.07
C THR A 408 33.01 -0.98 7.97
N GLN A 409 32.86 -0.86 9.29
CA GLN A 409 33.84 -1.37 10.26
C GLN A 409 33.29 -2.56 11.01
N TYR A 410 34.20 -3.44 11.45
CA TYR A 410 33.87 -4.63 12.18
C TYR A 410 34.77 -4.76 13.40
N ARG A 411 34.14 -5.09 14.51
CA ARG A 411 34.84 -5.40 15.74
C ARG A 411 35.67 -6.71 15.59
N LEU A 412 35.14 -7.64 14.82
CA LEU A 412 35.68 -8.98 14.67
C LEU A 412 37.13 -8.93 14.19
N GLN A 413 38.03 -9.60 14.91
CA GLN A 413 39.44 -9.67 14.50
C GLN A 413 39.70 -10.96 13.76
N ASN A 414 40.63 -10.90 12.81
CA ASN A 414 41.07 -12.11 12.18
C ASN A 414 41.60 -13.14 13.22
N TRP A 415 41.36 -14.40 12.92
CA TRP A 415 41.52 -15.47 13.91
C TRP A 415 43.01 -15.94 14.00
N SER A 416 43.73 -15.60 15.09
CA SER A 416 45.06 -16.18 15.38
C SER A 416 44.92 -17.63 15.78
N ILE A 417 45.54 -18.52 15.02
CA ILE A 417 45.51 -19.94 15.34
C ILE A 417 46.88 -20.61 15.74
N SER A 418 47.96 -19.88 15.60
CA SER A 418 49.29 -20.45 15.96
C SER A 418 49.60 -20.24 17.42
N ARG A 419 49.96 -21.34 18.04
CA ARG A 419 50.24 -21.38 19.46
C ARG A 419 51.70 -21.84 19.70
N GLN A 420 52.42 -21.19 20.60
CA GLN A 420 53.78 -21.60 21.01
C GLN A 420 53.71 -22.68 22.06
N ARG A 421 53.10 -23.82 21.70
CA ARG A 421 52.86 -24.87 22.65
C ARG A 421 53.15 -26.18 21.96
N TYR A 422 53.39 -27.21 22.75
CA TYR A 422 53.72 -28.51 22.27
C TYR A 422 52.48 -29.35 21.94
N TRP A 423 51.49 -29.33 22.83
CA TRP A 423 50.35 -30.21 22.71
C TRP A 423 49.26 -29.64 21.83
N GLY A 424 49.46 -29.82 20.54
CA GLY A 424 48.49 -29.39 19.51
C GLY A 424 48.93 -29.90 18.14
N CYS A 425 48.08 -29.69 17.16
CA CYS A 425 48.37 -30.13 15.81
C CYS A 425 49.50 -29.33 15.17
N PRO A 426 50.55 -30.04 14.73
CA PRO A 426 51.60 -29.28 14.09
C PRO A 426 51.17 -28.59 12.81
N ILE A 427 51.70 -27.41 12.60
CA ILE A 427 51.43 -26.67 11.41
C ILE A 427 52.30 -27.25 10.24
N PRO A 428 51.65 -27.76 9.18
CA PRO A 428 52.35 -28.53 8.14
C PRO A 428 53.06 -27.66 7.10
N ILE A 429 53.96 -26.79 7.54
CA ILE A 429 54.63 -25.75 6.72
C ILE A 429 56.13 -25.91 6.97
N ILE A 430 56.95 -25.66 5.94
CA ILE A 430 58.41 -25.61 6.08
C ILE A 430 58.93 -24.23 5.68
N HIS A 431 59.79 -23.65 6.53
CA HIS A 431 60.34 -22.33 6.26
C HIS A 431 61.76 -22.42 5.64
N CYS A 432 61.87 -21.96 4.39
CA CYS A 432 63.13 -21.92 3.66
C CYS A 432 63.66 -20.48 3.58
N SER A 433 64.98 -20.33 3.79
CA SER A 433 65.70 -19.06 3.54
C SER A 433 65.50 -18.56 2.13
N GLU A 434 65.56 -19.48 1.17
CA GLU A 434 65.47 -19.15 -0.24
C GLU A 434 63.99 -18.93 -0.61
N CYS A 435 63.22 -20.00 -0.54
CA CYS A 435 61.87 -20.04 -1.10
C CYS A 435 60.75 -19.35 -0.26
N GLY A 436 60.94 -19.18 1.05
CA GLY A 436 59.88 -18.67 1.95
C GLY A 436 59.09 -19.82 2.59
N THR A 437 57.79 -19.61 2.85
CA THR A 437 56.92 -20.62 3.49
C THR A 437 56.45 -21.56 2.42
N ILE A 438 56.57 -22.85 2.68
CA ILE A 438 56.32 -23.84 1.68
C ILE A 438 55.49 -24.91 2.36
N PRO A 439 54.42 -25.36 1.70
CA PRO A 439 53.64 -26.50 2.22
C PRO A 439 54.45 -27.81 2.35
N VAL A 440 54.22 -28.57 3.39
CA VAL A 440 54.76 -29.94 3.45
C VAL A 440 54.07 -30.71 2.32
N ALA A 441 54.82 -31.52 1.58
CA ALA A 441 54.27 -32.23 0.43
C ALA A 441 53.36 -33.27 0.99
N GLU A 442 52.31 -33.59 0.24
CA GLU A 442 51.21 -34.39 0.78
C GLU A 442 51.65 -35.76 1.26
N GLU A 443 52.60 -36.37 0.56
CA GLU A 443 53.13 -37.71 0.94
C GLU A 443 53.94 -37.71 2.26
N GLN A 444 54.40 -36.56 2.72
CA GLN A 444 54.98 -36.47 4.08
C GLN A 444 53.96 -36.39 5.23
N LEU A 445 52.70 -36.10 4.95
CA LEU A 445 51.66 -35.94 5.98
C LEU A 445 51.30 -37.30 6.56
N PRO A 446 50.95 -37.41 7.83
CA PRO A 446 50.94 -36.32 8.79
C PRO A 446 52.32 -35.91 9.36
N ILE A 447 52.55 -34.63 9.61
CA ILE A 447 53.62 -34.20 10.53
C ILE A 447 53.15 -34.39 11.97
N LEU A 448 53.75 -35.39 12.62
CA LEU A 448 53.46 -35.77 13.98
C LEU A 448 54.43 -35.12 14.98
N LEU A 449 53.98 -35.00 16.21
CA LEU A 449 54.76 -34.36 17.25
C LEU A 449 55.93 -35.30 17.60
N PRO A 450 57.07 -34.75 18.03
CA PRO A 450 58.03 -35.73 18.62
C PRO A 450 57.44 -36.23 19.92
N ASP A 451 57.81 -37.44 20.33
CA ASP A 451 57.28 -38.04 21.54
C ASP A 451 57.76 -37.41 22.86
N HIS A 452 58.94 -36.81 22.86
CA HIS A 452 59.49 -36.18 24.05
C HIS A 452 59.17 -34.69 23.93
N LEU A 453 58.81 -34.05 25.02
CA LEU A 453 58.65 -32.59 24.99
C LEU A 453 59.82 -32.00 25.75
N ILE A 454 60.31 -30.83 25.34
CA ILE A 454 61.36 -30.14 26.03
C ILE A 454 60.72 -28.97 26.80
N SER A 455 60.73 -29.06 28.15
CA SER A 455 59.94 -28.16 29.02
C SER A 455 60.63 -26.82 29.41
N GLU A 456 61.79 -26.55 28.86
CA GLU A 456 62.49 -25.29 29.15
C GLU A 456 63.39 -24.94 27.98
N GLY A 457 63.63 -23.64 27.83
CA GLY A 457 64.47 -23.11 26.77
C GLY A 457 63.85 -21.89 26.14
N SER A 458 64.44 -21.42 25.06
CA SER A 458 63.90 -20.30 24.29
C SER A 458 62.81 -20.71 23.24
N GLY A 459 62.26 -19.69 22.58
CA GLY A 459 61.09 -19.81 21.68
C GLY A 459 60.01 -20.83 22.09
N SER A 460 59.40 -21.50 21.12
CA SER A 460 58.31 -22.45 21.42
C SER A 460 58.90 -23.77 21.84
N PRO A 461 58.08 -24.63 22.44
CA PRO A 461 58.59 -25.94 22.80
C PRO A 461 59.12 -26.77 21.62
N LEU A 462 58.43 -26.76 20.47
CA LEU A 462 58.94 -27.54 19.35
C LEU A 462 60.29 -27.04 18.83
N SER A 463 60.52 -25.72 18.83
CA SER A 463 61.72 -25.10 18.28
C SER A 463 62.99 -25.49 19.06
N ARG A 464 62.82 -26.11 20.22
CA ARG A 464 63.92 -26.54 21.04
C ARG A 464 64.38 -27.91 20.59
N ASP A 465 63.58 -28.60 19.77
CA ASP A 465 63.91 -29.98 19.34
C ASP A 465 64.53 -29.88 17.95
N GLU A 466 65.86 -29.82 17.95
CA GLU A 466 66.59 -29.52 16.74
C GLU A 466 66.39 -30.62 15.71
N SER A 467 66.34 -31.89 16.10
CA SER A 467 66.15 -32.93 15.05
C SER A 467 64.69 -32.98 14.52
N TRP A 468 63.69 -32.73 15.36
CA TRP A 468 62.29 -32.57 14.81
C TRP A 468 62.19 -31.38 13.86
N MET A 469 62.82 -30.27 14.23
CA MET A 469 62.79 -29.06 13.43
C MET A 469 63.50 -29.10 12.05
N LYS A 470 64.48 -29.99 11.91
CA LYS A 470 65.18 -30.16 10.62
C LYS A 470 64.23 -30.71 9.59
N ALA A 471 64.24 -30.07 8.45
CA ALA A 471 63.46 -30.53 7.30
C ALA A 471 64.04 -30.01 6.01
N LYS A 472 63.87 -30.82 4.98
CA LYS A 472 64.31 -30.47 3.66
C LYS A 472 63.22 -29.70 3.00
N CYS A 473 63.63 -28.64 2.35
CA CYS A 473 62.72 -27.83 1.64
C CYS A 473 62.10 -28.63 0.46
N PRO A 474 60.75 -28.77 0.44
CA PRO A 474 60.06 -29.46 -0.67
C PRO A 474 60.27 -28.85 -2.06
N GLN A 475 60.43 -27.53 -2.16
CA GLN A 475 60.73 -26.90 -3.43
C GLN A 475 62.20 -27.19 -3.85
N CYS A 476 63.18 -26.67 -3.12
CA CYS A 476 64.58 -26.70 -3.59
C CYS A 476 65.43 -27.86 -3.12
N GLY A 477 65.01 -28.58 -2.07
CA GLY A 477 65.83 -29.65 -1.43
C GLY A 477 66.90 -29.20 -0.40
N GLY A 478 67.15 -27.89 -0.30
CA GLY A 478 68.05 -27.30 0.72
C GLY A 478 67.65 -27.59 2.16
N ASP A 479 68.53 -27.27 3.11
CA ASP A 479 68.20 -27.44 4.54
C ASP A 479 67.27 -26.28 4.95
N ALA A 480 66.21 -26.63 5.66
CA ALA A 480 65.14 -25.69 6.01
C ALA A 480 64.65 -26.08 7.40
N ALA A 481 63.49 -25.57 7.80
CA ALA A 481 63.02 -25.72 9.17
C ALA A 481 61.47 -25.80 9.21
N ARG A 482 60.95 -26.67 10.06
CA ARG A 482 59.54 -26.80 10.28
C ARG A 482 59.01 -25.59 10.98
N ASP A 483 57.71 -25.37 10.83
CA ASP A 483 57.04 -24.38 11.64
C ASP A 483 57.12 -24.83 13.12
N PRO A 484 57.54 -23.93 14.00
CA PRO A 484 57.69 -24.31 15.41
C PRO A 484 56.39 -24.27 16.29
N ASP A 485 55.24 -23.99 15.69
CA ASP A 485 53.98 -23.71 16.44
C ASP A 485 52.93 -24.73 16.10
N THR A 486 51.97 -24.86 17.00
CA THR A 486 50.89 -25.77 16.82
C THR A 486 49.56 -24.99 16.60
N MET A 487 48.57 -25.75 16.20
CA MET A 487 47.26 -25.20 15.92
C MET A 487 46.47 -25.13 17.21
N ASP A 488 45.92 -23.97 17.46
CA ASP A 488 44.92 -23.86 18.57
C ASP A 488 43.83 -24.94 18.56
N THR A 489 43.45 -25.39 19.74
CA THR A 489 42.37 -26.35 19.97
C THR A 489 41.06 -26.03 19.24
N PHE A 490 40.79 -24.73 19.03
CA PHE A 490 39.52 -24.33 18.39
C PHE A 490 39.56 -24.59 16.90
N VAL A 491 40.76 -24.81 16.34
CA VAL A 491 40.85 -25.25 14.93
C VAL A 491 40.29 -26.66 14.90
N ASP A 492 40.72 -27.53 15.81
CA ASP A 492 40.21 -28.92 15.82
C ASP A 492 38.68 -28.99 15.95
N SER A 493 38.13 -28.23 16.92
CA SER A 493 36.74 -28.28 17.21
C SER A 493 35.87 -27.50 16.23
N SER A 494 36.44 -26.81 15.26
CA SER A 494 35.68 -26.08 14.29
C SER A 494 35.03 -26.94 13.21
N TRP A 495 35.50 -28.17 13.04
CA TRP A 495 35.01 -29.05 11.98
C TRP A 495 34.79 -30.47 12.37
N TYR A 496 35.01 -30.82 13.64
CA TYR A 496 34.97 -32.22 14.05
C TYR A 496 33.69 -32.98 13.76
N PHE A 497 32.59 -32.25 13.79
CA PHE A 497 31.25 -32.80 13.53
C PHE A 497 31.09 -33.26 12.07
N LEU A 498 31.89 -32.70 11.17
CA LEU A 498 31.99 -33.22 9.80
C LEU A 498 32.91 -34.43 9.61
N ARG A 499 33.60 -34.87 10.66
CA ARG A 499 34.62 -35.93 10.55
C ARG A 499 34.05 -37.20 11.12
N TYR A 500 33.20 -37.07 12.14
CA TYR A 500 32.52 -38.23 12.74
C TYR A 500 31.87 -39.21 11.72
N PRO A 501 31.33 -38.72 10.59
CA PRO A 501 30.74 -39.73 9.70
C PRO A 501 31.73 -40.74 9.04
N SER A 502 33.00 -40.38 8.84
CA SER A 502 34.05 -41.36 8.46
C SER A 502 35.38 -40.94 9.09
N PRO A 503 35.58 -41.36 10.30
CA PRO A 503 36.65 -40.74 11.06
C PRO A 503 38.04 -41.40 10.81
N SER A 504 38.14 -42.42 9.96
CA SER A 504 39.47 -42.98 9.67
C SER A 504 39.86 -42.78 8.22
N SER A 505 39.05 -42.05 7.46
CA SER A 505 39.33 -41.79 6.05
C SER A 505 40.57 -40.89 5.78
N PRO A 506 41.36 -41.20 4.72
CA PRO A 506 42.45 -40.34 4.20
C PRO A 506 42.01 -39.03 3.71
N ASN A 507 40.76 -38.94 3.30
CA ASN A 507 40.18 -37.67 2.94
C ASN A 507 39.58 -37.08 4.20
N PRO A 508 39.73 -35.78 4.39
CA PRO A 508 39.22 -35.20 5.63
C PRO A 508 37.73 -35.42 5.83
N ILE A 509 36.96 -35.16 4.77
CA ILE A 509 35.45 -35.16 4.89
C ILE A 509 34.83 -35.97 3.77
N ASP A 510 33.97 -36.90 4.13
CA ASP A 510 33.30 -37.69 3.13
C ASP A 510 32.04 -36.89 2.74
N SER A 511 32.17 -36.14 1.66
CA SER A 511 31.13 -35.29 1.11
C SER A 511 29.80 -35.99 0.90
N SER A 512 29.82 -37.17 0.32
CA SER A 512 28.59 -37.90 0.05
C SER A 512 27.88 -38.24 1.37
N LEU A 513 28.62 -38.77 2.34
CA LEU A 513 27.95 -39.11 3.61
C LEU A 513 27.55 -37.85 4.35
N CYS A 514 28.42 -36.85 4.32
CA CYS A 514 28.18 -35.62 5.06
C CYS A 514 26.95 -34.85 4.62
N ASN A 515 26.83 -34.66 3.32
CA ASN A 515 25.68 -34.00 2.75
C ASN A 515 24.35 -34.71 2.97
N LYS A 516 24.36 -35.96 3.38
CA LYS A 516 23.15 -36.66 3.78
C LYS A 516 22.84 -36.63 5.26
N ILE A 517 23.86 -36.84 6.12
CA ILE A 517 23.62 -36.84 7.58
C ILE A 517 23.56 -35.42 8.25
N ALA A 518 24.35 -34.50 7.72
CA ALA A 518 24.49 -33.14 8.24
C ALA A 518 23.73 -32.17 7.31
N PRO A 519 23.39 -30.97 7.77
CA PRO A 519 23.77 -30.42 9.08
C PRO A 519 23.17 -31.15 10.22
N ALA A 520 23.72 -30.96 11.40
CA ALA A 520 23.20 -31.65 12.56
C ALA A 520 21.79 -31.08 12.85
N ASP A 521 20.85 -31.97 13.16
CA ASP A 521 19.49 -31.54 13.46
C ASP A 521 19.47 -30.89 14.85
N VAL A 522 20.29 -31.40 15.76
CA VAL A 522 20.27 -30.95 17.13
C VAL A 522 21.72 -30.96 17.69
N TYR A 523 22.16 -29.81 18.18
CA TYR A 523 23.44 -29.61 18.88
C TYR A 523 23.16 -29.09 20.29
N ILE A 524 23.63 -29.81 21.30
CA ILE A 524 23.40 -29.52 22.70
C ILE A 524 24.77 -29.18 23.34
N GLY A 525 24.94 -27.92 23.76
CA GLY A 525 26.06 -27.56 24.62
C GLY A 525 25.95 -26.14 25.16
N GLY A 526 26.98 -25.75 25.92
CA GLY A 526 26.94 -24.58 26.76
C GLY A 526 27.04 -23.29 26.01
N ILE A 527 26.38 -22.29 26.56
CA ILE A 527 26.40 -20.94 26.03
C ILE A 527 27.75 -20.26 26.20
N GLU A 528 28.57 -20.72 27.13
CA GLU A 528 30.00 -20.27 27.15
C GLU A 528 30.71 -20.30 25.80
N HIS A 529 30.20 -21.10 24.85
CA HIS A 529 30.83 -21.21 23.52
C HIS A 529 30.35 -20.26 22.51
N ALA A 530 29.44 -19.37 22.91
CA ALA A 530 28.73 -18.49 22.02
C ALA A 530 29.63 -17.68 21.12
N THR A 531 30.75 -17.18 21.65
CA THR A 531 31.75 -16.51 20.81
C THR A 531 33.12 -17.17 21.09
N LEU A 532 33.16 -18.45 21.36
CA LEU A 532 34.18 -19.34 20.75
C LEU A 532 33.80 -20.35 19.71
N HIS A 533 33.54 -21.57 20.13
CA HIS A 533 33.33 -22.69 19.21
C HIS A 533 32.15 -22.40 18.29
N LEU A 534 31.08 -21.79 18.83
CA LEU A 534 29.89 -21.51 18.03
C LEU A 534 30.12 -20.46 16.95
N ILE A 535 31.09 -19.55 17.10
CA ILE A 535 31.48 -18.64 15.99
C ILE A 535 32.36 -19.40 14.98
N TYR A 536 33.41 -20.05 15.51
CA TYR A 536 34.40 -20.75 14.70
C TYR A 536 33.80 -21.84 13.83
N SER A 537 33.03 -22.76 14.41
CA SER A 537 32.10 -23.71 13.74
C SER A 537 31.43 -23.17 12.48
N ARG A 538 30.79 -22.03 12.65
CA ARG A 538 29.91 -21.50 11.65
C ARG A 538 30.78 -21.02 10.51
N PHE A 539 31.89 -20.36 10.88
CA PHE A 539 32.80 -19.82 9.91
C PHE A 539 33.44 -20.94 9.04
N ILE A 540 34.00 -21.92 9.71
CA ILE A 540 34.69 -23.01 9.00
C ILE A 540 33.67 -23.77 8.15
N THR A 541 32.41 -23.87 8.60
CA THR A 541 31.38 -24.55 7.77
C THR A 541 31.17 -23.80 6.46
N LYS A 542 31.12 -22.48 6.52
CA LYS A 542 30.94 -21.71 5.29
C LYS A 542 32.13 -21.85 4.37
N VAL A 543 33.34 -21.81 4.96
CA VAL A 543 34.57 -21.95 4.23
C VAL A 543 34.54 -23.27 3.52
N LEU A 544 34.21 -24.33 4.24
CA LEU A 544 34.21 -25.62 3.65
C LEU A 544 33.14 -25.82 2.57
N HIS A 545 31.95 -25.24 2.77
CA HIS A 545 30.92 -25.14 1.73
C HIS A 545 31.47 -24.51 0.48
N ASP A 546 32.00 -23.28 0.59
CA ASP A 546 32.56 -22.55 -0.58
C ASP A 546 33.62 -23.35 -1.34
N LEU A 547 34.50 -24.04 -0.61
CA LEU A 547 35.54 -24.89 -1.25
C LEU A 547 35.06 -26.24 -1.75
N GLY A 548 33.82 -26.62 -1.46
CA GLY A 548 33.21 -27.80 -2.10
C GLY A 548 33.20 -29.04 -1.27
N TYR A 549 33.69 -28.98 -0.04
CA TYR A 549 33.70 -30.17 0.82
C TYR A 549 32.30 -30.62 1.19
N ILE A 550 31.38 -29.65 1.28
CA ILE A 550 29.99 -29.91 1.69
C ILE A 550 29.02 -28.96 0.91
N GLU A 551 27.75 -29.28 0.97
CA GLU A 551 26.70 -28.57 0.21
C GLU A 551 25.88 -27.60 1.05
N PHE A 552 26.09 -27.58 2.36
CA PHE A 552 25.30 -26.75 3.30
C PHE A 552 26.21 -25.70 3.93
N ASP A 553 25.58 -24.71 4.53
CA ASP A 553 26.21 -23.46 4.92
C ASP A 553 26.16 -23.12 6.40
N GLU A 554 25.49 -23.94 7.19
CA GLU A 554 25.38 -23.71 8.60
C GLU A 554 25.44 -25.06 9.23
N PRO A 555 26.23 -25.21 10.30
CA PRO A 555 26.46 -26.54 10.87
C PRO A 555 25.37 -27.22 11.65
N PHE A 556 24.56 -26.42 12.36
CA PHE A 556 23.68 -26.95 13.37
C PHE A 556 22.28 -26.29 13.21
N VAL A 557 21.25 -27.09 13.06
CA VAL A 557 19.86 -26.56 12.80
C VAL A 557 19.30 -25.99 14.12
N GLU A 558 19.18 -26.82 15.11
CA GLU A 558 18.66 -26.47 16.42
C GLU A 558 19.82 -26.51 17.43
N LEU A 559 20.03 -25.41 18.19
CA LEU A 559 21.03 -25.37 19.27
C LEU A 559 20.30 -25.29 20.55
N TYR A 560 20.56 -26.25 21.46
CA TYR A 560 20.09 -26.21 22.81
C TYR A 560 21.25 -26.03 23.79
N ASN A 561 21.10 -25.04 24.66
CA ASN A 561 22.01 -24.72 25.74
C ASN A 561 21.54 -25.26 27.06
N GLN A 562 22.03 -26.43 27.47
CA GLN A 562 21.75 -26.95 28.77
C GLN A 562 22.25 -26.00 29.86
N GLY A 563 21.59 -26.10 31.00
CA GLY A 563 21.86 -25.23 32.09
C GLY A 563 23.03 -25.78 32.87
N MET A 564 23.73 -24.87 33.53
CA MET A 564 24.84 -25.16 34.43
C MET A 564 24.45 -26.02 35.57
N VAL A 565 25.19 -27.08 35.85
CA VAL A 565 25.05 -27.79 37.10
C VAL A 565 26.09 -27.27 38.13
N ASN A 566 25.59 -26.82 39.27
CA ASN A 566 26.36 -26.19 40.35
C ASN A 566 26.35 -27.13 41.52
N ASP A 567 27.03 -26.77 42.61
CA ASP A 567 26.94 -27.56 43.88
C ASP A 567 25.67 -27.17 44.63
N VAL A 568 25.44 -27.71 45.84
CA VAL A 568 24.13 -27.51 46.58
C VAL A 568 23.83 -26.03 46.85
N HIS A 569 24.89 -25.25 47.04
CA HIS A 569 24.81 -23.84 47.34
C HIS A 569 24.82 -22.96 46.13
N GLY A 570 24.72 -23.50 44.92
CA GLY A 570 24.69 -22.58 43.76
C GLY A 570 26.04 -22.16 43.28
N ARG A 571 27.12 -22.80 43.73
CA ARG A 571 28.45 -22.34 43.27
C ARG A 571 28.89 -23.26 42.15
N LYS A 572 29.50 -22.66 41.15
CA LYS A 572 30.23 -23.42 40.12
C LYS A 572 31.13 -24.51 40.76
N GLN A 573 31.08 -25.73 40.22
CA GLN A 573 31.91 -26.82 40.71
C GLN A 573 33.36 -26.61 40.22
N SER A 574 34.32 -26.80 41.11
CA SER A 574 35.74 -26.71 40.74
C SER A 574 36.62 -27.45 41.75
N LYS A 575 37.77 -27.91 41.26
CA LYS A 575 38.76 -28.58 42.13
C LYS A 575 39.15 -27.63 43.25
N SER A 576 39.35 -26.35 42.94
CA SER A 576 39.74 -25.36 43.98
C SER A 576 38.77 -25.22 45.15
N LEU A 577 37.47 -25.43 44.88
CA LEU A 577 36.48 -25.45 45.96
C LEU A 577 36.28 -26.80 46.63
N GLY A 578 36.85 -27.89 46.10
CA GLY A 578 36.56 -29.25 46.68
C GLY A 578 35.06 -29.67 46.65
N ASN A 579 34.32 -29.18 45.65
CA ASN A 579 32.83 -29.43 45.53
C ASN A 579 32.38 -30.15 44.18
N VAL A 580 33.29 -30.91 43.59
CA VAL A 580 33.07 -31.56 42.30
C VAL A 580 32.39 -32.89 42.54
N THR A 581 31.21 -33.04 41.94
CA THR A 581 30.51 -34.29 42.08
C THR A 581 31.28 -35.44 41.36
N ASP A 582 31.35 -36.60 41.99
CA ASP A 582 31.89 -37.80 41.33
C ASP A 582 30.78 -38.67 40.79
N PRO A 583 30.55 -38.63 39.49
CA PRO A 583 29.32 -39.33 39.02
C PRO A 583 29.30 -40.78 39.30
N SER A 584 30.50 -41.41 39.35
CA SER A 584 30.59 -42.84 39.63
C SER A 584 30.02 -43.19 40.96
N VAL A 585 30.25 -42.33 41.93
CA VAL A 585 29.74 -42.57 43.28
C VAL A 585 28.20 -42.52 43.30
N VAL A 586 27.65 -41.60 42.53
CA VAL A 586 26.19 -41.40 42.49
C VAL A 586 25.57 -42.55 41.66
N VAL A 587 26.21 -42.92 40.56
CA VAL A 587 25.69 -44.04 39.77
C VAL A 587 25.71 -45.34 40.58
N GLN A 588 26.70 -45.50 41.45
CA GLN A 588 26.82 -46.72 42.24
C GLN A 588 25.77 -46.79 43.30
N GLU A 589 25.50 -45.66 43.93
CA GLU A 589 24.41 -45.59 44.91
C GLU A 589 23.01 -45.79 44.31
N PHE A 590 22.63 -45.06 43.27
CA PHE A 590 21.21 -45.04 42.82
C PHE A 590 20.93 -45.74 41.48
N GLY A 591 21.96 -46.03 40.70
CA GLY A 591 21.80 -46.53 39.34
C GLY A 591 21.87 -45.43 38.31
N ALA A 592 22.16 -45.82 37.07
CA ALA A 592 22.22 -44.82 35.98
C ALA A 592 20.87 -44.06 35.77
N ASP A 593 19.77 -44.82 35.78
CA ASP A 593 18.42 -44.25 35.39
C ASP A 593 17.98 -43.11 36.36
N ALA A 594 18.18 -43.37 37.64
CA ALA A 594 17.83 -42.43 38.69
C ALA A 594 18.60 -41.16 38.59
N VAL A 595 19.88 -41.26 38.23
CA VAL A 595 20.68 -40.10 38.10
C VAL A 595 20.27 -39.27 36.88
N ARG A 596 20.13 -39.94 35.77
CA ARG A 596 19.76 -39.27 34.53
C ARG A 596 18.33 -38.65 34.65
N CYS A 597 17.40 -39.37 35.27
CA CYS A 597 16.01 -38.88 35.42
C CYS A 597 15.91 -37.66 36.40
N TYR A 598 16.61 -37.71 37.51
CA TYR A 598 16.77 -36.55 38.38
C TYR A 598 17.26 -35.35 37.60
N LEU A 599 18.31 -35.50 36.82
CA LEU A 599 18.80 -34.33 36.09
C LEU A 599 17.80 -33.82 35.07
N LEU A 600 17.06 -34.72 34.41
CA LEU A 600 16.17 -34.31 33.35
C LEU A 600 14.84 -33.72 33.93
N PHE A 601 14.46 -34.16 35.13
CA PHE A 601 13.16 -33.78 35.77
C PHE A 601 13.26 -32.56 36.67
N LYS A 602 14.46 -32.21 37.10
CA LYS A 602 14.61 -31.27 38.20
C LYS A 602 14.02 -29.89 37.84
N THR A 603 14.24 -29.47 36.61
CA THR A 603 13.85 -28.16 36.14
C THR A 603 13.89 -28.11 34.61
N THR A 604 13.70 -26.93 34.07
CA THR A 604 13.75 -26.76 32.64
C THR A 604 15.20 -27.14 32.13
N TYR A 605 15.30 -27.68 30.91
CA TYR A 605 16.63 -28.08 30.29
C TYR A 605 17.70 -26.97 30.35
N ASN A 606 17.28 -25.73 30.22
CA ASN A 606 18.16 -24.62 30.16
C ASN A 606 18.33 -23.79 31.39
N ALA A 607 17.92 -24.28 32.54
CA ALA A 607 18.04 -23.57 33.78
C ALA A 607 19.01 -24.28 34.69
N PRO A 608 19.56 -23.52 35.63
CA PRO A 608 20.57 -24.12 36.46
C PRO A 608 20.03 -25.17 37.44
N ILE A 609 20.86 -26.13 37.79
CA ILE A 609 20.58 -27.09 38.82
C ILE A 609 21.62 -26.93 39.92
N ASN A 610 21.16 -26.86 41.16
CA ASN A 610 22.03 -27.00 42.34
C ASN A 610 22.05 -28.45 42.76
N TRP A 611 23.17 -29.15 42.52
CA TRP A 611 23.25 -30.59 42.69
C TRP A 611 23.33 -30.95 44.18
N GLU A 612 22.53 -31.93 44.60
CA GLU A 612 22.58 -32.54 45.93
C GLU A 612 22.90 -34.02 45.67
N ASP A 613 23.94 -34.57 46.33
CA ASP A 613 24.29 -36.02 46.23
C ASP A 613 23.13 -36.98 46.63
N SER A 614 22.27 -36.53 47.54
CA SER A 614 21.02 -37.25 47.87
C SER A 614 19.86 -36.95 46.89
N GLY A 615 20.08 -36.04 45.94
CA GLY A 615 19.11 -35.63 44.92
C GLY A 615 18.36 -36.70 44.14
N PRO A 616 19.07 -37.69 43.57
CA PRO A 616 18.38 -38.80 42.92
C PRO A 616 17.58 -39.78 43.78
N GLN A 617 17.57 -39.65 45.12
CA GLN A 617 16.79 -40.59 45.93
C GLN A 617 15.29 -40.52 45.58
N ALA A 618 14.73 -39.33 45.39
CA ALA A 618 13.29 -39.22 45.07
C ALA A 618 12.95 -39.92 43.74
N MET A 619 13.77 -39.69 42.73
CA MET A 619 13.61 -40.33 41.45
C MET A 619 13.80 -41.85 41.52
N ARG A 620 14.76 -42.31 42.31
CA ARG A 620 14.86 -43.75 42.61
C ARG A 620 13.58 -44.33 43.23
N SER A 621 13.02 -43.64 44.21
CA SER A 621 11.75 -44.06 44.81
C SER A 621 10.62 -44.08 43.80
N TYR A 622 10.54 -43.09 42.93
CA TYR A 622 9.59 -43.14 41.82
C TYR A 622 9.81 -44.40 40.96
N LEU A 623 11.06 -44.71 40.61
CA LEU A 623 11.34 -45.84 39.73
C LEU A 623 11.02 -47.17 40.41
N GLU A 624 11.25 -47.27 41.71
CA GLU A 624 10.81 -48.44 42.47
C GLU A 624 9.26 -48.58 42.52
N ARG A 625 8.55 -47.44 42.50
CA ARG A 625 7.08 -47.42 42.46
C ARG A 625 6.58 -47.90 41.11
N VAL A 626 7.31 -47.55 40.05
CA VAL A 626 7.00 -48.12 38.77
C VAL A 626 7.21 -49.62 38.85
N CYS A 627 8.32 -50.08 39.43
CA CYS A 627 8.60 -51.50 39.49
C CYS A 627 7.52 -52.30 40.23
N ARG A 628 7.07 -51.79 41.38
CA ARG A 628 6.05 -52.46 42.20
C ARG A 628 4.73 -52.54 41.49
N LEU A 629 4.45 -51.58 40.62
CA LEU A 629 3.25 -51.64 39.79
C LEU A 629 3.30 -52.86 38.84
N PHE A 630 4.47 -53.19 38.31
CA PHE A 630 4.64 -54.45 37.56
C PHE A 630 4.59 -55.68 38.45
N THR A 631 5.29 -55.69 39.58
CA THR A 631 5.40 -56.89 40.42
C THR A 631 4.06 -57.25 41.08
N ASN A 632 3.29 -56.23 41.43
CA ASN A 632 1.96 -56.43 42.00
C ASN A 632 0.89 -56.88 40.99
N ASN A 633 1.06 -56.57 39.70
CA ASN A 633 0.15 -57.00 38.64
C ASN A 633 0.77 -58.04 37.69
N LEU A 634 1.63 -58.88 38.24
CA LEU A 634 2.39 -59.83 37.42
C LEU A 634 1.49 -60.83 36.69
N ASP A 635 0.66 -61.53 37.46
CA ASP A 635 -0.38 -62.43 36.94
C ASP A 635 -1.14 -61.89 35.71
N ARG A 636 -1.54 -60.62 35.74
CA ARG A 636 -2.30 -60.03 34.65
C ARG A 636 -1.44 -59.66 33.44
N LEU A 637 -0.14 -59.40 33.65
CA LEU A 637 0.80 -59.14 32.53
C LEU A 637 1.11 -60.42 31.77
N ARG A 638 1.22 -61.54 32.48
CA ARG A 638 1.40 -62.82 31.80
C ARG A 638 0.11 -63.37 31.16
N SER A 639 -1.05 -62.85 31.56
CA SER A 639 -2.32 -63.21 30.93
C SER A 639 -2.49 -62.56 29.55
N SER A 640 -1.82 -61.43 29.27
CA SER A 640 -2.00 -60.69 28.02
C SER A 640 -0.69 -60.24 27.35
N SER A 641 -0.64 -60.35 26.03
CA SER A 641 0.53 -59.96 25.26
C SER A 641 0.42 -58.52 24.76
N ALA A 642 -0.60 -57.78 25.19
CA ALA A 642 -0.76 -56.39 24.76
C ALA A 642 0.51 -55.54 25.06
N ILE A 643 0.89 -54.75 24.07
CA ILE A 643 1.96 -53.76 24.20
C ILE A 643 1.38 -52.35 24.01
N GLU A 644 0.06 -52.30 23.71
CA GLU A 644 -0.69 -51.06 23.61
C GLU A 644 -2.20 -51.37 23.79
N ILE A 645 -3.03 -50.31 23.81
CA ILE A 645 -4.45 -50.51 24.03
C ILE A 645 -5.15 -50.40 22.68
N CYS A 646 -5.96 -51.40 22.38
CA CYS A 646 -6.82 -51.37 21.19
C CYS A 646 -8.30 -51.08 21.54
N PRO A 647 -9.07 -50.54 20.58
CA PRO A 647 -10.49 -50.27 20.83
C PRO A 647 -11.24 -51.45 21.46
N ASP A 648 -11.03 -52.64 20.91
CA ASP A 648 -11.66 -53.88 21.37
C ASP A 648 -11.38 -54.31 22.80
N ASP A 649 -10.28 -53.83 23.38
CA ASP A 649 -9.87 -54.29 24.70
C ASP A 649 -10.76 -53.62 25.75
N CYS A 650 -11.31 -52.45 25.41
CA CYS A 650 -12.12 -51.65 26.33
C CYS A 650 -13.56 -52.16 26.45
N GLU A 651 -13.90 -52.63 27.65
CA GLU A 651 -15.23 -53.17 27.92
C GLU A 651 -16.16 -52.16 28.62
N ASN A 652 -15.66 -50.99 29.00
CA ASN A 652 -16.48 -49.98 29.69
C ASN A 652 -15.87 -48.57 29.59
N GLU A 653 -16.57 -47.58 30.15
CA GLU A 653 -16.10 -46.16 30.10
C GLU A 653 -14.82 -45.90 30.95
N GLU A 654 -14.64 -46.70 32.01
CA GLU A 654 -13.44 -46.67 32.85
C GLU A 654 -12.16 -47.14 32.11
N ASP A 655 -12.27 -48.18 31.28
CA ASP A 655 -11.19 -48.58 30.35
C ASP A 655 -10.87 -47.48 29.40
N ARG A 656 -11.92 -46.88 28.84
CA ARG A 656 -11.80 -45.80 27.88
C ARG A 656 -11.15 -44.52 28.44
N GLU A 657 -11.29 -44.25 29.74
CA GLU A 657 -10.66 -43.04 30.34
C GLU A 657 -9.14 -43.29 30.44
N ILE A 658 -8.77 -44.46 30.94
CA ILE A 658 -7.40 -44.98 30.95
C ILE A 658 -6.83 -44.93 29.53
N ALA A 659 -7.59 -45.42 28.56
CA ALA A 659 -7.11 -45.46 27.18
C ALA A 659 -6.91 -44.07 26.69
N ARG A 660 -7.83 -43.17 26.98
CA ARG A 660 -7.66 -41.79 26.56
C ARG A 660 -6.39 -41.12 27.20
N GLN A 661 -6.11 -41.47 28.44
CA GLN A 661 -5.02 -40.85 29.21
C GLN A 661 -3.66 -41.34 28.71
N LEU A 662 -3.62 -42.58 28.22
CA LEU A 662 -2.43 -43.10 27.58
C LEU A 662 -2.18 -42.51 26.22
N GLN A 663 -3.22 -42.07 25.50
CA GLN A 663 -2.96 -41.45 24.19
C GLN A 663 -2.50 -40.02 24.36
N LEU A 664 -2.97 -39.35 25.41
CA LEU A 664 -2.49 -38.02 25.66
C LEU A 664 -0.99 -38.12 26.05
N ALA A 665 -0.64 -39.12 26.84
CA ALA A 665 0.75 -39.31 27.30
C ALA A 665 1.74 -39.49 26.13
N ILE A 666 1.33 -40.30 25.15
CA ILE A 666 2.13 -40.60 23.98
C ILE A 666 2.43 -39.34 23.21
N GLY A 667 1.38 -38.58 22.94
CA GLY A 667 1.52 -37.34 22.21
C GLY A 667 2.35 -36.32 22.93
N LYS A 668 2.15 -36.21 24.25
CA LYS A 668 2.84 -35.19 25.03
C LYS A 668 4.34 -35.58 25.19
N VAL A 669 4.61 -36.83 25.50
CA VAL A 669 5.97 -37.34 25.67
C VAL A 669 6.77 -37.14 24.41
N THR A 670 6.21 -37.55 23.27
CA THR A 670 6.79 -37.39 21.96
C THR A 670 7.12 -35.96 21.59
N ALA A 671 6.12 -35.10 21.72
CA ALA A 671 6.30 -33.67 21.40
C ALA A 671 7.29 -32.98 22.33
N ASP A 672 7.26 -33.34 23.60
CA ASP A 672 8.10 -32.73 24.60
C ASP A 672 9.58 -33.14 24.56
N VAL A 673 9.84 -34.41 24.29
CA VAL A 673 11.27 -34.86 24.05
C VAL A 673 11.83 -34.11 22.88
N GLU A 674 11.06 -34.03 21.81
CA GLU A 674 11.52 -33.34 20.59
C GLU A 674 11.83 -31.86 20.72
N ARG A 675 11.16 -31.18 21.65
CA ARG A 675 11.46 -29.78 21.93
C ARG A 675 12.24 -29.56 23.25
N PHE A 676 12.76 -30.61 23.84
CA PHE A 676 13.63 -30.54 25.06
C PHE A 676 12.90 -30.26 26.35
N HIS A 677 11.59 -30.47 26.37
CA HIS A 677 10.81 -30.31 27.57
C HIS A 677 10.79 -31.63 28.34
N PHE A 678 11.98 -32.10 28.76
CA PHE A 678 12.09 -33.42 29.32
C PHE A 678 11.38 -33.56 30.63
N ASN A 679 11.37 -32.47 31.40
CA ASN A 679 10.76 -32.48 32.71
C ASN A 679 9.23 -32.63 32.61
N ALA A 680 8.66 -31.96 31.64
CA ALA A 680 7.21 -32.12 31.33
C ALA A 680 6.91 -33.54 30.87
N ALA A 681 7.84 -34.14 30.11
CA ALA A 681 7.59 -35.46 29.56
C ALA A 681 7.56 -36.46 30.66
N ILE A 682 8.48 -36.30 31.61
CA ILE A 682 8.57 -37.23 32.74
C ILE A 682 7.33 -37.07 33.63
N ALA A 683 6.93 -35.82 33.87
CA ALA A 683 5.70 -35.59 34.62
C ALA A 683 4.50 -36.35 33.98
N ALA A 684 4.42 -36.37 32.66
CA ALA A 684 3.36 -37.02 31.93
C ALA A 684 3.36 -38.51 32.18
N ILE A 685 4.56 -39.08 32.39
CA ILE A 685 4.71 -40.49 32.71
C ILE A 685 4.39 -40.74 34.14
N MET A 686 4.73 -39.80 35.01
CA MET A 686 4.29 -39.95 36.41
C MET A 686 2.72 -39.92 36.57
N SER A 687 2.04 -39.11 35.78
N SER A 687 2.03 -39.11 35.79
CA SER A 687 0.56 -38.99 35.81
CA SER A 687 0.53 -38.99 35.83
C SER A 687 -0.07 -40.33 35.48
C SER A 687 -0.08 -40.34 35.48
N VAL A 688 0.33 -40.89 34.33
CA VAL A 688 0.01 -42.23 33.89
C VAL A 688 0.25 -43.24 34.99
N THR A 689 1.39 -43.16 35.64
CA THR A 689 1.72 -44.10 36.68
C THR A 689 0.74 -44.03 37.88
N ASN A 690 0.44 -42.83 38.34
CA ASN A 690 -0.58 -42.61 39.38
C ASN A 690 -1.95 -43.11 38.94
N LEU A 691 -2.30 -42.88 37.69
CA LEU A 691 -3.56 -43.34 37.10
C LEU A 691 -3.74 -44.83 37.22
N LEU A 692 -2.66 -45.56 36.95
CA LEU A 692 -2.70 -46.99 36.97
C LEU A 692 -2.68 -47.48 38.39
N TYR A 693 -2.13 -46.69 39.32
CA TYR A 693 -2.30 -47.04 40.74
C TYR A 693 -3.76 -46.83 41.21
N GLU A 694 -4.42 -45.78 40.73
CA GLU A 694 -5.72 -45.39 41.24
C GLU A 694 -6.85 -46.26 40.60
N LYS A 695 -6.90 -46.30 39.26
CA LYS A 695 -7.94 -46.98 38.46
C LYS A 695 -7.60 -48.39 38.00
N GLY A 696 -6.31 -48.71 37.89
CA GLY A 696 -5.90 -50.02 37.40
C GLY A 696 -6.28 -50.98 38.50
N GLY A 697 -6.82 -52.14 38.13
CA GLY A 697 -7.45 -53.00 39.14
C GLY A 697 -8.98 -52.99 39.13
N LYS A 698 -9.58 -51.85 38.81
CA LYS A 698 -10.95 -51.87 38.31
C LYS A 698 -10.94 -52.13 36.81
N ALA A 699 -9.84 -51.84 36.13
CA ALA A 699 -9.82 -51.94 34.66
C ALA A 699 -9.74 -53.38 34.16
N SER A 700 -10.08 -53.54 32.89
CA SER A 700 -10.07 -54.84 32.23
C SER A 700 -8.60 -55.32 32.14
N PRO A 701 -8.37 -56.62 32.34
CA PRO A 701 -6.98 -57.07 32.43
C PRO A 701 -6.11 -56.81 31.16
N THR A 702 -6.69 -56.95 29.98
CA THR A 702 -6.01 -56.58 28.75
C THR A 702 -5.73 -55.08 28.66
N VAL A 703 -6.61 -54.26 29.24
CA VAL A 703 -6.34 -52.83 29.30
C VAL A 703 -5.17 -52.50 30.24
N LEU A 704 -5.09 -53.17 31.39
CA LEU A 704 -4.02 -52.91 32.32
C LEU A 704 -2.67 -53.29 31.67
N ALA A 705 -2.58 -54.51 31.15
CA ALA A 705 -1.35 -55.02 30.57
C ALA A 705 -0.85 -54.11 29.50
N GLY A 706 -1.74 -53.72 28.60
CA GLY A 706 -1.43 -52.86 27.48
C GLY A 706 -0.95 -51.50 27.95
N SER A 707 -1.52 -51.05 29.07
CA SER A 707 -1.21 -49.77 29.65
C SER A 707 0.19 -49.74 30.26
N LEU A 708 0.51 -50.85 30.93
CA LEU A 708 1.76 -51.05 31.62
C LEU A 708 2.96 -51.09 30.66
N ARG A 709 2.79 -51.81 29.56
CA ARG A 709 3.82 -51.95 28.56
C ARG A 709 3.95 -50.66 27.81
N LEU A 710 2.86 -49.90 27.75
CA LEU A 710 2.93 -48.62 27.10
C LEU A 710 3.75 -47.64 27.96
N LEU A 711 3.53 -47.73 29.25
CA LEU A 711 4.19 -46.90 30.22
C LEU A 711 5.72 -47.11 30.10
N VAL A 712 6.12 -48.36 30.14
CA VAL A 712 7.54 -48.75 29.99
C VAL A 712 8.13 -48.35 28.65
N ARG A 713 7.37 -48.41 27.57
CA ARG A 713 7.88 -47.97 26.28
C ARG A 713 8.13 -46.45 26.26
N LEU A 714 7.28 -45.69 26.95
CA LEU A 714 7.42 -44.24 26.96
C LEU A 714 8.56 -43.82 27.92
N LEU A 715 8.73 -44.59 28.98
CA LEU A 715 9.73 -44.37 29.97
C LEU A 715 11.16 -44.71 29.52
N ALA A 716 11.33 -45.56 28.51
CA ALA A 716 12.63 -46.19 28.16
C ALA A 716 13.72 -45.19 27.74
N PRO A 717 13.41 -44.17 26.94
CA PRO A 717 14.36 -43.15 26.63
C PRO A 717 15.00 -42.38 27.86
N PHE A 718 14.26 -42.35 28.97
CA PHE A 718 14.60 -41.65 30.21
C PHE A 718 15.28 -42.56 31.18
N ALA A 719 14.69 -43.73 31.41
CA ALA A 719 15.16 -44.73 32.34
C ALA A 719 15.32 -46.08 31.62
N PRO A 720 16.31 -46.15 30.71
CA PRO A 720 16.44 -47.28 29.77
C PRO A 720 16.69 -48.64 30.35
N HIS A 721 17.30 -48.70 31.50
CA HIS A 721 17.72 -49.94 32.09
C HIS A 721 16.58 -50.60 32.82
N ILE A 722 15.97 -49.89 33.78
CA ILE A 722 14.78 -50.35 34.46
C ILE A 722 13.70 -50.68 33.44
N SER A 723 13.63 -49.94 32.35
CA SER A 723 12.61 -50.20 31.33
C SER A 723 12.83 -51.55 30.69
N GLU A 724 14.11 -51.89 30.39
CA GLU A 724 14.37 -53.21 29.85
C GLU A 724 14.00 -54.27 30.84
N GLU A 725 14.35 -54.03 32.08
CA GLU A 725 14.12 -55.03 33.11
C GLU A 725 12.62 -55.36 33.27
N LEU A 726 11.80 -54.33 33.21
CA LEU A 726 10.38 -54.52 33.42
C LEU A 726 9.72 -55.08 32.18
N TRP A 727 10.15 -54.62 30.99
CA TRP A 727 9.65 -55.17 29.75
C TRP A 727 9.86 -56.67 29.69
N ALA A 728 11.05 -57.12 30.10
CA ALA A 728 11.40 -58.54 30.13
C ALA A 728 10.68 -59.29 31.22
N LEU A 729 10.54 -58.70 32.41
CA LEU A 729 9.73 -59.27 33.49
C LEU A 729 8.27 -59.50 33.04
N SER A 730 7.76 -58.62 32.19
CA SER A 730 6.41 -58.76 31.68
C SER A 730 6.25 -59.89 30.64
N GLY A 731 7.36 -60.57 30.31
CA GLY A 731 7.36 -61.73 29.42
C GLY A 731 7.89 -61.47 28.02
N CYS A 732 8.07 -60.19 27.62
CA CYS A 732 8.60 -59.82 26.29
C CYS A 732 10.07 -60.27 26.06
N ASN A 733 10.39 -60.68 24.84
CA ASN A 733 11.72 -61.17 24.50
C ASN A 733 12.53 -60.24 23.65
N SER A 734 11.88 -59.23 23.10
CA SER A 734 12.56 -58.19 22.33
C SER A 734 13.18 -57.23 23.36
N LEU A 735 13.95 -56.27 22.88
CA LEU A 735 14.43 -55.19 23.75
C LEU A 735 13.47 -54.05 23.52
N VAL A 736 13.01 -53.38 24.56
CA VAL A 736 12.18 -52.18 24.35
C VAL A 736 12.86 -51.14 23.52
N ALA A 737 14.19 -50.98 23.69
CA ALA A 737 14.96 -50.04 22.88
C ALA A 737 14.84 -50.30 21.40
N ALA A 738 14.52 -51.55 21.03
CA ALA A 738 14.30 -51.90 19.63
C ALA A 738 12.83 -51.87 19.16
N GLU A 739 11.91 -51.55 20.04
CA GLU A 739 10.47 -51.58 19.68
C GLU A 739 10.12 -50.30 18.98
N PRO A 740 9.25 -50.36 17.95
CA PRO A 740 8.80 -49.04 17.41
C PRO A 740 8.15 -48.16 18.50
N TRP A 741 8.29 -46.83 18.35
CA TRP A 741 7.79 -45.88 19.31
C TRP A 741 6.24 -45.89 19.25
N PRO A 742 5.56 -45.74 20.41
CA PRO A 742 4.07 -45.70 20.37
C PRO A 742 3.51 -44.62 19.51
N THR A 743 2.40 -44.94 18.85
CA THR A 743 1.64 -43.94 18.12
C THR A 743 0.22 -43.79 18.68
N ILE A 744 -0.29 -42.59 18.50
CA ILE A 744 -1.61 -42.27 19.05
C ILE A 744 -2.64 -43.09 18.28
N ASN A 745 -3.36 -43.97 18.98
CA ASN A 745 -4.58 -44.60 18.43
C ASN A 745 -5.76 -43.58 18.47
N GLU A 746 -6.14 -42.99 17.32
CA GLU A 746 -7.11 -41.85 17.29
C GLU A 746 -8.57 -42.12 17.71
N ARG A 747 -8.95 -43.38 17.66
CA ARG A 747 -10.23 -43.82 18.20
C ARG A 747 -10.26 -43.78 19.72
N LEU A 748 -9.10 -43.88 20.38
CA LEU A 748 -9.06 -43.81 21.84
C LEU A 748 -8.70 -42.44 22.36
N VAL A 749 -8.47 -41.46 21.48
CA VAL A 749 -8.14 -40.07 21.88
C VAL A 749 -9.25 -39.39 22.71
N GLN A 750 -10.51 -39.55 22.29
CA GLN A 750 -11.65 -38.96 23.04
C GLN A 750 -12.36 -40.11 23.71
N ALA A 751 -12.74 -39.91 24.96
CA ALA A 751 -13.55 -40.90 25.65
C ALA A 751 -15.00 -40.62 25.24
N GLU A 752 -15.97 -41.27 25.86
CA GLU A 752 -17.37 -41.04 25.49
C GLU A 752 -17.82 -39.59 25.81
N ASN A 753 -17.35 -39.05 26.92
CA ASN A 753 -17.75 -37.76 27.39
C ASN A 753 -16.53 -36.84 27.52
N ILE A 754 -16.80 -35.54 27.45
CA ILE A 754 -15.85 -34.42 27.46
C ILE A 754 -16.27 -33.47 28.57
N VAL A 755 -15.31 -32.99 29.34
CA VAL A 755 -15.52 -31.86 30.25
C VAL A 755 -15.17 -30.57 29.52
N LEU A 756 -16.15 -29.68 29.38
CA LEU A 756 -15.99 -28.46 28.59
C LEU A 756 -16.11 -27.25 29.49
N PRO A 757 -15.05 -26.43 29.59
CA PRO A 757 -15.23 -25.17 30.31
C PRO A 757 -16.10 -24.15 29.54
N VAL A 758 -16.80 -23.35 30.31
CA VAL A 758 -17.80 -22.43 29.82
C VAL A 758 -17.37 -21.04 30.30
N GLN A 759 -17.10 -20.17 29.36
CA GLN A 759 -16.89 -18.73 29.63
C GLN A 759 -18.13 -17.92 29.24
N ILE A 760 -18.25 -16.77 29.89
CA ILE A 760 -19.15 -15.71 29.49
C ILE A 760 -18.29 -14.44 29.39
N ASN A 761 -18.21 -13.88 28.21
CA ASN A 761 -17.28 -12.78 27.88
C ASN A 761 -15.84 -13.02 28.29
N GLY A 762 -15.37 -14.24 28.13
CA GLY A 762 -14.04 -14.58 28.55
C GLY A 762 -13.87 -15.05 29.99
N LYS A 763 -14.88 -14.91 30.85
CA LYS A 763 -14.70 -15.27 32.26
C LYS A 763 -15.24 -16.67 32.51
N LEU A 764 -14.40 -17.51 33.09
CA LEU A 764 -14.79 -18.86 33.38
C LEU A 764 -15.95 -18.85 34.35
N ILE A 765 -17.04 -19.53 34.00
CA ILE A 765 -18.19 -19.66 34.93
C ILE A 765 -18.22 -21.02 35.64
N ARG A 766 -18.06 -22.08 34.89
CA ARG A 766 -18.06 -23.42 35.39
C ARG A 766 -17.69 -24.35 34.24
N THR A 767 -17.72 -25.66 34.50
CA THR A 767 -17.58 -26.63 33.44
C THR A 767 -18.89 -27.40 33.27
N MET A 768 -18.97 -28.12 32.17
CA MET A 768 -20.14 -28.87 31.74
C MET A 768 -19.58 -30.17 31.14
N THR A 769 -20.19 -31.32 31.45
CA THR A 769 -19.82 -32.61 30.85
C THR A 769 -20.84 -32.97 29.79
N ILE A 770 -20.39 -33.20 28.57
CA ILE A 770 -21.30 -33.55 27.46
C ILE A 770 -20.81 -34.78 26.72
N PRO A 771 -21.66 -35.46 25.98
CA PRO A 771 -21.18 -36.56 25.12
C PRO A 771 -20.36 -36.05 23.93
N VAL A 772 -19.32 -36.79 23.53
CA VAL A 772 -18.50 -36.43 22.36
C VAL A 772 -19.42 -36.53 21.14
N ASN A 773 -19.19 -35.69 20.16
CA ASN A 773 -20.06 -35.65 18.93
C ASN A 773 -21.42 -34.98 19.10
N LEU A 774 -21.75 -34.47 20.29
CA LEU A 774 -22.93 -33.61 20.42
C LEU A 774 -22.85 -32.54 19.31
N ALA A 775 -23.91 -32.40 18.54
CA ALA A 775 -23.93 -31.36 17.51
C ALA A 775 -23.82 -29.96 18.17
N GLU A 776 -23.25 -29.01 17.46
CA GLU A 776 -22.96 -27.70 17.99
C GLU A 776 -24.21 -27.00 18.53
N GLU A 777 -25.31 -27.10 17.79
CA GLU A 777 -26.59 -26.52 18.24
C GLU A 777 -27.04 -27.09 19.60
N ASP A 778 -26.81 -28.37 19.80
CA ASP A 778 -27.10 -29.01 21.06
C ASP A 778 -26.09 -28.62 22.14
N ILE A 779 -24.84 -28.40 21.78
CA ILE A 779 -23.93 -27.87 22.77
C ILE A 779 -24.49 -26.55 23.26
N LEU A 780 -25.03 -25.73 22.34
CA LEU A 780 -25.43 -24.39 22.72
C LEU A 780 -26.68 -24.44 23.59
N SER A 781 -27.69 -25.17 23.19
CA SER A 781 -28.86 -25.30 24.01
C SER A 781 -28.54 -25.91 25.40
N THR A 782 -27.58 -26.82 25.47
CA THR A 782 -27.14 -27.39 26.77
C THR A 782 -26.45 -26.39 27.64
N VAL A 783 -25.59 -25.54 27.07
CA VAL A 783 -24.87 -24.54 27.88
C VAL A 783 -25.86 -23.47 28.37
N LEU A 784 -26.83 -23.09 27.53
CA LEU A 784 -27.79 -22.06 27.92
C LEU A 784 -28.78 -22.51 28.96
N ALA A 785 -28.96 -23.82 29.14
CA ALA A 785 -29.80 -24.37 30.19
C ALA A 785 -29.12 -24.47 31.57
N LEU A 786 -27.80 -24.34 31.67
CA LEU A 786 -27.14 -24.40 32.91
C LEU A 786 -27.65 -23.28 33.82
N PRO A 787 -27.93 -23.59 35.10
CA PRO A 787 -28.52 -22.52 35.91
C PRO A 787 -27.67 -21.26 36.08
N GLU A 788 -26.33 -21.43 36.15
CA GLU A 788 -25.49 -20.27 36.33
C GLU A 788 -25.44 -19.41 35.07
N VAL A 789 -25.56 -20.05 33.90
CA VAL A 789 -25.58 -19.33 32.64
C VAL A 789 -26.94 -18.59 32.46
N ARG A 790 -28.01 -19.33 32.67
CA ARG A 790 -29.35 -18.73 32.72
C ARG A 790 -29.47 -17.55 33.69
N SER A 791 -28.87 -17.69 34.87
CA SER A 791 -28.90 -16.61 35.81
C SER A 791 -28.17 -15.36 35.26
N ARG A 792 -26.94 -15.54 34.79
CA ARG A 792 -26.14 -14.43 34.25
CA ARG A 792 -26.12 -14.46 34.24
C ARG A 792 -26.67 -13.86 32.95
N LEU A 793 -27.43 -14.64 32.17
CA LEU A 793 -28.03 -14.09 30.97
C LEU A 793 -29.48 -13.61 31.13
N SER A 794 -30.03 -13.67 32.33
CA SER A 794 -31.43 -13.26 32.50
C SER A 794 -31.65 -11.76 32.27
N ASP A 795 -30.63 -10.93 32.45
CA ASP A 795 -30.77 -9.51 32.20
C ASP A 795 -29.89 -9.05 30.99
N ARG A 796 -29.59 -9.95 30.04
CA ARG A 796 -28.61 -9.69 29.01
C ARG A 796 -28.96 -10.42 27.77
N ASP A 797 -28.34 -10.02 26.67
CA ASP A 797 -28.57 -10.65 25.35
C ASP A 797 -27.34 -11.36 24.90
N LEU A 798 -27.54 -12.57 24.42
CA LEU A 798 -26.53 -13.39 23.83
C LEU A 798 -26.23 -12.82 22.41
N LYS A 799 -24.98 -12.46 22.14
CA LYS A 799 -24.61 -11.82 20.84
C LYS A 799 -23.89 -12.78 19.93
N ASN A 800 -23.09 -13.65 20.53
CA ASN A 800 -22.27 -14.58 19.76
C ASN A 800 -21.82 -15.71 20.65
N TYR A 801 -21.17 -16.71 20.06
CA TYR A 801 -20.38 -17.58 20.85
C TYR A 801 -19.16 -18.05 20.06
N ARG A 802 -18.10 -18.36 20.77
CA ARG A 802 -16.92 -19.04 20.24
C ARG A 802 -16.83 -20.47 20.82
N TYR A 803 -17.02 -21.47 19.96
CA TYR A 803 -16.94 -22.86 20.35
C TYR A 803 -15.67 -23.45 19.69
N VAL A 804 -14.74 -23.91 20.50
CA VAL A 804 -13.53 -24.59 19.99
C VAL A 804 -13.74 -26.06 20.33
N PRO A 805 -13.94 -26.89 19.30
CA PRO A 805 -14.34 -28.25 19.58
C PRO A 805 -13.40 -28.93 20.53
N ASN A 806 -14.02 -29.64 21.48
CA ASN A 806 -13.35 -30.30 22.56
C ASN A 806 -12.49 -29.43 23.46
N ARG A 807 -12.62 -28.11 23.41
CA ARG A 807 -11.74 -27.23 24.21
C ARG A 807 -12.53 -26.22 25.01
N ILE A 808 -13.36 -25.38 24.40
CA ILE A 808 -14.02 -24.35 25.19
C ILE A 808 -15.25 -23.83 24.49
N ILE A 809 -16.20 -23.32 25.26
CA ILE A 809 -17.23 -22.44 24.70
C ILE A 809 -17.27 -21.12 25.52
N ASN A 810 -17.16 -20.02 24.79
CA ASN A 810 -17.32 -18.69 25.30
C ASN A 810 -18.60 -18.02 24.76
N LEU A 811 -19.44 -17.59 25.67
CA LEU A 811 -20.72 -16.95 25.28
C LEU A 811 -20.48 -15.45 25.34
N VAL A 812 -20.69 -14.72 24.25
CA VAL A 812 -20.47 -13.26 24.25
C VAL A 812 -21.82 -12.59 24.46
N VAL A 813 -21.93 -11.77 25.50
CA VAL A 813 -23.20 -11.20 25.94
C VAL A 813 -23.08 -9.68 26.09
N GLY A 814 -24.18 -8.96 25.81
CA GLY A 814 -24.25 -7.51 25.96
C GLY A 814 -24.36 -7.03 27.39
N LEU A 815 -24.51 -5.72 27.56
CA LEU A 815 -24.54 -5.09 28.89
C LEU A 815 -25.88 -5.32 29.56
N GLU A 816 -25.87 -5.32 30.90
CA GLU A 816 -27.12 -5.47 31.71
C GLU A 816 -28.24 -4.49 31.23
N HIS A 817 -29.38 -5.00 30.75
CA HIS A 817 -30.53 -4.17 30.27
C HIS A 817 -30.86 -2.99 31.21
N GLN B 2 7.65 9.19 -17.50
CA GLN B 2 8.37 8.72 -18.74
C GLN B 2 7.53 8.68 -20.07
N TYR B 3 6.20 8.72 -20.01
CA TYR B 3 5.44 9.01 -21.25
C TYR B 3 5.76 10.44 -21.68
N ASP B 4 6.33 10.58 -22.87
CA ASP B 4 6.69 11.86 -23.45
C ASP B 4 5.49 12.47 -24.21
N HIS B 5 4.60 13.08 -23.43
CA HIS B 5 3.37 13.72 -23.95
C HIS B 5 3.65 14.86 -24.98
N ARG B 6 4.79 15.55 -24.82
CA ARG B 6 5.16 16.70 -25.66
C ARG B 6 5.44 16.30 -27.12
N SER B 7 5.76 15.04 -27.39
CA SER B 7 5.74 14.58 -28.76
C SER B 7 4.66 13.56 -29.01
N ARG B 8 4.29 12.75 -28.01
CA ARG B 8 3.43 11.59 -28.28
C ARG B 8 1.98 11.95 -28.41
N ASP B 9 1.51 12.93 -27.64
CA ASP B 9 0.11 13.38 -27.77
C ASP B 9 -0.18 13.73 -29.23
N ALA B 10 0.72 14.53 -29.83
CA ALA B 10 0.58 14.94 -31.24
C ALA B 10 0.64 13.76 -32.20
N PHE B 11 1.57 12.84 -31.91
CA PHE B 11 1.69 11.62 -32.71
C PHE B 11 0.35 10.87 -32.80
N TRP B 12 -0.29 10.65 -31.64
CA TRP B 12 -1.59 9.93 -31.58
C TRP B 12 -2.71 10.72 -32.19
N GLN B 13 -2.73 12.02 -31.96
CA GLN B 13 -3.71 12.92 -32.59
C GLN B 13 -3.64 12.77 -34.11
N GLN B 14 -2.46 12.62 -34.65
CA GLN B 14 -2.36 12.54 -36.10
C GLN B 14 -2.87 11.16 -36.59
N LYS B 15 -2.57 10.12 -35.81
CA LYS B 15 -3.09 8.77 -36.14
C LYS B 15 -4.60 8.75 -36.22
N TRP B 16 -5.25 9.34 -35.21
CA TRP B 16 -6.74 9.44 -35.16
C TRP B 16 -7.28 10.24 -36.39
N ASP B 17 -6.65 11.38 -36.67
CA ASP B 17 -6.96 12.21 -37.88
C ASP B 17 -6.88 11.32 -39.11
N GLU B 18 -5.75 10.64 -39.31
CA GLU B 18 -5.58 9.91 -40.54
C GLU B 18 -6.52 8.75 -40.70
N LYS B 19 -6.95 8.13 -39.60
CA LYS B 19 -8.01 7.09 -39.70
C LYS B 19 -9.39 7.65 -39.78
N ARG B 20 -9.56 8.97 -39.68
CA ARG B 20 -10.92 9.57 -39.76
C ARG B 20 -11.88 9.10 -38.69
N ILE B 21 -11.34 8.73 -37.54
CA ILE B 21 -12.15 8.23 -36.41
C ILE B 21 -13.28 9.18 -36.09
N PHE B 22 -13.01 10.48 -36.05
CA PHE B 22 -14.00 11.49 -35.61
C PHE B 22 -14.82 12.22 -36.71
N ASP B 23 -14.64 11.85 -37.96
CA ASP B 23 -15.40 12.41 -39.05
C ASP B 23 -16.79 11.85 -39.13
N TRP B 24 -17.82 12.69 -39.01
CA TRP B 24 -19.16 12.19 -38.99
C TRP B 24 -19.58 11.76 -40.40
N ASP B 25 -20.04 10.51 -40.55
CA ASP B 25 -20.57 10.10 -41.86
C ASP B 25 -22.02 9.78 -41.76
N PRO B 26 -22.87 10.67 -42.28
CA PRO B 26 -24.29 10.32 -42.27
C PRO B 26 -24.66 8.96 -42.98
N SER B 27 -23.93 8.54 -43.99
CA SER B 27 -24.28 7.27 -44.67
C SER B 27 -23.81 6.03 -43.88
N SER B 28 -23.10 6.21 -42.76
CA SER B 28 -22.84 5.07 -41.84
C SER B 28 -24.11 4.42 -41.35
N PRO B 29 -24.13 3.10 -41.23
CA PRO B 29 -25.33 2.42 -40.73
C PRO B 29 -25.53 2.43 -39.20
N GLY B 30 -24.47 2.68 -38.42
CA GLY B 30 -24.64 2.71 -36.94
C GLY B 30 -25.77 3.62 -36.48
N LYS B 31 -26.37 3.29 -35.36
CA LYS B 31 -27.42 4.11 -34.80
C LYS B 31 -26.83 5.53 -34.52
N LYS B 32 -27.64 6.53 -34.72
CA LYS B 32 -27.15 7.92 -34.75
C LYS B 32 -26.98 8.34 -33.29
N PHE B 33 -26.02 9.18 -33.06
CA PHE B 33 -25.89 9.83 -31.77
C PHE B 33 -25.27 11.22 -31.98
N TYR B 34 -25.93 12.23 -31.47
CA TYR B 34 -25.51 13.62 -31.59
C TYR B 34 -25.21 14.18 -30.20
N VAL B 35 -23.95 14.36 -29.91
CA VAL B 35 -23.53 14.97 -28.66
C VAL B 35 -22.88 16.30 -28.99
N LEU B 36 -23.29 17.38 -28.33
CA LEU B 36 -22.57 18.63 -28.48
C LEU B 36 -22.51 19.38 -27.20
N GLU B 37 -21.71 20.44 -27.22
CA GLU B 37 -21.48 21.30 -26.10
C GLU B 37 -21.74 22.73 -26.56
N MET B 38 -21.94 23.61 -25.61
CA MET B 38 -22.19 25.02 -25.93
C MET B 38 -20.97 25.66 -26.54
N PHE B 39 -21.08 25.96 -27.86
CA PHE B 39 -19.95 26.53 -28.64
C PHE B 39 -19.47 27.87 -28.09
N PRO B 40 -18.17 28.12 -28.07
CA PRO B 40 -17.65 29.24 -27.36
C PRO B 40 -17.70 30.60 -28.13
N TYR B 41 -17.79 31.71 -27.38
CA TYR B 41 -17.60 33.06 -27.98
C TYR B 41 -16.16 33.22 -28.38
N THR B 42 -15.93 33.87 -29.49
CA THR B 42 -14.58 34.12 -29.92
C THR B 42 -14.05 35.42 -29.32
N SER B 43 -13.96 35.46 -27.98
CA SER B 43 -13.57 36.64 -27.26
C SER B 43 -12.19 36.53 -26.66
N GLY B 44 -11.45 35.50 -26.96
CA GLY B 44 -10.13 35.29 -26.34
C GLY B 44 -9.63 33.85 -26.58
N HIS B 45 -8.62 33.48 -25.88
CA HIS B 45 -8.09 32.11 -25.91
C HIS B 45 -9.01 31.10 -25.19
N LEU B 46 -8.75 29.82 -25.44
CA LEU B 46 -9.46 28.75 -24.74
C LEU B 46 -9.10 28.86 -23.24
N HIS B 47 -10.09 28.88 -22.37
N HIS B 47 -10.09 28.59 -22.41
CA HIS B 47 -9.81 28.82 -20.95
CA HIS B 47 -10.07 28.78 -20.97
C HIS B 47 -10.27 27.51 -20.25
C HIS B 47 -10.08 27.37 -20.35
N ILE B 48 -9.69 27.25 -19.08
CA ILE B 48 -9.78 25.98 -18.41
C ILE B 48 -11.18 25.49 -18.22
N GLY B 49 -12.11 26.39 -18.08
CA GLY B 49 -13.51 26.06 -18.01
C GLY B 49 -14.05 25.39 -19.23
N HIS B 50 -13.65 25.91 -20.41
CA HIS B 50 -13.95 25.23 -21.64
C HIS B 50 -13.42 23.81 -21.68
N VAL B 51 -12.16 23.63 -21.26
CA VAL B 51 -11.57 22.36 -21.27
C VAL B 51 -12.43 21.35 -20.50
N ARG B 52 -13.03 21.79 -19.39
CA ARG B 52 -13.88 20.90 -18.56
C ARG B 52 -15.14 20.53 -19.34
N ASN B 53 -15.79 21.57 -19.85
CA ASN B 53 -17.00 21.44 -20.61
C ASN B 53 -16.87 20.48 -21.84
N TYR B 54 -15.73 20.54 -22.48
CA TYR B 54 -15.52 19.91 -23.76
C TYR B 54 -14.90 18.51 -23.58
N SER B 55 -14.11 18.35 -22.54
CA SER B 55 -13.61 17.05 -22.14
C SER B 55 -14.73 16.06 -21.95
N MET B 56 -15.81 16.52 -21.37
CA MET B 56 -16.96 15.61 -21.05
C MET B 56 -17.60 15.10 -22.34
N GLY B 57 -17.75 16.00 -23.32
CA GLY B 57 -18.29 15.65 -24.60
C GLY B 57 -17.39 14.73 -25.33
N ASP B 58 -16.07 14.96 -25.27
CA ASP B 58 -15.18 14.08 -25.97
C ASP B 58 -15.17 12.60 -25.42
N THR B 59 -15.12 12.50 -24.08
CA THR B 59 -15.16 11.24 -23.40
C THR B 59 -16.40 10.47 -23.80
N LEU B 60 -17.57 11.09 -23.72
CA LEU B 60 -18.76 10.44 -24.11
C LEU B 60 -18.67 10.03 -25.60
N ALA B 61 -18.25 10.96 -26.47
CA ALA B 61 -18.26 10.68 -27.89
C ALA B 61 -17.36 9.48 -28.22
N ARG B 62 -16.15 9.44 -27.67
CA ARG B 62 -15.24 8.37 -27.94
C ARG B 62 -15.81 6.99 -27.51
N MET B 63 -16.54 6.98 -26.40
CA MET B 63 -17.15 5.76 -25.96
C MET B 63 -18.25 5.38 -26.96
N GLN B 64 -19.07 6.35 -27.36
CA GLN B 64 -20.22 6.03 -28.19
C GLN B 64 -19.75 5.59 -29.55
N ILE B 65 -18.65 6.15 -30.01
CA ILE B 65 -18.05 5.63 -31.22
C ILE B 65 -17.58 4.16 -31.10
N ALA B 66 -16.84 3.86 -30.06
CA ALA B 66 -16.45 2.47 -29.76
C ALA B 66 -17.63 1.53 -29.65
N ARG B 67 -18.78 2.03 -29.21
CA ARG B 67 -19.98 1.23 -29.08
C ARG B 67 -20.78 1.07 -30.36
N GLY B 68 -20.20 1.47 -31.50
CA GLY B 68 -20.88 1.33 -32.81
C GLY B 68 -21.84 2.44 -33.25
N TYR B 69 -22.07 3.47 -32.40
CA TYR B 69 -22.93 4.55 -32.81
C TYR B 69 -22.24 5.37 -33.97
N SER B 70 -23.07 5.93 -34.84
CA SER B 70 -22.60 6.93 -35.83
C SER B 70 -22.79 8.33 -35.17
N VAL B 71 -21.69 8.87 -34.70
CA VAL B 71 -21.71 10.00 -33.74
C VAL B 71 -21.37 11.33 -34.52
N LEU B 72 -22.22 12.33 -34.41
CA LEU B 72 -21.88 13.69 -34.77
C LEU B 72 -21.42 14.40 -33.47
N HIS B 73 -20.14 14.72 -33.38
CA HIS B 73 -19.62 15.56 -32.34
C HIS B 73 -18.90 16.78 -32.97
N PRO B 74 -19.58 17.91 -33.07
CA PRO B 74 -19.04 19.00 -33.92
C PRO B 74 -18.66 20.17 -33.06
N MET B 75 -17.97 21.14 -33.64
CA MET B 75 -17.53 22.34 -32.93
C MET B 75 -17.45 23.49 -33.96
N GLY B 76 -17.75 24.65 -33.46
CA GLY B 76 -17.73 25.84 -34.30
C GLY B 76 -17.73 27.03 -33.35
N TRP B 77 -17.99 28.19 -33.87
CA TRP B 77 -17.51 29.46 -33.27
C TRP B 77 -18.65 30.44 -33.17
N ASP B 78 -18.99 30.84 -31.96
CA ASP B 78 -20.00 31.88 -31.69
C ASP B 78 -19.25 33.25 -31.80
N SER B 79 -19.18 33.82 -33.03
CA SER B 79 -18.24 34.80 -33.32
C SER B 79 -18.77 36.20 -33.63
N PHE B 80 -20.08 36.46 -33.55
CA PHE B 80 -20.68 37.75 -33.74
C PHE B 80 -21.21 38.33 -32.39
N GLY B 81 -21.50 39.62 -32.44
CA GLY B 81 -22.08 40.34 -31.37
C GLY B 81 -21.14 40.76 -30.28
N LEU B 82 -21.71 41.08 -29.14
CA LEU B 82 -21.03 41.82 -28.13
C LEU B 82 -19.76 41.22 -27.64
N PRO B 83 -19.72 39.86 -27.43
CA PRO B 83 -18.53 39.36 -26.81
C PRO B 83 -17.27 39.43 -27.61
N ALA B 84 -17.32 38.95 -28.84
CA ALA B 84 -16.19 39.16 -29.74
C ALA B 84 -15.91 40.66 -29.91
N GLU B 85 -16.96 41.44 -30.11
CA GLU B 85 -16.79 42.85 -30.56
C GLU B 85 -16.09 43.69 -29.44
N ASN B 86 -16.58 43.55 -28.21
CA ASN B 86 -15.97 44.23 -27.02
C ASN B 86 -14.58 43.72 -26.81
N ALA B 87 -14.30 42.44 -27.04
CA ALA B 87 -12.93 42.01 -26.77
C ALA B 87 -11.99 42.59 -27.82
N ALA B 88 -12.45 42.60 -29.05
CA ALA B 88 -11.64 43.22 -30.12
C ALA B 88 -11.48 44.72 -29.84
N ARG B 89 -12.50 45.42 -29.38
CA ARG B 89 -12.34 46.85 -29.09
CA ARG B 89 -12.31 46.86 -29.09
C ARG B 89 -11.30 47.05 -27.97
N LYS B 90 -11.40 46.26 -26.90
CA LYS B 90 -10.52 46.42 -25.78
C LYS B 90 -9.09 46.16 -26.23
N PHE B 91 -8.86 45.19 -27.14
CA PHE B 91 -7.47 44.97 -27.56
C PHE B 91 -6.94 46.10 -28.56
N GLY B 92 -7.83 46.62 -29.38
CA GLY B 92 -7.53 47.62 -30.44
C GLY B 92 -7.52 47.08 -31.88
N THR B 93 -8.03 45.88 -32.15
CA THR B 93 -8.01 45.30 -33.51
C THR B 93 -9.38 45.23 -34.10
N HIS B 94 -9.46 45.16 -35.43
CA HIS B 94 -10.80 44.99 -36.07
C HIS B 94 -11.38 43.61 -35.58
N PRO B 95 -12.68 43.52 -35.31
CA PRO B 95 -13.24 42.27 -34.79
C PRO B 95 -13.17 41.08 -35.74
N ALA B 96 -13.09 41.29 -37.07
CA ALA B 96 -12.83 40.22 -38.00
C ALA B 96 -11.50 39.59 -37.80
N LYS B 97 -10.49 40.42 -37.64
CA LYS B 97 -9.15 39.95 -37.40
CA LYS B 97 -9.17 39.84 -37.42
C LYS B 97 -9.05 39.31 -35.96
N PHE B 98 -9.76 39.90 -35.01
CA PHE B 98 -9.62 39.44 -33.60
C PHE B 98 -10.31 38.05 -33.51
N THR B 99 -11.51 37.98 -34.07
CA THR B 99 -12.28 36.77 -34.13
C THR B 99 -11.54 35.62 -34.77
N GLN B 100 -10.99 35.86 -35.95
CA GLN B 100 -10.21 34.82 -36.64
C GLN B 100 -9.02 34.30 -35.81
N ASP B 101 -8.24 35.20 -35.24
CA ASP B 101 -7.16 34.84 -34.29
C ASP B 101 -7.67 33.95 -33.13
N ALA B 102 -8.87 34.22 -32.62
CA ALA B 102 -9.36 33.53 -31.44
C ALA B 102 -9.79 32.15 -31.88
N ILE B 103 -10.41 32.09 -33.06
CA ILE B 103 -10.79 30.82 -33.69
C ILE B 103 -9.56 29.94 -33.81
N ASP B 104 -8.56 30.49 -34.46
CA ASP B 104 -7.35 29.77 -34.77
C ASP B 104 -6.67 29.28 -33.45
N SER B 105 -6.57 30.17 -32.47
CA SER B 105 -6.01 29.82 -31.13
C SER B 105 -6.87 28.72 -30.44
N MET B 106 -8.19 28.88 -30.43
CA MET B 106 -9.07 27.93 -29.73
C MET B 106 -9.06 26.58 -30.41
N LYS B 107 -9.09 26.58 -31.74
CA LYS B 107 -9.05 25.35 -32.50
C LYS B 107 -7.73 24.60 -32.30
N ARG B 108 -6.64 25.34 -32.28
CA ARG B 108 -5.37 24.72 -31.98
C ARG B 108 -5.35 24.10 -30.52
N SER B 109 -5.86 24.82 -29.54
CA SER B 109 -5.84 24.35 -28.15
C SER B 109 -6.65 23.03 -28.04
N MET B 110 -7.83 23.02 -28.71
CA MET B 110 -8.71 21.89 -28.78
C MET B 110 -8.07 20.63 -29.39
N MET B 111 -7.45 20.79 -30.54
CA MET B 111 -6.72 19.73 -31.19
C MET B 111 -5.57 19.25 -30.33
N GLN B 112 -4.89 20.14 -29.63
CA GLN B 112 -3.77 19.72 -28.78
C GLN B 112 -4.23 18.93 -27.51
N LEU B 113 -5.45 19.18 -27.07
CA LEU B 113 -6.13 18.42 -26.04
C LEU B 113 -6.66 17.08 -26.52
N GLY B 114 -6.60 16.79 -27.82
CA GLY B 114 -7.07 15.55 -28.35
C GLY B 114 -8.56 15.49 -28.39
N PHE B 115 -9.22 16.63 -28.46
CA PHE B 115 -10.63 16.62 -28.61
C PHE B 115 -11.02 16.25 -30.08
N GLY B 116 -11.85 15.19 -30.19
CA GLY B 116 -12.13 14.54 -31.46
C GLY B 116 -13.39 15.07 -32.13
N TYR B 117 -13.30 16.27 -32.73
CA TYR B 117 -14.43 16.90 -33.37
C TYR B 117 -14.45 16.52 -34.87
N SER B 118 -15.65 16.50 -35.40
CA SER B 118 -15.89 16.28 -36.82
C SER B 118 -15.78 17.72 -37.46
N TRP B 119 -14.56 18.03 -37.72
CA TRP B 119 -14.14 19.37 -38.26
C TRP B 119 -14.69 19.68 -39.64
N ALA B 120 -15.16 18.67 -40.37
CA ALA B 120 -15.83 18.90 -41.67
C ALA B 120 -17.11 19.59 -41.43
N ASN B 121 -17.62 19.49 -40.21
CA ASN B 121 -18.86 20.11 -39.83
C ASN B 121 -18.66 21.45 -39.11
N GLU B 122 -17.44 21.95 -39.04
CA GLU B 122 -17.21 23.24 -38.40
C GLU B 122 -17.98 24.39 -39.07
N LEU B 123 -18.39 25.36 -38.26
CA LEU B 123 -18.96 26.59 -38.76
C LEU B 123 -18.55 27.76 -37.90
N ALA B 124 -18.79 28.95 -38.43
CA ALA B 124 -18.53 30.17 -37.68
C ALA B 124 -19.69 31.10 -37.99
N THR B 125 -20.32 31.68 -36.97
CA THR B 125 -21.51 32.42 -37.24
C THR B 125 -21.23 33.75 -38.06
N CYS B 126 -19.99 34.15 -38.16
CA CYS B 126 -19.62 35.38 -38.88
C CYS B 126 -19.30 35.09 -40.34
N SER B 127 -19.27 33.83 -40.76
CA SER B 127 -18.89 33.57 -42.13
C SER B 127 -20.05 33.91 -43.08
N PRO B 128 -19.68 34.38 -44.32
CA PRO B 128 -20.75 34.68 -45.26
C PRO B 128 -21.69 33.56 -45.46
N THR B 129 -21.19 32.34 -45.48
CA THR B 129 -22.16 31.22 -45.64
C THR B 129 -23.23 31.12 -44.53
N TYR B 130 -22.81 31.35 -43.28
CA TYR B 130 -23.77 31.39 -42.16
C TYR B 130 -24.67 32.57 -42.23
N VAL B 131 -24.10 33.73 -42.57
CA VAL B 131 -24.94 34.94 -42.74
C VAL B 131 -26.03 34.75 -43.78
N LEU B 132 -25.67 34.17 -44.92
CA LEU B 132 -26.66 33.85 -46.01
C LEU B 132 -27.82 33.02 -45.45
N ALA B 133 -27.45 31.92 -44.80
CA ALA B 133 -28.46 31.10 -44.14
C ALA B 133 -29.34 31.83 -43.16
N GLN B 134 -28.74 32.66 -42.31
CA GLN B 134 -29.55 33.32 -41.30
C GLN B 134 -30.44 34.38 -41.88
N GLN B 135 -29.95 35.05 -42.94
CA GLN B 135 -30.74 36.09 -43.60
C GLN B 135 -31.93 35.45 -44.28
N LYS B 136 -31.74 34.28 -44.85
CA LYS B 136 -32.90 33.55 -45.41
C LYS B 136 -33.88 33.19 -44.38
N LEU B 137 -33.38 32.66 -43.26
CA LEU B 137 -34.28 32.33 -42.16
C LEU B 137 -34.99 33.57 -41.64
N PHE B 138 -34.26 34.69 -41.52
CA PHE B 138 -34.90 35.94 -41.02
C PHE B 138 -36.04 36.32 -41.95
N LEU B 139 -35.79 36.26 -43.26
CA LEU B 139 -36.84 36.68 -44.24
C LEU B 139 -38.02 35.76 -44.27
N ASP B 140 -37.77 34.47 -44.08
CA ASP B 140 -38.91 33.50 -43.89
C ASP B 140 -39.76 33.83 -42.67
N LEU B 141 -39.11 34.06 -41.53
CA LEU B 141 -39.87 34.42 -40.33
C LEU B 141 -40.58 35.77 -40.47
N TYR B 142 -39.92 36.71 -41.17
CA TYR B 142 -40.57 37.99 -41.50
C TYR B 142 -41.80 37.81 -42.39
N ARG B 143 -41.69 37.11 -43.52
CA ARG B 143 -42.91 36.78 -44.34
C ARG B 143 -44.05 36.09 -43.59
N LYS B 144 -43.75 35.21 -42.65
CA LYS B 144 -44.82 34.51 -41.92
C LYS B 144 -45.29 35.24 -40.68
N GLY B 145 -44.84 36.46 -40.45
CA GLY B 145 -45.29 37.23 -39.29
C GLY B 145 -44.64 36.91 -37.96
N LEU B 146 -43.66 36.02 -37.91
CA LEU B 146 -42.97 35.71 -36.64
C LEU B 146 -41.99 36.80 -36.26
N ILE B 147 -41.38 37.44 -37.26
CA ILE B 147 -40.54 38.60 -37.04
C ILE B 147 -41.29 39.82 -37.55
N TYR B 148 -41.25 40.87 -36.73
CA TYR B 148 -41.92 42.12 -37.01
C TYR B 148 -41.22 43.35 -36.45
N ARG B 149 -41.57 44.50 -37.00
CA ARG B 149 -41.02 45.78 -36.61
C ARG B 149 -42.01 46.51 -35.80
N ASP B 150 -41.58 47.15 -34.71
CA ASP B 150 -42.52 47.87 -33.89
C ASP B 150 -41.83 49.03 -33.24
N ASP B 151 -42.60 50.07 -32.94
CA ASP B 151 -42.12 51.32 -32.33
C ASP B 151 -42.67 51.33 -30.93
N THR B 152 -41.89 50.78 -30.00
CA THR B 152 -42.35 50.58 -28.62
C THR B 152 -41.18 50.58 -27.65
N TYR B 153 -41.48 50.34 -26.38
CA TYR B 153 -40.46 50.42 -25.35
C TYR B 153 -39.52 49.20 -25.36
N VAL B 154 -38.23 49.49 -25.29
CA VAL B 154 -37.19 48.44 -25.26
C VAL B 154 -36.13 48.86 -24.30
N TYR B 155 -35.34 47.89 -23.85
CA TYR B 155 -34.22 48.19 -22.98
C TYR B 155 -33.08 48.79 -23.76
N TRP B 156 -32.36 49.73 -23.15
CA TRP B 156 -31.27 50.45 -23.78
C TRP B 156 -30.12 50.45 -22.81
N ASP B 157 -28.96 49.98 -23.25
CA ASP B 157 -27.72 50.04 -22.47
C ASP B 157 -26.87 51.24 -22.96
N PRO B 158 -26.69 52.25 -22.11
CA PRO B 158 -26.00 53.45 -22.52
C PRO B 158 -24.52 53.23 -22.63
N VAL B 159 -23.98 52.20 -22.00
CA VAL B 159 -22.56 51.94 -22.17
C VAL B 159 -22.29 51.11 -23.43
N GLU B 160 -23.13 50.12 -23.73
CA GLU B 160 -22.99 49.38 -24.99
C GLU B 160 -23.46 50.23 -26.14
N GLN B 161 -24.30 51.22 -25.84
CA GLN B 161 -24.93 52.03 -26.88
C GLN B 161 -25.80 51.13 -27.78
N THR B 162 -26.52 50.24 -27.17
CA THR B 162 -27.50 49.50 -27.94
C THR B 162 -28.68 49.09 -27.18
N VAL B 163 -29.71 48.79 -27.95
CA VAL B 163 -30.86 48.14 -27.41
C VAL B 163 -30.44 46.70 -26.99
N LEU B 164 -31.03 46.19 -25.91
CA LEU B 164 -30.81 44.80 -25.41
C LEU B 164 -32.17 44.09 -25.26
N ALA B 165 -32.18 42.77 -25.41
CA ALA B 165 -33.36 41.94 -25.11
C ALA B 165 -33.62 41.88 -23.59
N ALA B 166 -34.85 41.64 -23.18
CA ALA B 166 -35.20 41.54 -21.76
C ALA B 166 -34.29 40.49 -21.07
N GLU B 167 -33.85 39.47 -21.80
CA GLU B 167 -33.07 38.36 -21.18
C GLU B 167 -31.68 38.81 -20.94
N GLN B 168 -31.23 39.90 -21.61
CA GLN B 168 -29.89 40.45 -21.44
C GLN B 168 -29.83 41.59 -20.42
N VAL B 169 -30.88 41.73 -19.67
CA VAL B 169 -30.93 42.64 -18.55
C VAL B 169 -30.91 41.77 -17.29
N ILE B 170 -29.84 41.87 -16.51
CA ILE B 170 -29.70 41.02 -15.32
C ILE B 170 -29.46 41.94 -14.11
N ASP B 171 -30.38 41.91 -13.13
CA ASP B 171 -30.31 42.74 -11.89
C ASP B 171 -30.33 44.24 -12.29
N GLY B 172 -31.21 44.56 -13.26
CA GLY B 172 -31.30 45.86 -13.89
C GLY B 172 -30.13 46.32 -14.73
N LYS B 173 -29.14 45.45 -14.93
CA LYS B 173 -27.92 45.80 -15.61
C LYS B 173 -27.76 45.08 -16.93
N GLY B 174 -26.95 45.67 -17.78
CA GLY B 174 -26.67 45.09 -19.08
C GLY B 174 -25.79 43.85 -18.95
N TRP B 175 -26.16 42.83 -19.72
CA TRP B 175 -25.49 41.53 -19.78
C TRP B 175 -23.96 41.57 -19.73
N ARG B 176 -23.37 42.47 -20.50
CA ARG B 176 -21.93 42.53 -20.58
C ARG B 176 -21.36 43.77 -19.87
N SER B 177 -22.07 44.90 -19.90
CA SER B 177 -21.52 46.15 -19.38
C SER B 177 -21.56 46.21 -17.83
N GLY B 178 -22.61 45.62 -17.27
CA GLY B 178 -22.88 45.75 -15.85
C GLY B 178 -23.42 47.15 -15.54
N ALA B 179 -23.80 47.93 -16.57
CA ALA B 179 -24.32 49.29 -16.44
C ALA B 179 -25.78 49.26 -16.32
N ALA B 180 -26.31 50.25 -15.60
CA ALA B 180 -27.74 50.42 -15.43
C ALA B 180 -28.37 50.64 -16.78
N VAL B 181 -29.49 49.98 -17.00
CA VAL B 181 -30.19 49.97 -18.26
C VAL B 181 -31.38 50.93 -18.14
N TYR B 182 -31.69 51.60 -19.25
CA TYR B 182 -32.83 52.50 -19.34
C TYR B 182 -33.77 51.96 -20.37
N LYS B 183 -34.97 52.55 -20.46
CA LYS B 183 -35.98 52.20 -21.46
C LYS B 183 -36.23 53.37 -22.43
N ARG B 184 -36.19 53.12 -23.73
CA ARG B 184 -36.56 54.09 -24.77
C ARG B 184 -37.60 53.47 -25.65
N ARG B 185 -38.42 54.32 -26.26
CA ARG B 185 -39.32 53.98 -27.35
C ARG B 185 -38.61 54.26 -28.71
N THR B 186 -38.64 53.30 -29.63
CA THR B 186 -37.82 53.33 -30.86
C THR B 186 -38.31 52.24 -31.77
N PRO B 187 -38.18 52.41 -33.09
CA PRO B 187 -38.58 51.30 -33.99
C PRO B 187 -37.51 50.22 -34.01
N GLN B 188 -37.91 48.98 -33.70
CA GLN B 188 -36.95 47.92 -33.53
C GLN B 188 -37.55 46.63 -34.07
N TRP B 189 -36.66 45.65 -34.29
CA TRP B 189 -37.08 44.33 -34.72
C TRP B 189 -37.25 43.43 -33.51
N PHE B 190 -38.26 42.55 -33.63
CA PHE B 190 -38.70 41.64 -32.59
C PHE B 190 -39.04 40.29 -33.19
N VAL B 191 -38.99 39.24 -32.35
CA VAL B 191 -39.62 37.96 -32.66
C VAL B 191 -40.75 37.69 -31.68
N ASP B 192 -41.88 37.21 -32.19
CA ASP B 192 -43.07 36.99 -31.38
C ASP B 192 -42.97 35.68 -30.57
N ILE B 193 -42.09 35.65 -29.60
CA ILE B 193 -41.96 34.52 -28.66
C ILE B 193 -43.19 34.36 -27.71
N ARG B 194 -43.87 35.46 -27.41
CA ARG B 194 -45.10 35.41 -26.60
C ARG B 194 -46.13 34.46 -27.16
N SER B 195 -46.26 34.37 -28.48
CA SER B 195 -47.26 33.51 -29.10
C SER B 195 -46.94 32.02 -28.95
N TYR B 196 -45.68 31.71 -28.64
CA TYR B 196 -45.24 30.38 -28.32
C TYR B 196 -45.09 30.10 -26.83
N ALA B 197 -45.44 31.07 -26.00
CA ALA B 197 -45.12 30.98 -24.58
C ALA B 197 -45.81 29.82 -23.88
N ASP B 198 -47.05 29.53 -24.26
CA ASP B 198 -47.76 28.38 -23.74
C ASP B 198 -47.06 27.05 -24.04
N ARG B 199 -46.62 26.85 -25.28
CA ARG B 199 -45.88 25.66 -25.63
C ARG B 199 -44.50 25.54 -24.98
N LEU B 200 -43.81 26.67 -24.84
CA LEU B 200 -42.57 26.71 -24.10
C LEU B 200 -42.77 26.29 -22.62
N LEU B 201 -43.85 26.75 -22.03
CA LEU B 201 -44.14 26.47 -20.63
C LEU B 201 -44.62 25.02 -20.45
N ASP B 202 -45.65 24.60 -21.18
CA ASP B 202 -46.19 23.24 -21.06
C ASP B 202 -45.24 22.11 -21.53
N ASP B 203 -44.39 22.36 -22.53
CA ASP B 203 -43.49 21.32 -23.02
C ASP B 203 -42.31 21.07 -22.08
N LEU B 204 -42.08 21.95 -21.09
CA LEU B 204 -41.18 21.64 -19.98
C LEU B 204 -41.50 20.33 -19.24
N GLU B 205 -42.78 19.99 -19.11
CA GLU B 205 -43.18 18.73 -18.45
C GLU B 205 -42.61 17.50 -19.19
N SER B 206 -42.42 17.56 -20.51
CA SER B 206 -41.87 16.43 -21.27
C SER B 206 -40.33 16.30 -21.25
N LEU B 207 -39.61 17.31 -20.75
CA LEU B 207 -38.16 17.38 -20.83
C LEU B 207 -37.53 16.78 -19.63
N GLU B 208 -37.75 15.47 -19.50
CA GLU B 208 -37.34 14.76 -18.30
C GLU B 208 -35.82 14.64 -18.28
N GLY B 209 -35.18 14.78 -19.46
CA GLY B 209 -33.72 14.78 -19.50
C GLY B 209 -33.16 16.17 -19.14
N TRP B 210 -33.96 17.14 -18.76
CA TRP B 210 -33.33 18.39 -18.26
C TRP B 210 -33.40 18.46 -16.73
N PRO B 211 -32.40 19.08 -16.09
CA PRO B 211 -32.51 19.34 -14.66
C PRO B 211 -33.77 20.11 -14.31
N THR B 212 -34.33 19.77 -13.15
CA THR B 212 -35.58 20.36 -12.72
C THR B 212 -35.29 21.83 -12.35
N SER B 213 -34.09 22.12 -11.94
CA SER B 213 -33.67 23.48 -11.67
C SER B 213 -33.77 24.40 -12.92
N VAL B 214 -33.20 23.97 -14.05
CA VAL B 214 -33.26 24.72 -15.33
C VAL B 214 -34.72 24.88 -15.76
N ARG B 215 -35.47 23.80 -15.65
CA ARG B 215 -36.90 23.85 -15.99
C ARG B 215 -37.74 24.86 -15.19
N ASN B 216 -37.51 24.86 -13.87
CA ASN B 216 -38.18 25.76 -12.98
C ASN B 216 -37.70 27.21 -13.24
N ILE B 217 -36.43 27.43 -13.51
CA ILE B 217 -35.97 28.78 -13.87
C ILE B 217 -36.69 29.31 -15.13
N GLN B 218 -36.92 28.43 -16.10
CA GLN B 218 -37.67 28.83 -17.29
C GLN B 218 -39.14 29.09 -17.00
N ARG B 219 -39.75 28.29 -16.13
CA ARG B 219 -41.15 28.45 -15.71
C ARG B 219 -41.37 29.85 -15.13
N ASN B 220 -40.46 30.29 -14.27
CA ASN B 220 -40.52 31.60 -13.65
C ASN B 220 -40.21 32.73 -14.64
N TRP B 221 -39.33 32.48 -15.62
CA TRP B 221 -39.04 33.51 -16.65
C TRP B 221 -40.26 33.78 -17.53
N ILE B 222 -40.91 32.72 -17.99
CA ILE B 222 -42.08 32.87 -18.85
C ILE B 222 -43.23 33.51 -18.06
N GLY B 223 -43.49 32.93 -16.88
CA GLY B 223 -44.29 33.54 -15.82
C GLY B 223 -45.71 33.75 -16.23
N ARG B 224 -46.38 32.68 -16.59
CA ARG B 224 -47.83 32.73 -16.87
C ARG B 224 -48.70 32.94 -15.58
N THR B 225 -49.61 33.91 -15.65
CA THR B 225 -50.46 34.38 -14.51
C THR B 225 -51.92 34.28 -14.93
N GLU B 226 -52.78 33.96 -13.97
CA GLU B 226 -54.22 33.88 -14.22
C GLU B 226 -54.94 34.99 -13.42
N GLY B 227 -55.94 35.64 -14.03
CA GLY B 227 -56.68 36.72 -13.37
C GLY B 227 -57.91 37.19 -14.14
N ALA B 228 -58.31 38.44 -13.92
CA ALA B 228 -59.45 39.01 -14.64
C ALA B 228 -59.22 40.43 -15.13
N GLU B 229 -59.70 40.69 -16.36
CA GLU B 229 -59.69 42.03 -16.96
C GLU B 229 -61.09 42.64 -16.80
N VAL B 230 -61.14 43.81 -16.16
CA VAL B 230 -62.39 44.57 -15.96
C VAL B 230 -62.29 45.86 -16.78
N ARG B 231 -63.22 46.06 -17.71
CA ARG B 231 -63.22 47.24 -18.60
C ARG B 231 -63.83 48.45 -17.89
N PHE B 232 -63.16 49.61 -17.99
CA PHE B 232 -63.58 50.86 -17.30
C PHE B 232 -63.81 52.00 -18.32
N LEU B 233 -65.06 52.40 -18.51
CA LEU B 233 -65.43 53.41 -19.52
C LEU B 233 -65.12 54.84 -19.04
N VAL B 234 -64.72 55.70 -19.98
CA VAL B 234 -64.41 57.11 -19.71
C VAL B 234 -65.55 58.03 -20.20
N GLU B 235 -65.86 59.06 -19.41
CA GLU B 235 -67.14 59.81 -19.51
C GLU B 235 -67.45 60.41 -20.88
N ALA B 236 -66.74 61.46 -21.26
CA ALA B 236 -66.95 62.15 -22.53
C ALA B 236 -66.05 61.52 -23.60
N SER B 237 -66.20 60.22 -23.84
CA SER B 237 -65.20 59.43 -24.59
C SER B 237 -65.72 58.11 -25.16
N ASP B 238 -64.99 57.61 -26.16
CA ASP B 238 -65.20 56.26 -26.71
C ASP B 238 -64.49 55.20 -25.85
N LEU B 239 -63.20 54.94 -26.12
CA LEU B 239 -62.54 53.71 -25.63
C LEU B 239 -62.34 53.67 -24.11
N THR B 240 -62.34 52.43 -23.60
CA THR B 240 -62.18 52.12 -22.18
C THR B 240 -60.72 51.80 -21.87
N ILE B 241 -60.46 51.54 -20.59
CA ILE B 241 -59.14 51.09 -20.12
C ILE B 241 -59.31 49.84 -19.22
N ASN B 242 -59.04 48.68 -19.80
CA ASN B 242 -59.15 47.37 -19.09
C ASN B 242 -58.08 47.19 -18.00
N ALA B 243 -58.50 47.22 -16.73
CA ALA B 243 -57.62 46.94 -15.60
C ALA B 243 -57.47 45.41 -15.43
N PHE B 244 -56.46 44.99 -14.66
CA PHE B 244 -56.17 43.57 -14.40
C PHE B 244 -56.00 43.31 -12.90
N THR B 245 -56.71 42.29 -12.39
CA THR B 245 -56.56 41.88 -11.00
C THR B 245 -56.75 40.36 -10.81
N THR B 246 -56.17 39.86 -9.74
CA THR B 246 -56.41 38.51 -9.22
C THR B 246 -57.53 38.53 -8.17
N ARG B 247 -57.64 39.64 -7.41
CA ARG B 247 -58.72 39.85 -6.44
C ARG B 247 -59.94 40.54 -7.09
N LEU B 248 -60.55 39.91 -8.08
CA LEU B 248 -61.75 40.48 -8.73
C LEU B 248 -62.84 40.69 -7.66
N ASP B 249 -62.92 39.72 -6.74
CA ASP B 249 -63.77 39.79 -5.55
C ASP B 249 -63.93 41.21 -4.95
N THR B 250 -62.86 41.99 -4.86
CA THR B 250 -62.93 43.35 -4.30
C THR B 250 -63.29 44.47 -5.32
N LEU B 251 -64.03 44.14 -6.39
CA LEU B 251 -64.32 45.10 -7.50
C LEU B 251 -65.13 46.34 -7.11
N ALA B 252 -66.20 46.13 -6.35
CA ALA B 252 -67.02 47.22 -5.81
C ALA B 252 -66.26 48.01 -4.73
N GLY B 253 -65.27 47.37 -4.10
CA GLY B 253 -64.41 48.03 -3.13
C GLY B 253 -63.40 49.02 -3.69
N CYS B 254 -63.36 49.24 -5.02
CA CYS B 254 -62.32 50.11 -5.60
C CYS B 254 -62.61 51.59 -5.39
N THR B 255 -61.76 52.25 -4.61
CA THR B 255 -61.79 53.71 -4.45
C THR B 255 -61.23 54.45 -5.70
N PHE B 256 -60.37 53.79 -6.49
CA PHE B 256 -59.72 54.43 -7.65
C PHE B 256 -59.19 53.49 -8.75
N ILE B 257 -58.65 54.10 -9.79
CA ILE B 257 -57.89 53.44 -10.86
C ILE B 257 -56.57 54.19 -10.97
N ALA B 258 -55.48 53.47 -11.26
CA ALA B 258 -54.15 54.08 -11.47
C ALA B 258 -53.45 53.44 -12.67
N LEU B 259 -52.75 54.26 -13.44
CA LEU B 259 -52.14 53.85 -14.71
C LEU B 259 -50.62 53.85 -14.68
N ALA B 260 -50.06 53.10 -15.62
CA ALA B 260 -48.64 53.14 -15.91
C ALA B 260 -48.31 54.33 -16.85
N PRO B 261 -47.34 55.20 -16.45
CA PRO B 261 -46.84 56.33 -17.22
C PRO B 261 -46.62 56.11 -18.72
N GLU B 262 -46.37 54.87 -19.11
CA GLU B 262 -46.09 54.48 -20.51
C GLU B 262 -47.30 53.90 -21.27
N HIS B 263 -48.49 53.92 -20.66
CA HIS B 263 -49.71 53.30 -21.23
C HIS B 263 -50.20 54.04 -22.49
N THR B 264 -50.64 53.30 -23.51
CA THR B 264 -51.04 53.84 -24.82
C THR B 264 -52.02 55.01 -24.68
N ILE B 265 -53.14 54.74 -24.02
CA ILE B 265 -54.18 55.72 -23.82
C ILE B 265 -53.71 56.68 -22.74
N LEU B 266 -53.06 57.73 -23.20
CA LEU B 266 -53.09 59.02 -22.53
C LEU B 266 -53.52 60.01 -23.63
N ASP B 267 -54.81 59.89 -23.99
CA ASP B 267 -55.45 60.65 -25.07
C ASP B 267 -56.98 60.60 -24.97
N ARG B 276 -52.94 69.08 -18.87
CA ARG B 276 -51.83 68.54 -19.66
C ARG B 276 -50.47 69.00 -19.17
N ALA B 277 -50.43 70.03 -18.32
CA ALA B 277 -49.17 70.61 -17.85
C ALA B 277 -48.38 69.57 -17.07
N SER B 278 -48.85 69.26 -15.85
CA SER B 278 -48.09 68.39 -14.95
C SER B 278 -48.23 66.88 -15.25
N VAL B 279 -49.12 66.49 -16.16
CA VAL B 279 -49.19 65.10 -16.65
C VAL B 279 -47.91 64.69 -17.43
N LYS B 280 -47.71 65.32 -18.60
CA LYS B 280 -46.55 65.02 -19.46
C LYS B 280 -45.22 65.35 -18.80
N ASP B 281 -45.24 66.21 -17.79
CA ASP B 281 -44.05 66.50 -16.97
C ASP B 281 -43.79 65.37 -15.96
N TYR B 282 -44.84 64.91 -15.28
CA TYR B 282 -44.71 63.81 -14.31
C TYR B 282 -44.30 62.50 -15.00
N CYS B 283 -45.00 62.16 -16.08
CA CYS B 283 -44.74 60.96 -16.84
C CYS B 283 -43.29 60.92 -17.34
N GLU B 284 -42.87 61.92 -18.08
CA GLU B 284 -41.51 61.93 -18.61
C GLU B 284 -40.48 61.88 -17.48
N SER B 285 -40.85 62.33 -16.28
CA SER B 285 -39.96 62.22 -15.09
C SER B 285 -39.83 60.79 -14.54
N ILE B 286 -40.87 59.96 -14.70
CA ILE B 286 -40.80 58.54 -14.33
C ILE B 286 -40.10 57.76 -15.46
N LEU B 287 -40.57 57.97 -16.69
CA LEU B 287 -40.00 57.33 -17.89
C LEU B 287 -38.51 57.55 -18.12
N VAL B 288 -37.97 58.66 -17.62
CA VAL B 288 -36.52 58.90 -17.62
C VAL B 288 -35.71 57.98 -16.65
N LEU B 289 -36.38 57.32 -15.72
CA LEU B 289 -35.66 56.55 -14.70
C LEU B 289 -35.11 55.25 -15.27
N SER B 290 -33.97 54.84 -14.74
CA SER B 290 -33.41 53.53 -15.04
C SER B 290 -34.41 52.43 -14.56
N SER B 291 -34.27 51.21 -15.07
CA SER B 291 -35.15 50.11 -14.70
C SER B 291 -35.04 49.78 -13.21
N GLU B 292 -33.81 49.76 -12.67
CA GLU B 292 -33.49 49.75 -11.21
C GLU B 292 -34.24 50.81 -10.37
N GLU B 293 -33.99 52.10 -10.63
CA GLU B 293 -34.65 53.25 -9.94
C GLU B 293 -36.17 53.21 -10.03
N ARG B 294 -36.69 52.70 -11.15
CA ARG B 294 -38.14 52.61 -11.43
C ARG B 294 -38.87 51.65 -10.51
N SER B 295 -38.12 50.69 -9.92
CA SER B 295 -38.68 49.68 -9.00
C SER B 295 -38.61 50.08 -7.52
N ALA B 296 -37.63 50.90 -7.14
CA ALA B 296 -37.38 51.27 -5.74
C ALA B 296 -37.87 52.70 -5.38
N GLY B 297 -37.41 53.22 -4.24
CA GLY B 297 -37.71 54.58 -3.79
C GLY B 297 -39.14 54.81 -3.34
N ALA B 298 -39.50 56.08 -3.15
CA ALA B 298 -40.84 56.48 -2.70
C ALA B 298 -41.90 56.28 -3.77
N LYS B 299 -43.15 56.09 -3.37
CA LYS B 299 -44.27 56.04 -4.31
C LYS B 299 -44.82 57.44 -4.60
N SER B 300 -45.22 57.64 -5.86
CA SER B 300 -45.58 58.96 -6.41
C SER B 300 -46.72 58.79 -7.39
N GLY B 301 -47.19 59.90 -7.96
CA GLY B 301 -48.39 59.90 -8.79
C GLY B 301 -48.96 61.29 -9.09
N ILE B 302 -49.89 61.34 -10.04
CA ILE B 302 -50.57 62.57 -10.43
C ILE B 302 -52.03 62.27 -10.78
N PHE B 303 -52.95 63.03 -10.17
CA PHE B 303 -54.38 62.95 -10.50
C PHE B 303 -54.54 63.40 -11.94
N THR B 304 -55.24 62.59 -12.74
CA THR B 304 -55.42 62.90 -14.15
C THR B 304 -56.21 64.18 -14.34
N GLY B 305 -57.21 64.37 -13.47
CA GLY B 305 -58.24 65.37 -13.66
C GLY B 305 -59.51 64.60 -13.96
N LEU B 306 -59.47 63.79 -15.02
CA LEU B 306 -60.64 63.05 -15.53
C LEU B 306 -61.12 61.94 -14.55
N MET B 307 -62.20 61.26 -14.93
CA MET B 307 -62.81 60.18 -14.13
C MET B 307 -63.47 59.10 -15.01
N VAL B 308 -63.74 57.95 -14.39
CA VAL B 308 -63.92 56.69 -15.11
C VAL B 308 -64.85 55.73 -14.33
N VAL B 309 -65.50 54.80 -15.04
CA VAL B 309 -66.66 54.02 -14.51
C VAL B 309 -66.39 52.52 -14.25
N ASN B 310 -66.93 52.03 -13.12
CA ASN B 310 -66.90 50.61 -12.68
C ASN B 310 -68.21 49.91 -13.13
N PRO B 311 -68.18 49.09 -14.22
CA PRO B 311 -69.45 48.63 -14.85
C PRO B 311 -70.27 47.55 -14.10
N LEU B 312 -69.78 47.04 -12.97
CA LEU B 312 -70.64 46.35 -11.99
C LEU B 312 -71.49 47.42 -11.30
N ASN B 313 -70.82 48.22 -10.47
CA ASN B 313 -71.45 49.26 -9.65
C ASN B 313 -72.18 50.34 -10.48
N GLN B 314 -71.71 50.55 -11.72
CA GLN B 314 -72.23 51.55 -12.69
C GLN B 314 -72.23 52.95 -12.07
N GLU B 315 -71.02 53.39 -11.76
CA GLU B 315 -70.78 54.42 -10.75
C GLU B 315 -69.33 54.94 -10.86
N ARG B 316 -69.13 56.25 -10.71
CA ARG B 316 -67.89 56.95 -11.13
C ARG B 316 -66.72 56.88 -10.13
N VAL B 317 -65.51 56.82 -10.69
CA VAL B 317 -64.27 56.52 -9.95
C VAL B 317 -63.11 57.44 -10.43
N PRO B 318 -62.21 57.87 -9.51
CA PRO B 318 -61.08 58.73 -9.93
C PRO B 318 -59.94 58.00 -10.68
N LEU B 319 -59.35 58.66 -11.68
CA LEU B 319 -58.23 58.11 -12.46
C LEU B 319 -56.92 58.85 -12.13
N TYR B 320 -55.83 58.08 -12.04
CA TYR B 320 -54.49 58.57 -11.67
C TYR B 320 -53.42 57.99 -12.62
N VAL B 321 -52.17 58.45 -12.43
CA VAL B 321 -50.99 57.92 -13.12
C VAL B 321 -49.94 57.78 -12.02
N ALA B 322 -49.53 56.54 -11.72
CA ALA B 322 -48.61 56.25 -10.60
C ALA B 322 -47.42 55.40 -11.04
N ASN B 323 -46.29 55.61 -10.35
CA ASN B 323 -45.02 54.94 -10.64
C ASN B 323 -44.97 53.45 -10.23
N TYR B 324 -45.71 53.12 -9.16
CA TYR B 324 -45.75 51.77 -8.60
C TYR B 324 -46.56 50.80 -9.48
N VAL B 325 -47.18 51.28 -10.56
CA VAL B 325 -47.73 50.38 -11.56
C VAL B 325 -46.58 50.06 -12.49
N MET B 326 -46.22 48.77 -12.54
CA MET B 326 -45.09 48.36 -13.35
C MET B 326 -45.59 48.02 -14.76
N PRO B 327 -44.94 48.58 -15.77
CA PRO B 327 -45.38 48.39 -17.15
C PRO B 327 -45.24 46.95 -17.76
N ASP B 328 -44.45 46.06 -17.17
CA ASP B 328 -44.26 44.72 -17.74
C ASP B 328 -45.17 43.61 -17.18
N PHE B 329 -46.20 44.00 -16.41
CA PHE B 329 -47.12 43.04 -15.78
C PHE B 329 -48.55 43.38 -16.16
N GLY B 330 -49.28 42.37 -16.63
CA GLY B 330 -50.66 42.56 -17.08
C GLY B 330 -50.83 43.68 -18.09
N THR B 331 -51.91 44.45 -17.92
CA THR B 331 -52.33 45.47 -18.89
C THR B 331 -51.73 46.86 -18.65
N GLY B 332 -51.19 47.09 -17.44
CA GLY B 332 -50.61 48.39 -17.08
C GLY B 332 -51.64 49.34 -16.49
N ALA B 333 -52.79 48.79 -16.09
CA ALA B 333 -53.82 49.48 -15.32
C ALA B 333 -54.12 48.65 -14.06
N VAL B 334 -54.21 49.31 -12.91
CA VAL B 334 -54.59 48.64 -11.65
C VAL B 334 -55.88 49.25 -11.06
N ILE B 335 -56.34 48.70 -9.94
CA ILE B 335 -57.74 48.78 -9.53
C ILE B 335 -57.78 48.72 -8.00
N GLY B 336 -57.50 49.86 -7.37
CA GLY B 336 -57.01 49.90 -5.98
C GLY B 336 -58.00 49.87 -4.80
N VAL B 337 -57.56 49.21 -3.72
CA VAL B 337 -58.33 49.07 -2.47
C VAL B 337 -57.38 49.04 -1.25
N PRO B 338 -57.48 50.05 -0.35
CA PRO B 338 -56.94 49.92 1.02
C PRO B 338 -58.00 49.47 2.05
N ASP B 341 -54.46 45.19 0.28
CA ASP B 341 -53.64 45.51 -0.88
C ASP B 341 -52.86 46.77 -0.49
N GLU B 342 -51.77 46.58 0.23
CA GLU B 342 -51.02 47.69 0.83
C GLU B 342 -49.98 48.37 -0.10
N ARG B 343 -50.02 48.06 -1.39
CA ARG B 343 -49.51 48.94 -2.45
C ARG B 343 -50.40 50.18 -2.51
N ASP B 344 -51.70 49.93 -2.65
CA ASP B 344 -52.70 50.97 -2.89
C ASP B 344 -52.99 51.82 -1.64
N ALA B 345 -52.68 51.28 -0.47
CA ALA B 345 -52.84 52.00 0.81
C ALA B 345 -51.86 53.15 0.97
N ASP B 346 -50.59 52.93 0.61
CA ASP B 346 -49.58 54.00 0.66
C ASP B 346 -49.86 55.06 -0.43
N PHE B 347 -50.51 54.64 -1.52
CA PHE B 347 -50.89 55.58 -2.58
C PHE B 347 -52.11 56.46 -2.23
N GLY B 348 -53.16 55.85 -1.70
CA GLY B 348 -54.40 56.56 -1.25
C GLY B 348 -54.19 57.71 -0.26
N ALA B 349 -53.17 57.56 0.60
CA ALA B 349 -52.64 58.66 1.42
C ALA B 349 -51.64 59.53 0.62
N LEU B 350 -52.15 60.37 -0.29
CA LEU B 350 -51.35 61.39 -1.01
C LEU B 350 -52.25 62.34 -1.83
N THR B 386 -63.69 35.02 1.85
CA THR B 386 -65.13 35.09 1.62
C THR B 386 -65.42 35.39 0.12
N SER B 387 -64.62 34.78 -0.78
CA SER B 387 -64.36 35.35 -2.13
C SER B 387 -64.37 34.47 -3.41
N SER B 388 -63.99 33.19 -3.34
CA SER B 388 -63.63 32.40 -4.55
C SER B 388 -64.75 32.22 -5.57
N ALA B 389 -65.86 31.63 -5.13
CA ALA B 389 -67.04 31.48 -5.99
C ALA B 389 -67.75 32.80 -6.29
N ALA B 390 -67.36 33.89 -5.61
CA ALA B 390 -67.73 35.26 -6.00
C ALA B 390 -67.07 35.66 -7.33
N ARG B 391 -65.79 35.31 -7.48
CA ARG B 391 -65.03 35.55 -8.72
C ARG B 391 -65.64 34.79 -9.92
N GLU B 392 -66.13 33.57 -9.67
CA GLU B 392 -66.85 32.76 -10.69
C GLU B 392 -68.06 33.50 -11.30
N ILE B 393 -69.04 33.88 -10.46
CA ILE B 393 -70.28 34.57 -10.91
C ILE B 393 -70.05 36.00 -11.44
N LEU B 394 -69.11 36.73 -10.85
CA LEU B 394 -68.75 38.09 -11.31
C LEU B 394 -68.38 38.13 -12.81
N ILE B 395 -67.42 37.27 -13.19
CA ILE B 395 -66.93 37.21 -14.57
C ILE B 395 -67.96 36.65 -15.56
N ALA B 396 -68.90 35.85 -15.06
CA ALA B 396 -70.02 35.38 -15.87
C ALA B 396 -70.88 36.56 -16.31
N HIS B 397 -71.28 37.39 -15.35
CA HIS B 397 -72.04 38.63 -15.61
C HIS B 397 -71.30 39.55 -16.58
N LEU B 398 -70.00 39.73 -16.33
CA LEU B 398 -69.19 40.65 -17.10
C LEU B 398 -68.95 40.13 -18.54
N SER B 399 -68.58 38.86 -18.69
CA SER B 399 -68.24 38.30 -20.01
C SER B 399 -69.44 38.11 -20.94
N GLU B 400 -70.59 37.73 -20.39
CA GLU B 400 -71.82 37.51 -21.19
C GLU B 400 -72.45 38.83 -21.69
N LYS B 401 -72.18 39.94 -21.00
CA LYS B 401 -72.51 41.29 -21.48
C LYS B 401 -71.24 42.12 -21.79
N LEU B 402 -70.32 41.50 -22.56
CA LEU B 402 -69.13 42.15 -23.15
C LEU B 402 -68.53 43.35 -22.37
N GLU B 403 -68.27 43.16 -21.08
CA GLU B 403 -67.74 44.23 -20.20
C GLU B 403 -66.65 43.69 -19.24
N GLY B 404 -65.81 42.78 -19.75
CA GLY B 404 -64.81 42.04 -18.96
C GLY B 404 -64.61 40.61 -19.43
N GLN B 405 -63.58 39.93 -18.89
CA GLN B 405 -63.29 38.51 -19.21
C GLN B 405 -62.14 37.86 -18.39
N LYS B 406 -61.99 36.54 -18.53
CA LYS B 406 -60.87 35.77 -17.98
C LYS B 406 -59.58 36.16 -18.69
N SER B 407 -58.54 36.44 -17.93
CA SER B 407 -57.30 37.00 -18.46
C SER B 407 -56.10 36.09 -18.16
N THR B 408 -55.36 35.74 -19.22
CA THR B 408 -54.06 35.04 -19.07
C THR B 408 -52.91 36.01 -19.43
N GLN B 409 -52.06 36.33 -18.44
CA GLN B 409 -50.90 37.24 -18.64
C GLN B 409 -49.54 36.54 -18.52
N TYR B 410 -48.55 37.04 -19.25
CA TYR B 410 -47.21 36.45 -19.27
C TYR B 410 -46.17 37.49 -18.93
N ARG B 411 -45.21 37.16 -18.08
CA ARG B 411 -44.05 38.03 -17.81
C ARG B 411 -43.10 38.20 -19.03
N LEU B 412 -42.96 37.12 -19.79
CA LEU B 412 -42.15 37.04 -21.01
C LEU B 412 -42.42 38.24 -21.94
N GLN B 413 -41.36 38.94 -22.30
CA GLN B 413 -41.49 40.03 -23.30
C GLN B 413 -41.10 39.52 -24.70
N ASN B 414 -41.70 40.06 -25.73
CA ASN B 414 -41.21 39.74 -27.07
C ASN B 414 -39.76 40.14 -27.21
N TRP B 415 -39.07 39.35 -28.04
CA TRP B 415 -37.61 39.34 -28.11
C TRP B 415 -37.08 40.41 -29.10
N SER B 416 -36.49 41.48 -28.59
CA SER B 416 -35.68 42.45 -29.36
C SER B 416 -34.42 41.83 -29.87
N ILE B 417 -34.26 41.84 -31.18
CA ILE B 417 -33.09 41.30 -31.87
C ILE B 417 -32.22 42.30 -32.60
N SER B 418 -32.73 43.50 -32.82
CA SER B 418 -31.96 44.53 -33.50
C SER B 418 -31.02 45.26 -32.55
N ARG B 419 -29.78 45.37 -32.99
CA ARG B 419 -28.71 45.93 -32.22
C ARG B 419 -28.05 47.06 -33.02
N GLN B 420 -27.73 48.18 -32.36
CA GLN B 420 -27.08 49.34 -33.04
C GLN B 420 -25.62 49.14 -32.96
N ARG B 421 -25.20 48.08 -33.62
CA ARG B 421 -23.80 47.63 -33.55
C ARG B 421 -23.33 47.17 -34.92
N TYR B 422 -22.05 47.33 -35.17
CA TYR B 422 -21.38 46.87 -36.36
C TYR B 422 -21.27 45.31 -36.46
N TRP B 423 -20.81 44.67 -35.37
CA TRP B 423 -20.27 43.32 -35.47
C TRP B 423 -21.38 42.34 -35.17
N GLY B 424 -22.24 42.17 -36.17
CA GLY B 424 -23.32 41.15 -36.15
C GLY B 424 -23.89 40.97 -37.53
N CYS B 425 -24.85 40.11 -37.63
CA CYS B 425 -25.43 39.75 -38.93
C CYS B 425 -26.31 40.88 -39.46
N PRO B 426 -26.03 41.44 -40.68
CA PRO B 426 -26.94 42.46 -41.14
C PRO B 426 -28.36 42.01 -41.30
N ILE B 427 -29.30 42.91 -40.99
CA ILE B 427 -30.72 42.68 -41.15
C ILE B 427 -31.05 42.93 -42.64
N PRO B 428 -31.55 41.89 -43.38
CA PRO B 428 -31.64 41.87 -44.85
C PRO B 428 -32.95 42.54 -45.33
N ILE B 429 -33.06 43.80 -44.94
CA ILE B 429 -34.25 44.63 -45.16
C ILE B 429 -33.78 45.96 -45.78
N ILE B 430 -34.57 46.43 -46.74
CA ILE B 430 -34.39 47.74 -47.32
C ILE B 430 -35.55 48.61 -46.93
N HIS B 431 -35.28 49.83 -46.48
CA HIS B 431 -36.35 50.77 -46.14
C HIS B 431 -36.52 51.82 -47.25
N CYS B 432 -37.74 51.88 -47.77
CA CYS B 432 -38.08 52.67 -48.94
C CYS B 432 -39.08 53.69 -48.49
N SER B 433 -38.83 54.98 -48.79
CA SER B 433 -39.78 56.04 -48.44
C SER B 433 -41.16 55.82 -49.11
N GLU B 434 -41.18 55.36 -50.36
CA GLU B 434 -42.44 54.93 -51.04
C GLU B 434 -43.03 53.66 -50.38
N CYS B 435 -42.36 52.52 -50.55
CA CYS B 435 -42.95 51.20 -50.28
C CYS B 435 -42.92 50.70 -48.83
N GLY B 436 -42.10 51.32 -47.97
CA GLY B 436 -41.95 50.83 -46.58
C GLY B 436 -40.83 49.80 -46.44
N THR B 437 -41.03 48.77 -45.60
CA THR B 437 -39.94 47.84 -45.27
C THR B 437 -39.98 46.70 -46.28
N ILE B 438 -38.90 46.48 -47.00
CA ILE B 438 -38.90 45.50 -48.08
C ILE B 438 -37.77 44.51 -47.92
N PRO B 439 -38.07 43.23 -48.10
CA PRO B 439 -37.04 42.24 -48.09
C PRO B 439 -36.02 42.44 -49.18
N VAL B 440 -34.76 42.24 -48.85
CA VAL B 440 -33.75 42.13 -49.87
C VAL B 440 -34.13 40.89 -50.69
N ALA B 441 -33.94 40.97 -51.99
CA ALA B 441 -34.23 39.87 -52.89
C ALA B 441 -33.21 38.78 -52.67
N GLU B 442 -33.66 37.53 -52.77
CA GLU B 442 -32.80 36.37 -52.50
C GLU B 442 -31.52 36.37 -53.33
N GLU B 443 -31.63 36.85 -54.57
CA GLU B 443 -30.47 37.04 -55.46
C GLU B 443 -29.35 37.91 -54.87
N GLN B 444 -29.72 38.94 -54.10
CA GLN B 444 -28.75 39.85 -53.47
C GLN B 444 -28.10 39.32 -52.19
N LEU B 445 -28.67 38.26 -51.62
CA LEU B 445 -28.10 37.66 -50.41
C LEU B 445 -26.78 36.97 -50.59
N PRO B 446 -25.86 37.06 -49.62
CA PRO B 446 -26.01 37.74 -48.36
C PRO B 446 -25.65 39.23 -48.40
N ILE B 447 -26.32 40.02 -47.55
CA ILE B 447 -25.82 41.37 -47.22
C ILE B 447 -24.70 41.24 -46.19
N LEU B 448 -23.48 41.42 -46.66
CA LEU B 448 -22.30 41.41 -45.83
C LEU B 448 -21.95 42.80 -45.27
N LEU B 449 -21.27 42.78 -44.11
CA LEU B 449 -20.77 43.99 -43.52
C LEU B 449 -19.80 44.68 -44.43
N PRO B 450 -19.71 46.03 -44.34
CA PRO B 450 -18.57 46.66 -45.04
C PRO B 450 -17.29 46.29 -44.29
N ASP B 451 -16.13 46.19 -44.96
CA ASP B 451 -14.90 45.90 -44.25
C ASP B 451 -14.45 46.92 -43.21
N HIS B 452 -14.78 48.20 -43.42
CA HIS B 452 -14.29 49.29 -42.54
C HIS B 452 -15.38 49.62 -41.62
N LEU B 453 -15.02 49.90 -40.38
CA LEU B 453 -15.99 50.25 -39.38
C LEU B 453 -15.75 51.71 -39.04
N ILE B 454 -16.83 52.44 -38.85
CA ILE B 454 -16.72 53.86 -38.51
C ILE B 454 -17.06 53.98 -37.00
N SER B 455 -16.09 54.37 -36.18
CA SER B 455 -16.18 54.24 -34.73
C SER B 455 -16.70 55.50 -34.04
N GLU B 456 -17.04 56.52 -34.79
CA GLU B 456 -17.64 57.70 -34.15
C GLU B 456 -18.66 58.28 -35.06
N GLY B 457 -19.63 58.98 -34.48
CA GLY B 457 -20.64 59.65 -35.26
C GLY B 457 -21.97 59.40 -34.67
N SER B 458 -23.00 59.74 -35.41
CA SER B 458 -24.40 59.62 -34.97
C SER B 458 -25.02 58.26 -35.35
N GLY B 459 -26.13 57.93 -34.73
CA GLY B 459 -26.85 56.68 -34.98
C GLY B 459 -26.02 55.42 -34.79
N SER B 460 -26.47 54.37 -35.45
CA SER B 460 -25.76 53.08 -35.36
C SER B 460 -24.48 53.14 -36.18
N PRO B 461 -23.51 52.25 -35.91
CA PRO B 461 -22.27 52.29 -36.69
C PRO B 461 -22.48 52.10 -38.21
N LEU B 462 -23.43 51.26 -38.61
CA LEU B 462 -23.59 51.02 -40.07
C LEU B 462 -24.21 52.22 -40.74
N SER B 463 -25.13 52.91 -40.04
CA SER B 463 -25.77 54.11 -40.52
C SER B 463 -24.80 55.23 -40.95
N ARG B 464 -23.56 55.19 -40.51
CA ARG B 464 -22.57 56.21 -40.79
C ARG B 464 -21.88 55.97 -42.11
N ASP B 465 -22.18 54.82 -42.72
CA ASP B 465 -21.47 54.38 -43.90
C ASP B 465 -22.41 54.58 -45.02
N GLU B 466 -22.29 55.73 -45.68
CA GLU B 466 -23.25 56.15 -46.68
C GLU B 466 -23.26 55.29 -47.91
N SER B 467 -22.12 54.82 -48.43
CA SER B 467 -22.19 53.97 -49.60
C SER B 467 -22.72 52.59 -49.24
N TRP B 468 -22.31 52.04 -48.09
CA TRP B 468 -22.96 50.73 -47.67
C TRP B 468 -24.46 50.89 -47.50
N MET B 469 -24.92 51.99 -46.91
CA MET B 469 -26.36 52.18 -46.71
C MET B 469 -27.27 52.35 -47.96
N LYS B 470 -26.69 52.85 -49.05
CA LYS B 470 -27.42 53.05 -50.32
C LYS B 470 -27.87 51.75 -50.92
N ALA B 471 -29.16 51.68 -51.25
CA ALA B 471 -29.73 50.49 -51.84
C ALA B 471 -30.93 50.81 -52.75
N LYS B 472 -31.07 50.05 -53.83
CA LYS B 472 -32.29 50.13 -54.62
C LYS B 472 -33.44 49.41 -53.93
N CYS B 473 -34.59 50.05 -53.86
CA CYS B 473 -35.78 49.39 -53.40
C CYS B 473 -36.09 48.24 -54.37
N PRO B 474 -36.17 46.98 -53.86
CA PRO B 474 -36.42 45.83 -54.78
C PRO B 474 -37.85 45.76 -55.34
N GLN B 475 -38.79 46.50 -54.72
CA GLN B 475 -40.15 46.64 -55.23
C GLN B 475 -40.25 47.72 -56.35
N CYS B 476 -39.96 48.99 -56.04
CA CYS B 476 -40.10 50.07 -57.04
C CYS B 476 -38.85 50.35 -57.88
N GLY B 477 -37.66 50.06 -57.36
CA GLY B 477 -36.43 50.45 -58.04
C GLY B 477 -35.89 51.83 -57.65
N GLY B 478 -36.61 52.61 -56.86
CA GLY B 478 -36.10 53.92 -56.32
C GLY B 478 -34.85 53.82 -55.44
N ASP B 479 -34.33 54.98 -55.01
CA ASP B 479 -33.21 55.05 -54.04
C ASP B 479 -33.76 54.90 -52.62
N ALA B 480 -33.15 54.02 -51.85
CA ALA B 480 -33.67 53.65 -50.51
C ALA B 480 -32.50 53.35 -49.57
N ALA B 481 -32.77 52.79 -48.38
CA ALA B 481 -31.72 52.64 -47.38
C ALA B 481 -31.74 51.21 -46.74
N ARG B 482 -30.57 50.64 -46.52
CA ARG B 482 -30.50 49.35 -45.80
C ARG B 482 -30.93 49.58 -44.37
N ASP B 483 -31.35 48.51 -43.71
CA ASP B 483 -31.55 48.58 -42.28
C ASP B 483 -30.20 48.87 -41.63
N PRO B 484 -30.12 49.89 -40.73
CA PRO B 484 -28.84 50.23 -40.12
C PRO B 484 -28.36 49.29 -38.96
N ASP B 485 -29.18 48.30 -38.58
CA ASP B 485 -28.95 47.47 -37.35
C ASP B 485 -28.59 46.04 -37.70
N THR B 486 -27.98 45.36 -36.72
CA THR B 486 -27.53 44.00 -36.87
C THR B 486 -28.31 43.06 -35.92
N MET B 487 -28.19 41.78 -36.18
CA MET B 487 -28.89 40.82 -35.34
C MET B 487 -28.10 40.53 -34.06
N ASP B 488 -28.79 40.46 -32.97
CA ASP B 488 -28.15 39.97 -31.72
C ASP B 488 -27.51 38.56 -31.84
N THR B 489 -26.36 38.37 -31.19
CA THR B 489 -25.64 37.08 -31.10
C THR B 489 -26.55 35.87 -30.73
N PHE B 490 -27.60 36.08 -29.95
CA PHE B 490 -28.48 34.98 -29.61
C PHE B 490 -29.42 34.53 -30.72
N VAL B 491 -29.50 35.31 -31.79
CA VAL B 491 -30.15 34.83 -33.02
C VAL B 491 -29.25 33.80 -33.62
N ASP B 492 -27.94 34.07 -33.77
CA ASP B 492 -27.04 33.13 -34.38
C ASP B 492 -27.12 31.74 -33.63
N SER B 493 -27.02 31.81 -32.33
CA SER B 493 -26.87 30.65 -31.52
C SER B 493 -28.20 29.98 -31.24
N SER B 494 -29.35 30.53 -31.70
CA SER B 494 -30.61 29.91 -31.48
C SER B 494 -30.90 28.68 -32.36
N TRP B 495 -30.14 28.49 -33.43
CA TRP B 495 -30.37 27.44 -34.40
C TRP B 495 -29.06 26.82 -34.94
N TYR B 496 -27.89 27.20 -34.43
CA TYR B 496 -26.62 26.71 -35.01
C TYR B 496 -26.45 25.20 -35.04
N PHE B 497 -27.03 24.55 -34.03
CA PHE B 497 -27.00 23.12 -33.88
C PHE B 497 -27.73 22.42 -35.05
N LEU B 498 -28.73 23.09 -35.64
CA LEU B 498 -29.32 22.64 -36.90
C LEU B 498 -28.52 22.89 -38.17
N ARG B 499 -27.40 23.62 -38.08
CA ARG B 499 -26.58 23.96 -39.22
C ARG B 499 -25.39 23.09 -39.35
N TYR B 500 -24.86 22.64 -38.21
CA TYR B 500 -23.68 21.77 -38.21
C TYR B 500 -23.81 20.57 -39.18
N PRO B 501 -25.03 20.02 -39.36
CA PRO B 501 -25.04 18.84 -40.25
C PRO B 501 -24.68 19.11 -41.71
N SER B 502 -24.92 20.34 -42.24
CA SER B 502 -24.33 20.73 -43.54
C SER B 502 -24.04 22.22 -43.54
N PRO B 503 -22.83 22.58 -43.13
CA PRO B 503 -22.59 23.92 -42.75
C PRO B 503 -22.21 24.85 -43.92
N SER B 504 -22.09 24.30 -45.13
CA SER B 504 -21.84 25.13 -46.29
C SER B 504 -22.96 25.13 -47.31
N SER B 505 -24.13 24.62 -46.95
CA SER B 505 -25.23 24.53 -47.91
C SER B 505 -25.93 25.88 -48.16
N PRO B 506 -26.35 26.15 -49.42
CA PRO B 506 -27.12 27.33 -49.74
C PRO B 506 -28.53 27.29 -49.18
N ASN B 507 -28.99 26.14 -48.65
CA ASN B 507 -30.21 26.13 -47.86
C ASN B 507 -29.83 26.20 -46.36
N PRO B 508 -30.59 26.89 -45.54
CA PRO B 508 -30.13 27.07 -44.17
C PRO B 508 -30.00 25.70 -43.46
N ILE B 509 -31.05 24.90 -43.57
CA ILE B 509 -31.13 23.60 -42.89
C ILE B 509 -31.48 22.40 -43.84
N ASP B 510 -30.67 21.35 -43.77
CA ASP B 510 -30.85 20.14 -44.53
C ASP B 510 -31.85 19.28 -43.73
N SER B 511 -33.14 19.41 -44.06
CA SER B 511 -34.22 18.71 -43.37
C SER B 511 -33.96 17.21 -43.25
N SER B 512 -33.49 16.60 -44.32
CA SER B 512 -33.41 15.17 -44.33
C SER B 512 -32.25 14.69 -43.41
N LEU B 513 -31.09 15.37 -43.41
CA LEU B 513 -30.01 15.07 -42.44
C LEU B 513 -30.41 15.35 -40.99
N CYS B 514 -30.95 16.55 -40.75
CA CYS B 514 -31.34 17.02 -39.44
C CYS B 514 -32.36 16.16 -38.76
N ASN B 515 -33.35 15.71 -39.51
CA ASN B 515 -34.37 14.86 -38.93
C ASN B 515 -33.86 13.45 -38.54
N LYS B 516 -32.72 13.05 -39.08
CA LYS B 516 -32.05 11.82 -38.67
C LYS B 516 -31.10 12.06 -37.52
N ILE B 517 -30.28 13.11 -37.55
CA ILE B 517 -29.24 13.31 -36.50
C ILE B 517 -29.75 14.02 -35.21
N ALA B 518 -30.74 14.89 -35.34
CA ALA B 518 -31.30 15.67 -34.27
C ALA B 518 -32.70 15.13 -33.94
N PRO B 519 -33.30 15.42 -32.77
CA PRO B 519 -32.74 16.27 -31.71
C PRO B 519 -31.41 15.81 -31.15
N ALA B 520 -30.62 16.75 -30.63
CA ALA B 520 -29.36 16.36 -30.03
C ALA B 520 -29.63 15.40 -28.84
N ASP B 521 -28.93 14.31 -28.75
CA ASP B 521 -29.12 13.40 -27.61
C ASP B 521 -28.61 14.02 -26.32
N VAL B 522 -27.43 14.59 -26.38
CA VAL B 522 -26.77 15.15 -25.21
C VAL B 522 -26.29 16.56 -25.57
N TYR B 523 -26.64 17.54 -24.73
CA TYR B 523 -26.13 18.90 -24.79
C TYR B 523 -25.51 19.31 -23.45
N ILE B 524 -24.28 19.71 -23.48
CA ILE B 524 -23.49 20.03 -22.30
C ILE B 524 -23.14 21.51 -22.28
N GLY B 525 -23.65 22.25 -21.29
CA GLY B 525 -23.21 23.61 -21.08
C GLY B 525 -23.76 24.27 -19.83
N GLY B 526 -23.34 25.49 -19.59
CA GLY B 526 -23.57 26.16 -18.33
C GLY B 526 -24.99 26.61 -18.10
N ILE B 527 -25.37 26.61 -16.83
CA ILE B 527 -26.68 26.98 -16.39
C ILE B 527 -26.90 28.46 -16.53
N GLU B 528 -25.84 29.24 -16.60
CA GLU B 528 -26.02 30.67 -16.97
C GLU B 528 -26.92 30.95 -18.23
N HIS B 529 -27.04 29.99 -19.14
CA HIS B 529 -27.90 30.15 -20.32
C HIS B 529 -29.36 29.77 -20.17
N ALA B 530 -29.78 29.48 -18.94
CA ALA B 530 -31.13 29.01 -18.68
C ALA B 530 -32.21 29.91 -19.22
N THR B 531 -32.04 31.22 -19.10
CA THR B 531 -33.05 32.10 -19.71
C THR B 531 -32.38 33.03 -20.74
N LEU B 532 -31.27 32.58 -21.35
CA LEU B 532 -30.77 33.13 -22.63
C LEU B 532 -30.88 32.06 -23.70
N HIS B 533 -29.78 31.40 -24.09
CA HIS B 533 -29.77 30.51 -25.24
C HIS B 533 -30.75 29.33 -25.09
N LEU B 534 -30.95 28.80 -23.87
CA LEU B 534 -31.83 27.65 -23.65
C LEU B 534 -33.29 28.05 -23.79
N ILE B 535 -33.66 29.32 -23.59
CA ILE B 535 -35.02 29.73 -23.98
C ILE B 535 -35.10 29.91 -25.49
N TYR B 536 -34.21 30.76 -26.03
CA TYR B 536 -34.33 31.11 -27.46
C TYR B 536 -34.27 29.89 -28.43
N SER B 537 -33.29 29.00 -28.20
CA SER B 537 -33.13 27.73 -28.94
C SER B 537 -34.38 26.85 -28.90
N ARG B 538 -35.03 26.75 -27.74
CA ARG B 538 -36.28 25.99 -27.71
C ARG B 538 -37.33 26.72 -28.54
N PHE B 539 -37.38 28.05 -28.42
CA PHE B 539 -38.37 28.82 -29.17
C PHE B 539 -38.17 28.68 -30.70
N ILE B 540 -36.94 28.76 -31.15
CA ILE B 540 -36.68 28.80 -32.60
C ILE B 540 -36.86 27.41 -33.16
N THR B 541 -36.68 26.37 -32.32
CA THR B 541 -36.90 24.99 -32.78
C THR B 541 -38.38 24.74 -33.09
N LYS B 542 -39.24 25.26 -32.23
CA LYS B 542 -40.67 25.16 -32.45
C LYS B 542 -41.10 25.93 -33.68
N VAL B 543 -40.58 27.13 -33.83
CA VAL B 543 -40.87 27.95 -35.00
C VAL B 543 -40.47 27.18 -36.26
N LEU B 544 -39.23 26.68 -36.31
CA LEU B 544 -38.77 25.99 -37.49
C LEU B 544 -39.51 24.68 -37.74
N HIS B 545 -39.93 24.03 -36.66
CA HIS B 545 -40.80 22.85 -36.75
C HIS B 545 -42.10 23.24 -37.45
N ASP B 546 -42.82 24.19 -36.88
CA ASP B 546 -44.07 24.64 -37.51
C ASP B 546 -43.89 25.08 -38.98
N LEU B 547 -42.75 25.63 -39.34
CA LEU B 547 -42.58 26.07 -40.73
C LEU B 547 -42.03 25.01 -41.65
N GLY B 548 -41.77 23.80 -41.18
CA GLY B 548 -41.38 22.69 -42.07
C GLY B 548 -39.92 22.36 -42.19
N TYR B 549 -39.04 23.11 -41.50
CA TYR B 549 -37.62 22.78 -41.66
C TYR B 549 -37.23 21.45 -41.00
N ILE B 550 -37.90 21.13 -39.90
CA ILE B 550 -37.59 19.99 -39.12
C ILE B 550 -38.86 19.36 -38.63
N GLU B 551 -38.79 18.10 -38.16
CA GLU B 551 -40.00 17.37 -37.70
C GLU B 551 -40.05 17.14 -36.19
N PHE B 552 -39.14 17.76 -35.45
CA PHE B 552 -39.07 17.60 -33.99
C PHE B 552 -39.25 18.96 -33.36
N ASP B 553 -39.60 18.97 -32.10
CA ASP B 553 -40.15 20.15 -31.44
C ASP B 553 -39.28 20.63 -30.31
N GLU B 554 -38.21 19.89 -30.00
CA GLU B 554 -37.34 20.24 -28.88
C GLU B 554 -35.95 19.95 -29.32
N PRO B 555 -35.01 20.89 -29.09
CA PRO B 555 -33.68 20.73 -29.65
C PRO B 555 -32.81 19.73 -28.95
N PHE B 556 -32.96 19.59 -27.63
CA PHE B 556 -31.96 18.88 -26.83
C PHE B 556 -32.68 17.87 -25.87
N VAL B 557 -32.39 16.60 -26.02
CA VAL B 557 -33.08 15.57 -25.23
C VAL B 557 -32.63 15.63 -23.77
N GLU B 558 -31.34 15.43 -23.57
CA GLU B 558 -30.68 15.47 -22.27
C GLU B 558 -29.73 16.72 -22.21
N LEU B 559 -29.91 17.58 -21.20
CA LEU B 559 -29.06 18.70 -20.88
C LEU B 559 -28.28 18.43 -19.60
N TYR B 560 -26.96 18.54 -19.69
CA TYR B 560 -26.09 18.50 -18.57
C TYR B 560 -25.36 19.84 -18.39
N ASN B 561 -25.42 20.36 -17.18
CA ASN B 561 -24.77 21.61 -16.81
C ASN B 561 -23.47 21.40 -16.05
N GLN B 562 -22.32 21.39 -16.73
CA GLN B 562 -21.05 21.28 -16.04
C GLN B 562 -20.90 22.39 -14.96
N GLY B 563 -20.24 22.03 -13.87
CA GLY B 563 -19.89 22.99 -12.84
C GLY B 563 -18.84 24.00 -13.27
N MET B 564 -18.91 25.15 -12.62
N MET B 564 -18.91 25.19 -12.68
CA MET B 564 -17.90 26.20 -12.66
CA MET B 564 -17.94 26.25 -13.02
C MET B 564 -16.46 25.73 -12.39
C MET B 564 -16.56 25.96 -12.40
N VAL B 565 -15.50 26.20 -13.20
CA VAL B 565 -14.15 26.11 -12.79
C VAL B 565 -13.69 27.49 -12.31
N ASN B 566 -13.20 27.52 -11.06
CA ASN B 566 -12.82 28.73 -10.34
C ASN B 566 -11.34 28.66 -10.13
N ASP B 567 -10.77 29.70 -9.51
CA ASP B 567 -9.33 29.63 -9.15
C ASP B 567 -9.19 28.80 -7.82
N VAL B 568 -7.96 28.65 -7.31
CA VAL B 568 -7.71 27.84 -6.09
C VAL B 568 -8.47 28.26 -4.87
N HIS B 569 -8.79 29.56 -4.76
CA HIS B 569 -9.52 30.13 -3.61
C HIS B 569 -10.99 30.20 -3.87
N GLY B 570 -11.45 29.59 -4.97
CA GLY B 570 -12.91 29.58 -5.25
C GLY B 570 -13.43 30.86 -5.87
N ARG B 571 -12.56 31.73 -6.37
CA ARG B 571 -13.07 32.96 -7.08
C ARG B 571 -13.25 32.66 -8.57
N LYS B 572 -14.34 33.14 -9.13
CA LYS B 572 -14.45 33.17 -10.61
C LYS B 572 -13.13 33.68 -11.27
N GLN B 573 -12.68 32.98 -12.31
CA GLN B 573 -11.50 33.37 -13.07
C GLN B 573 -11.86 34.56 -13.94
N SER B 574 -10.97 35.55 -13.97
CA SER B 574 -11.17 36.75 -14.85
C SER B 574 -9.91 37.54 -14.98
N LYS B 575 -9.84 38.26 -16.11
CA LYS B 575 -8.65 39.00 -16.49
C LYS B 575 -8.35 40.00 -15.42
N SER B 576 -9.39 40.66 -14.91
CA SER B 576 -9.25 41.67 -13.85
C SER B 576 -8.65 41.20 -12.52
N LEU B 577 -8.84 39.93 -12.17
CA LEU B 577 -8.18 39.35 -10.97
C LEU B 577 -6.86 38.71 -11.29
N GLY B 578 -6.47 38.62 -12.58
CA GLY B 578 -5.16 37.98 -12.95
C GLY B 578 -5.00 36.49 -12.53
N ASN B 579 -6.12 35.79 -12.45
CA ASN B 579 -6.15 34.37 -12.06
C ASN B 579 -6.71 33.46 -13.23
N VAL B 580 -6.63 33.91 -14.49
CA VAL B 580 -7.02 33.09 -15.66
C VAL B 580 -5.97 32.00 -15.88
N THR B 581 -6.38 30.75 -15.78
CA THR B 581 -5.50 29.61 -16.11
C THR B 581 -5.18 29.60 -17.61
N ASP B 582 -3.93 29.45 -17.99
CA ASP B 582 -3.56 29.12 -19.36
C ASP B 582 -3.48 27.62 -19.59
N PRO B 583 -4.50 27.01 -20.22
CA PRO B 583 -4.48 25.55 -20.46
C PRO B 583 -3.23 25.05 -21.18
N SER B 584 -2.60 25.88 -22.04
CA SER B 584 -1.43 25.38 -22.78
C SER B 584 -0.28 25.10 -21.87
N VAL B 585 -0.11 25.93 -20.84
CA VAL B 585 0.95 25.76 -19.85
C VAL B 585 0.72 24.42 -19.09
N VAL B 586 -0.53 24.15 -18.75
CA VAL B 586 -0.82 22.93 -17.96
C VAL B 586 -0.64 21.66 -18.81
N VAL B 587 -1.09 21.74 -20.07
CA VAL B 587 -0.97 20.64 -21.02
C VAL B 587 0.48 20.36 -21.35
N GLN B 588 1.27 21.43 -21.48
CA GLN B 588 2.69 21.31 -21.72
C GLN B 588 3.43 20.65 -20.54
N GLU B 589 3.04 20.97 -19.33
CA GLU B 589 3.69 20.36 -18.16
C GLU B 589 3.28 18.89 -17.93
N PHE B 590 2.01 18.57 -18.10
CA PHE B 590 1.45 17.27 -17.65
C PHE B 590 0.93 16.35 -18.75
N GLY B 591 0.69 16.91 -19.92
CA GLY B 591 0.06 16.23 -21.00
C GLY B 591 -1.44 16.43 -20.99
N ALA B 592 -2.05 16.25 -22.15
CA ALA B 592 -3.51 16.37 -22.23
C ALA B 592 -4.34 15.40 -21.31
N ASP B 593 -3.89 14.18 -21.25
CA ASP B 593 -4.69 13.12 -20.53
C ASP B 593 -4.85 13.48 -19.03
N ALA B 594 -3.74 13.87 -18.42
CA ALA B 594 -3.71 14.19 -16.98
C ALA B 594 -4.55 15.39 -16.67
N VAL B 595 -4.60 16.36 -17.61
CA VAL B 595 -5.40 17.53 -17.43
C VAL B 595 -6.87 17.15 -17.50
N ARG B 596 -7.22 16.42 -18.53
CA ARG B 596 -8.61 16.07 -18.73
C ARG B 596 -9.13 15.13 -17.61
N CYS B 597 -8.31 14.15 -17.23
CA CYS B 597 -8.71 13.19 -16.13
C CYS B 597 -8.82 13.85 -14.76
N TYR B 598 -7.96 14.83 -14.44
CA TYR B 598 -8.15 15.64 -13.21
C TYR B 598 -9.47 16.33 -13.21
N LEU B 599 -9.83 17.02 -14.29
CA LEU B 599 -11.14 17.69 -14.32
C LEU B 599 -12.30 16.74 -14.21
N LEU B 600 -12.17 15.56 -14.79
CA LEU B 600 -13.28 14.64 -14.79
C LEU B 600 -13.37 13.87 -13.42
N PHE B 601 -12.24 13.58 -12.82
CA PHE B 601 -12.20 12.82 -11.56
C PHE B 601 -12.36 13.70 -10.29
N LYS B 602 -12.20 15.03 -10.38
CA LYS B 602 -12.11 15.87 -9.20
C LYS B 602 -13.41 15.85 -8.40
N THR B 603 -14.56 15.86 -9.06
CA THR B 603 -15.81 15.95 -8.32
C THR B 603 -16.89 15.57 -9.26
N THR B 604 -18.12 15.74 -8.82
CA THR B 604 -19.27 15.44 -9.64
C THR B 604 -19.28 16.43 -10.86
N TYR B 605 -19.79 16.00 -12.01
CA TYR B 605 -19.76 16.77 -13.23
C TYR B 605 -20.38 18.16 -13.05
N ASN B 606 -21.45 18.24 -12.27
CA ASN B 606 -22.18 19.47 -12.07
C ASN B 606 -21.74 20.30 -10.86
N ALA B 607 -20.65 19.93 -10.18
CA ALA B 607 -20.18 20.70 -9.05
C ALA B 607 -18.92 21.50 -9.37
N PRO B 608 -18.67 22.58 -8.59
CA PRO B 608 -17.49 23.48 -8.83
C PRO B 608 -16.18 22.85 -8.56
N ILE B 609 -15.17 23.21 -9.34
CA ILE B 609 -13.79 22.85 -9.10
C ILE B 609 -13.02 24.13 -8.79
N ASN B 610 -12.22 24.08 -7.71
CA ASN B 610 -11.21 25.10 -7.45
C ASN B 610 -9.92 24.71 -8.06
N TRP B 611 -9.56 25.35 -9.19
CA TRP B 611 -8.47 24.84 -10.00
C TRP B 611 -7.14 25.17 -9.35
N GLU B 612 -6.24 24.17 -9.28
CA GLU B 612 -4.81 24.34 -8.93
C GLU B 612 -3.96 23.94 -10.13
N ASP B 613 -3.00 24.75 -10.58
CA ASP B 613 -2.09 24.41 -11.71
C ASP B 613 -1.29 23.12 -11.53
N SER B 614 -0.98 22.82 -10.27
CA SER B 614 -0.31 21.59 -9.92
C SER B 614 -1.32 20.46 -9.68
N GLY B 615 -2.63 20.74 -9.65
CA GLY B 615 -3.69 19.75 -9.44
C GLY B 615 -3.65 18.45 -10.29
N PRO B 616 -3.31 18.52 -11.59
CA PRO B 616 -3.10 17.34 -12.40
C PRO B 616 -1.91 16.48 -12.06
N GLN B 617 -1.05 16.88 -11.13
CA GLN B 617 0.11 16.08 -10.79
C GLN B 617 -0.31 14.65 -10.27
N ALA B 618 -1.33 14.59 -9.45
CA ALA B 618 -1.79 13.34 -8.88
C ALA B 618 -2.38 12.39 -9.99
N MET B 619 -3.10 12.94 -10.96
CA MET B 619 -3.54 12.12 -12.08
C MET B 619 -2.40 11.66 -12.97
N ARG B 620 -1.43 12.53 -13.15
CA ARG B 620 -0.27 12.18 -13.93
C ARG B 620 0.43 10.98 -13.27
N SER B 621 0.58 11.04 -11.95
CA SER B 621 1.11 9.94 -11.17
C SER B 621 0.30 8.67 -11.32
N TYR B 622 -1.03 8.76 -11.27
CA TYR B 622 -1.88 7.59 -11.56
C TYR B 622 -1.62 7.02 -12.97
N LEU B 623 -1.52 7.88 -13.97
CA LEU B 623 -1.26 7.45 -15.33
C LEU B 623 0.12 6.83 -15.50
N GLU B 624 1.14 7.34 -14.82
CA GLU B 624 2.44 6.69 -14.83
C GLU B 624 2.36 5.30 -14.14
N ARG B 625 1.54 5.15 -13.12
CA ARG B 625 1.35 3.88 -12.46
C ARG B 625 0.64 2.86 -13.37
N VAL B 626 -0.32 3.32 -14.18
CA VAL B 626 -0.81 2.48 -15.31
C VAL B 626 0.31 2.09 -16.29
N CYS B 627 1.14 3.03 -16.69
CA CYS B 627 2.21 2.74 -17.64
C CYS B 627 3.13 1.66 -17.04
N ARG B 628 3.52 1.84 -15.78
CA ARG B 628 4.44 0.91 -15.13
C ARG B 628 3.90 -0.56 -15.00
N LEU B 629 2.60 -0.69 -14.86
CA LEU B 629 1.91 -1.98 -14.89
C LEU B 629 2.05 -2.64 -16.26
N PHE B 630 2.01 -1.85 -17.32
CA PHE B 630 2.33 -2.40 -18.64
C PHE B 630 3.81 -2.80 -18.82
N THR B 631 4.71 -1.89 -18.48
CA THR B 631 6.17 -2.13 -18.66
C THR B 631 6.67 -3.23 -17.73
N ASN B 632 6.07 -3.39 -16.55
CA ASN B 632 6.39 -4.54 -15.72
C ASN B 632 5.97 -5.90 -16.34
N ASN B 633 4.91 -5.91 -17.17
CA ASN B 633 4.28 -7.15 -17.68
C ASN B 633 4.38 -7.39 -19.16
N LEU B 634 5.40 -6.78 -19.74
CA LEU B 634 5.54 -6.67 -21.16
C LEU B 634 5.81 -8.05 -21.78
N ASP B 635 6.57 -8.89 -21.08
CA ASP B 635 6.75 -10.32 -21.44
C ASP B 635 5.43 -11.05 -21.63
N ARG B 636 4.56 -10.91 -20.66
CA ARG B 636 3.25 -11.53 -20.71
C ARG B 636 2.38 -10.95 -21.82
N LEU B 637 2.45 -9.64 -21.98
CA LEU B 637 1.69 -8.98 -23.05
C LEU B 637 2.09 -9.45 -24.42
N ARG B 638 3.37 -9.52 -24.66
CA ARG B 638 3.84 -9.91 -25.97
C ARG B 638 3.66 -11.43 -26.25
N SER B 639 3.27 -12.19 -25.23
CA SER B 639 3.03 -13.63 -25.31
C SER B 639 1.57 -14.02 -25.52
N SER B 640 0.64 -13.14 -25.15
CA SER B 640 -0.77 -13.35 -25.42
C SER B 640 -1.42 -12.20 -26.23
N SER B 641 -2.24 -12.55 -27.21
CA SER B 641 -2.96 -11.59 -28.02
C SER B 641 -4.27 -11.20 -27.35
N ALA B 642 -4.55 -11.66 -26.13
CA ALA B 642 -5.82 -11.43 -25.51
C ALA B 642 -6.14 -9.92 -25.33
N ILE B 643 -7.33 -9.51 -25.79
CA ILE B 643 -7.86 -8.15 -25.65
C ILE B 643 -8.98 -8.12 -24.65
N GLU B 644 -9.38 -9.30 -24.14
CA GLU B 644 -10.31 -9.42 -23.05
C GLU B 644 -10.15 -10.86 -22.43
N ILE B 645 -10.91 -11.18 -21.40
CA ILE B 645 -10.79 -12.48 -20.72
C ILE B 645 -11.88 -13.43 -21.22
N CYS B 646 -11.49 -14.59 -21.74
CA CYS B 646 -12.47 -15.69 -21.99
C CYS B 646 -12.54 -16.74 -20.83
N PRO B 647 -13.70 -17.37 -20.59
CA PRO B 647 -13.88 -18.39 -19.50
C PRO B 647 -12.79 -19.47 -19.50
N ASP B 648 -12.44 -19.97 -20.69
CA ASP B 648 -11.32 -20.95 -20.87
C ASP B 648 -9.92 -20.45 -20.51
N ASP B 649 -9.72 -19.14 -20.41
CA ASP B 649 -8.44 -18.60 -19.93
C ASP B 649 -8.27 -18.78 -18.38
N CYS B 650 -9.36 -18.81 -17.63
CA CYS B 650 -9.34 -18.92 -16.18
C CYS B 650 -9.04 -20.36 -15.66
N GLU B 651 -7.83 -20.55 -15.17
CA GLU B 651 -7.38 -21.81 -14.61
C GLU B 651 -7.63 -21.99 -13.11
N ASN B 652 -8.26 -21.02 -12.46
CA ASN B 652 -8.54 -21.13 -11.01
C ASN B 652 -9.51 -20.05 -10.49
N GLU B 653 -9.62 -20.00 -9.16
CA GLU B 653 -10.50 -19.09 -8.42
C GLU B 653 -10.02 -17.61 -8.48
N GLU B 654 -8.68 -17.43 -8.52
CA GLU B 654 -8.06 -16.11 -8.55
C GLU B 654 -8.24 -15.40 -9.91
N ASP B 655 -8.06 -16.14 -11.01
CA ASP B 655 -8.43 -15.67 -12.36
C ASP B 655 -9.86 -15.25 -12.43
N ARG B 656 -10.71 -16.03 -11.80
CA ARG B 656 -12.12 -15.76 -11.80
C ARG B 656 -12.51 -14.60 -10.92
N GLU B 657 -11.68 -14.27 -9.92
CA GLU B 657 -11.96 -13.08 -9.14
C GLU B 657 -11.60 -11.84 -10.00
N ILE B 658 -10.46 -11.94 -10.67
CA ILE B 658 -10.00 -10.90 -11.56
C ILE B 658 -11.03 -10.71 -12.67
N ALA B 659 -11.39 -11.81 -13.35
CA ALA B 659 -12.29 -11.74 -14.51
C ALA B 659 -13.59 -11.10 -14.13
N ARG B 660 -14.10 -11.48 -12.98
CA ARG B 660 -15.31 -10.92 -12.49
C ARG B 660 -15.26 -9.41 -12.24
N GLN B 661 -14.16 -8.95 -11.66
CA GLN B 661 -13.98 -7.55 -11.30
C GLN B 661 -13.95 -6.66 -12.59
N LEU B 662 -13.30 -7.17 -13.62
CA LEU B 662 -13.27 -6.55 -14.91
C LEU B 662 -14.61 -6.44 -15.53
N GLN B 663 -15.46 -7.45 -15.36
CA GLN B 663 -16.76 -7.43 -15.97
C GLN B 663 -17.63 -6.42 -15.29
N LEU B 664 -17.59 -6.39 -13.97
CA LEU B 664 -18.23 -5.30 -13.27
C LEU B 664 -17.72 -3.89 -13.74
N ALA B 665 -16.43 -3.77 -14.02
CA ALA B 665 -15.80 -2.53 -14.36
C ALA B 665 -16.30 -2.11 -15.76
N ILE B 666 -16.39 -3.07 -16.66
CA ILE B 666 -16.98 -2.79 -18.00
C ILE B 666 -18.38 -2.21 -17.85
N GLY B 667 -19.19 -2.87 -17.03
CA GLY B 667 -20.59 -2.47 -16.84
C GLY B 667 -20.72 -1.10 -16.21
N LYS B 668 -19.85 -0.84 -15.24
CA LYS B 668 -19.95 0.34 -14.43
C LYS B 668 -19.42 1.61 -15.21
N VAL B 669 -18.31 1.47 -15.92
CA VAL B 669 -17.72 2.46 -16.74
C VAL B 669 -18.69 2.85 -17.84
N THR B 670 -19.27 1.84 -18.50
CA THR B 670 -20.28 2.04 -19.55
C THR B 670 -21.48 2.87 -19.04
N ALA B 671 -22.09 2.40 -17.97
CA ALA B 671 -23.28 3.06 -17.42
C ALA B 671 -22.93 4.46 -16.87
N ASP B 672 -21.75 4.60 -16.23
CA ASP B 672 -21.42 5.86 -15.60
C ASP B 672 -21.07 6.99 -16.62
N VAL B 673 -20.37 6.67 -17.69
CA VAL B 673 -20.07 7.65 -18.77
C VAL B 673 -21.34 8.14 -19.34
N GLU B 674 -22.28 7.24 -19.59
CA GLU B 674 -23.50 7.69 -20.21
C GLU B 674 -24.43 8.45 -19.32
N ARG B 675 -24.22 8.46 -17.99
CA ARG B 675 -25.02 9.37 -17.18
C ARG B 675 -24.16 10.49 -16.54
N PHE B 676 -22.97 10.71 -17.09
CA PHE B 676 -22.02 11.74 -16.67
C PHE B 676 -21.41 11.59 -15.27
N HIS B 677 -21.40 10.36 -14.75
CA HIS B 677 -20.67 10.03 -13.53
C HIS B 677 -19.24 9.64 -13.87
N PHE B 678 -18.49 10.61 -14.44
CA PHE B 678 -17.17 10.36 -14.92
C PHE B 678 -16.25 10.07 -13.78
N ASN B 679 -16.48 10.76 -12.67
CA ASN B 679 -15.55 10.54 -11.53
C ASN B 679 -15.70 9.11 -11.01
N ALA B 680 -16.92 8.63 -10.96
CA ALA B 680 -17.12 7.17 -10.48
C ALA B 680 -16.59 6.19 -11.49
N ALA B 681 -16.65 6.52 -12.79
CA ALA B 681 -16.08 5.61 -13.80
C ALA B 681 -14.56 5.49 -13.69
N ILE B 682 -13.92 6.62 -13.45
CA ILE B 682 -12.51 6.64 -13.37
C ILE B 682 -12.11 5.88 -12.07
N ALA B 683 -12.84 6.08 -10.98
CA ALA B 683 -12.55 5.28 -9.71
C ALA B 683 -12.59 3.78 -9.96
N ALA B 684 -13.51 3.34 -10.80
CA ALA B 684 -13.64 1.94 -11.16
C ALA B 684 -12.44 1.46 -11.88
N ILE B 685 -11.86 2.29 -12.74
CA ILE B 685 -10.64 1.89 -13.46
C ILE B 685 -9.41 1.88 -12.56
N MET B 686 -9.31 2.86 -11.68
CA MET B 686 -8.27 2.80 -10.64
C MET B 686 -8.43 1.52 -9.71
N SER B 687 -9.65 1.13 -9.39
CA SER B 687 -9.91 -0.14 -8.62
C SER B 687 -9.33 -1.29 -9.36
N VAL B 688 -9.59 -1.36 -10.67
CA VAL B 688 -9.02 -2.45 -11.49
C VAL B 688 -7.53 -2.41 -11.50
N THR B 689 -6.98 -1.21 -11.60
CA THR B 689 -5.56 -1.04 -11.62
C THR B 689 -4.99 -1.55 -10.29
N ASN B 690 -5.59 -1.20 -9.17
CA ASN B 690 -5.08 -1.68 -7.88
C ASN B 690 -5.17 -3.20 -7.79
N LEU B 691 -6.26 -3.75 -8.33
CA LEU B 691 -6.52 -5.17 -8.36
C LEU B 691 -5.42 -5.88 -9.04
N LEU B 692 -4.99 -5.34 -10.18
CA LEU B 692 -3.95 -6.00 -10.95
C LEU B 692 -2.56 -5.89 -10.35
N TYR B 693 -2.27 -4.80 -9.63
CA TYR B 693 -1.01 -4.70 -8.90
C TYR B 693 -0.92 -5.81 -7.81
N GLU B 694 -2.06 -6.04 -7.16
CA GLU B 694 -2.18 -6.83 -5.95
C GLU B 694 -2.27 -8.32 -6.30
N LYS B 695 -3.08 -8.68 -7.32
CA LYS B 695 -3.36 -10.08 -7.69
C LYS B 695 -2.76 -10.49 -9.01
N GLY B 696 -2.27 -9.55 -9.83
CA GLY B 696 -1.66 -9.97 -11.14
C GLY B 696 -0.34 -10.66 -10.84
N GLY B 697 0.17 -11.49 -11.72
CA GLY B 697 1.38 -12.24 -11.32
C GLY B 697 1.09 -13.57 -10.57
N LYS B 698 0.12 -13.59 -9.67
CA LYS B 698 -0.59 -14.86 -9.38
C LYS B 698 -1.59 -15.30 -10.49
N ALA B 699 -1.99 -14.37 -11.37
CA ALA B 699 -2.95 -14.69 -12.42
C ALA B 699 -2.30 -15.47 -13.56
N SER B 700 -3.07 -16.29 -14.25
CA SER B 700 -2.52 -16.97 -15.45
C SER B 700 -2.16 -15.84 -16.45
N PRO B 701 -0.99 -15.93 -17.13
CA PRO B 701 -0.55 -14.94 -18.11
C PRO B 701 -1.68 -14.39 -19.02
N THR B 702 -2.46 -15.30 -19.60
CA THR B 702 -3.48 -14.93 -20.56
C THR B 702 -4.55 -14.06 -19.88
N VAL B 703 -4.89 -14.35 -18.63
CA VAL B 703 -5.89 -13.57 -17.90
C VAL B 703 -5.38 -12.15 -17.62
N LEU B 704 -4.08 -12.06 -17.36
CA LEU B 704 -3.44 -10.83 -17.02
C LEU B 704 -3.25 -9.99 -18.29
N ALA B 705 -2.77 -10.57 -19.37
CA ALA B 705 -2.69 -9.81 -20.63
C ALA B 705 -4.09 -9.28 -21.08
N GLY B 706 -5.10 -10.12 -20.97
CA GLY B 706 -6.48 -9.72 -21.24
C GLY B 706 -7.03 -8.62 -20.37
N SER B 707 -6.63 -8.61 -19.09
CA SER B 707 -7.04 -7.62 -18.14
C SER B 707 -6.41 -6.28 -18.40
N LEU B 708 -5.15 -6.29 -18.76
CA LEU B 708 -4.40 -5.11 -19.02
C LEU B 708 -4.90 -4.44 -20.30
N ARG B 709 -5.11 -5.22 -21.36
CA ARG B 709 -5.68 -4.73 -22.59
C ARG B 709 -7.13 -4.24 -22.38
N LEU B 710 -7.85 -4.89 -21.50
CA LEU B 710 -9.18 -4.46 -21.20
C LEU B 710 -9.17 -3.13 -20.43
N LEU B 711 -8.22 -2.98 -19.50
CA LEU B 711 -8.04 -1.79 -18.70
C LEU B 711 -7.83 -0.54 -19.61
N VAL B 712 -6.95 -0.67 -20.59
CA VAL B 712 -6.63 0.42 -21.53
C VAL B 712 -7.79 0.74 -22.48
N ARG B 713 -8.60 -0.29 -22.82
CA ARG B 713 -9.81 -0.05 -23.56
C ARG B 713 -10.81 0.80 -22.83
N LEU B 714 -10.99 0.54 -21.54
CA LEU B 714 -11.92 1.34 -20.72
C LEU B 714 -11.37 2.76 -20.40
N LEU B 715 -10.06 2.89 -20.28
CA LEU B 715 -9.38 4.09 -19.93
C LEU B 715 -9.35 5.10 -21.11
N ALA B 716 -9.41 4.58 -22.34
CA ALA B 716 -9.23 5.34 -23.59
C ALA B 716 -10.06 6.58 -23.77
N PRO B 717 -11.36 6.56 -23.41
CA PRO B 717 -12.16 7.72 -23.52
C PRO B 717 -11.71 8.88 -22.61
N PHE B 718 -11.08 8.53 -21.48
CA PHE B 718 -10.63 9.46 -20.44
C PHE B 718 -9.25 9.94 -20.68
N ALA B 719 -8.38 9.00 -21.03
CA ALA B 719 -6.95 9.27 -21.23
C ALA B 719 -6.54 8.63 -22.56
N PRO B 720 -7.04 9.20 -23.67
CA PRO B 720 -6.92 8.58 -25.00
C PRO B 720 -5.55 8.43 -25.58
N HIS B 721 -4.65 9.34 -25.25
CA HIS B 721 -3.30 9.33 -25.82
C HIS B 721 -2.40 8.26 -25.20
N ILE B 722 -2.34 8.29 -23.87
CA ILE B 722 -1.62 7.28 -23.11
C ILE B 722 -2.18 5.89 -23.43
N SER B 723 -3.46 5.80 -23.62
CA SER B 723 -4.07 4.52 -23.95
C SER B 723 -3.60 3.95 -25.28
N GLU B 724 -3.47 4.80 -26.30
CA GLU B 724 -2.93 4.38 -27.58
C GLU B 724 -1.50 3.96 -27.37
N GLU B 725 -0.75 4.71 -26.56
CA GLU B 725 0.64 4.39 -26.39
C GLU B 725 0.77 2.96 -25.81
N LEU B 726 0.00 2.68 -24.77
CA LEU B 726 0.12 1.40 -24.06
C LEU B 726 -0.38 0.26 -24.91
N TRP B 727 -1.52 0.45 -25.55
CA TRP B 727 -2.02 -0.49 -26.56
C TRP B 727 -0.98 -0.90 -27.58
N ALA B 728 -0.32 0.10 -28.18
CA ALA B 728 0.77 -0.15 -29.12
C ALA B 728 1.97 -0.82 -28.49
N LEU B 729 2.38 -0.33 -27.34
CA LEU B 729 3.49 -0.94 -26.62
C LEU B 729 3.20 -2.47 -26.34
N SER B 730 1.96 -2.79 -26.04
CA SER B 730 1.60 -4.18 -25.80
C SER B 730 1.59 -5.07 -27.08
N GLY B 731 1.84 -4.50 -28.27
CA GLY B 731 1.88 -5.23 -29.50
C GLY B 731 0.66 -5.15 -30.40
N CYS B 732 -0.39 -4.44 -30.02
CA CYS B 732 -1.52 -4.26 -30.97
C CYS B 732 -1.14 -3.31 -32.12
N ASN B 733 -1.71 -3.57 -33.29
CA ASN B 733 -1.45 -2.79 -34.52
C ASN B 733 -2.50 -1.75 -34.81
N SER B 734 -3.72 -2.05 -34.38
CA SER B 734 -4.89 -1.19 -34.52
C SER B 734 -4.82 0.00 -33.51
N LEU B 735 -5.71 0.96 -33.68
CA LEU B 735 -5.86 2.05 -32.69
C LEU B 735 -6.93 1.59 -31.74
N VAL B 736 -6.72 1.74 -30.43
CA VAL B 736 -7.73 1.33 -29.46
C VAL B 736 -8.97 2.13 -29.66
N ALA B 737 -8.81 3.40 -30.08
CA ALA B 737 -9.96 4.27 -30.34
C ALA B 737 -10.91 3.69 -31.39
N ALA B 738 -10.38 2.85 -32.30
CA ALA B 738 -11.21 2.18 -33.32
C ALA B 738 -11.64 0.78 -32.93
N GLU B 739 -11.36 0.34 -31.72
CA GLU B 739 -11.66 -1.04 -31.31
C GLU B 739 -13.10 -1.02 -30.79
N PRO B 740 -13.93 -2.02 -31.13
CA PRO B 740 -15.24 -2.12 -30.48
C PRO B 740 -15.14 -2.04 -28.93
N TRP B 741 -16.11 -1.37 -28.33
CA TRP B 741 -16.11 -1.15 -26.90
C TRP B 741 -16.32 -2.54 -26.22
N PRO B 742 -15.70 -2.76 -25.05
CA PRO B 742 -15.92 -4.08 -24.44
C PRO B 742 -17.36 -4.31 -24.04
N THR B 743 -17.74 -5.57 -24.07
CA THR B 743 -19.04 -6.02 -23.59
C THR B 743 -18.89 -7.02 -22.44
N ILE B 744 -19.85 -7.02 -21.52
CA ILE B 744 -19.84 -7.95 -20.41
C ILE B 744 -19.91 -9.41 -20.93
N ASN B 745 -18.93 -10.22 -20.57
CA ASN B 745 -19.02 -11.67 -20.77
C ASN B 745 -19.77 -12.26 -19.57
N GLU B 746 -21.06 -12.58 -19.79
CA GLU B 746 -21.99 -13.02 -18.71
C GLU B 746 -21.58 -14.35 -18.01
N ARG B 747 -20.75 -15.17 -18.65
CA ARG B 747 -20.10 -16.32 -17.99
C ARG B 747 -19.12 -15.89 -16.87
N LEU B 748 -18.53 -14.69 -16.95
CA LEU B 748 -17.50 -14.30 -15.98
C LEU B 748 -17.95 -13.36 -14.89
N VAL B 749 -19.21 -12.98 -14.92
CA VAL B 749 -19.76 -11.97 -14.02
C VAL B 749 -19.99 -12.43 -12.59
N GLN B 750 -20.38 -13.69 -12.38
CA GLN B 750 -20.40 -14.26 -11.00
C GLN B 750 -19.18 -15.08 -10.94
N ALA B 751 -18.47 -14.99 -9.83
CA ALA B 751 -17.37 -15.91 -9.57
C ALA B 751 -18.03 -17.14 -8.88
N GLU B 752 -17.19 -17.99 -8.31
CA GLU B 752 -17.62 -19.25 -7.73
C GLU B 752 -18.33 -19.03 -6.38
N ASN B 753 -17.96 -17.99 -5.63
CA ASN B 753 -18.56 -17.66 -4.31
C ASN B 753 -19.05 -16.22 -4.18
N ILE B 754 -20.00 -16.02 -3.28
CA ILE B 754 -20.63 -14.74 -3.07
C ILE B 754 -20.54 -14.35 -1.60
N VAL B 755 -20.17 -13.10 -1.32
CA VAL B 755 -20.27 -12.53 0.02
C VAL B 755 -21.69 -11.98 0.17
N LEU B 756 -22.44 -12.53 1.12
CA LEU B 756 -23.86 -12.14 1.30
C LEU B 756 -24.04 -11.50 2.68
N PRO B 757 -24.45 -10.22 2.77
CA PRO B 757 -24.76 -9.69 4.10
C PRO B 757 -26.05 -10.30 4.67
N VAL B 758 -26.06 -10.45 6.00
CA VAL B 758 -27.17 -10.98 6.72
C VAL B 758 -27.69 -9.92 7.66
N GLN B 759 -28.96 -9.59 7.51
CA GLN B 759 -29.69 -8.75 8.45
C GLN B 759 -30.61 -9.58 9.36
N ILE B 760 -30.88 -9.07 10.55
CA ILE B 760 -31.97 -9.51 11.38
C ILE B 760 -32.80 -8.29 11.67
N ASN B 761 -34.05 -8.40 11.26
CA ASN B 761 -35.01 -7.32 11.36
C ASN B 761 -34.51 -6.05 10.73
N GLY B 762 -33.75 -6.20 9.64
CA GLY B 762 -33.22 -5.04 8.95
C GLY B 762 -31.86 -4.60 9.46
N LYS B 763 -31.36 -5.15 10.56
CA LYS B 763 -30.05 -4.69 11.07
C LYS B 763 -28.93 -5.61 10.61
N LEU B 764 -27.87 -5.06 9.98
CA LEU B 764 -26.73 -5.87 9.60
C LEU B 764 -26.08 -6.54 10.81
N ILE B 765 -25.96 -7.86 10.74
CA ILE B 765 -25.28 -8.66 11.73
C ILE B 765 -23.84 -9.01 11.27
N ARG B 766 -23.66 -9.49 10.04
CA ARG B 766 -22.33 -9.95 9.55
C ARG B 766 -22.53 -10.35 8.09
N THR B 767 -21.50 -10.82 7.46
CA THR B 767 -21.59 -11.39 6.13
C THR B 767 -21.19 -12.84 6.21
N MET B 768 -21.52 -13.54 5.16
CA MET B 768 -21.40 -14.96 5.02
C MET B 768 -20.96 -15.16 3.54
N THR B 769 -19.98 -15.99 3.32
CA THR B 769 -19.54 -16.38 1.97
C THR B 769 -20.12 -17.73 1.63
N ILE B 770 -20.84 -17.81 0.51
CA ILE B 770 -21.44 -19.07 0.09
C ILE B 770 -21.16 -19.28 -1.41
N PRO B 771 -21.23 -20.52 -1.90
CA PRO B 771 -21.26 -20.79 -3.34
C PRO B 771 -22.40 -20.11 -4.01
N VAL B 772 -22.17 -19.68 -5.26
CA VAL B 772 -23.23 -19.17 -6.13
C VAL B 772 -24.21 -20.32 -6.43
N ASN B 773 -25.48 -20.01 -6.67
CA ASN B 773 -26.53 -21.04 -6.95
C ASN B 773 -26.82 -22.00 -5.83
N LEU B 774 -26.48 -21.63 -4.60
CA LEU B 774 -26.89 -22.44 -3.46
C LEU B 774 -28.42 -22.35 -3.48
N ALA B 775 -29.05 -23.48 -3.32
CA ALA B 775 -30.50 -23.52 -3.16
C ALA B 775 -30.96 -22.59 -2.01
N GLU B 776 -32.11 -21.96 -2.19
CA GLU B 776 -32.65 -21.06 -1.21
C GLU B 776 -32.79 -21.72 0.19
N GLU B 777 -33.19 -22.99 0.25
CA GLU B 777 -33.30 -23.62 1.57
C GLU B 777 -31.94 -23.85 2.23
N ASP B 778 -30.94 -24.12 1.40
CA ASP B 778 -29.53 -24.26 1.89
C ASP B 778 -28.95 -22.94 2.32
N ILE B 779 -29.29 -21.84 1.62
CA ILE B 779 -28.88 -20.53 2.06
C ILE B 779 -29.43 -20.26 3.46
N LEU B 780 -30.73 -20.41 3.63
CA LEU B 780 -31.34 -20.21 4.93
C LEU B 780 -30.75 -21.12 6.01
N SER B 781 -30.61 -22.38 5.69
CA SER B 781 -30.03 -23.32 6.64
C SER B 781 -28.56 -22.91 7.02
N THR B 782 -27.78 -22.44 6.03
CA THR B 782 -26.43 -21.95 6.31
C THR B 782 -26.42 -20.69 7.19
N VAL B 783 -27.35 -19.79 6.94
CA VAL B 783 -27.52 -18.54 7.70
C VAL B 783 -27.90 -18.85 9.17
N LEU B 784 -28.83 -19.77 9.37
CA LEU B 784 -29.35 -20.07 10.71
C LEU B 784 -28.31 -20.74 11.55
N ALA B 785 -27.35 -21.36 10.90
CA ALA B 785 -26.21 -21.95 11.55
C ALA B 785 -25.10 -21.00 11.95
N LEU B 786 -25.02 -19.78 11.44
CA LEU B 786 -23.99 -18.86 11.90
C LEU B 786 -24.09 -18.59 13.40
N PRO B 787 -22.95 -18.52 14.09
CA PRO B 787 -23.06 -18.35 15.53
C PRO B 787 -23.83 -17.15 16.02
N GLU B 788 -23.59 -16.04 15.34
CA GLU B 788 -24.19 -14.79 15.65
C GLU B 788 -25.69 -14.85 15.47
N VAL B 789 -26.12 -15.58 14.46
CA VAL B 789 -27.55 -15.77 14.17
C VAL B 789 -28.20 -16.77 15.14
N ARG B 790 -27.60 -17.92 15.36
CA ARG B 790 -28.04 -18.89 16.38
C ARG B 790 -28.15 -18.19 17.75
N SER B 791 -27.18 -17.34 18.06
CA SER B 791 -27.19 -16.62 19.34
C SER B 791 -28.40 -15.70 19.43
N ARG B 792 -28.58 -14.85 18.43
CA ARG B 792 -29.65 -13.86 18.45
C ARG B 792 -31.05 -14.44 18.32
N LEU B 793 -31.18 -15.63 17.73
CA LEU B 793 -32.46 -16.34 17.67
C LEU B 793 -32.62 -17.38 18.77
N SER B 794 -31.72 -17.44 19.75
CA SER B 794 -31.86 -18.53 20.74
C SER B 794 -33.09 -18.34 21.65
N ASP B 795 -33.62 -17.13 21.73
CA ASP B 795 -34.87 -16.84 22.51
C ASP B 795 -35.97 -16.14 21.68
N ARG B 796 -35.96 -16.32 20.37
CA ARG B 796 -36.82 -15.60 19.47
C ARG B 796 -37.17 -16.58 18.35
N ASP B 797 -38.35 -16.40 17.76
CA ASP B 797 -38.82 -17.26 16.66
C ASP B 797 -38.60 -16.51 15.32
N LEU B 798 -38.15 -17.27 14.33
CA LEU B 798 -38.09 -16.82 12.95
C LEU B 798 -39.50 -16.77 12.30
N LYS B 799 -39.89 -15.63 11.76
CA LYS B 799 -41.23 -15.41 11.19
C LYS B 799 -41.24 -15.43 9.67
N ASN B 800 -40.16 -14.90 9.12
CA ASN B 800 -40.06 -14.74 7.71
C ASN B 800 -38.61 -14.47 7.32
N TYR B 801 -38.34 -14.50 6.03
CA TYR B 801 -37.12 -13.93 5.56
C TYR B 801 -37.33 -13.34 4.17
N ARG B 802 -36.53 -12.32 3.87
CA ARG B 802 -36.45 -11.70 2.56
C ARG B 802 -35.06 -12.02 1.98
N TYR B 803 -35.00 -12.81 0.95
CA TYR B 803 -33.80 -13.16 0.27
C TYR B 803 -33.84 -12.47 -1.10
N VAL B 804 -32.86 -11.63 -1.38
CA VAL B 804 -32.74 -11.05 -2.71
C VAL B 804 -31.50 -11.71 -3.28
N PRO B 805 -31.64 -12.53 -4.36
CA PRO B 805 -30.51 -13.37 -4.84
C PRO B 805 -29.24 -12.65 -5.06
N ASN B 806 -28.17 -13.27 -4.57
CA ASN B 806 -26.85 -12.73 -4.59
C ASN B 806 -26.71 -11.31 -4.00
N ARG B 807 -27.69 -10.79 -3.26
CA ARG B 807 -27.61 -9.41 -2.71
C ARG B 807 -27.68 -9.40 -1.20
N ILE B 808 -28.78 -9.88 -0.64
CA ILE B 808 -28.97 -9.79 0.79
C ILE B 808 -29.92 -10.87 1.34
N ILE B 809 -29.74 -11.22 2.61
CA ILE B 809 -30.82 -11.97 3.35
C ILE B 809 -31.13 -11.27 4.66
N ASN B 810 -32.40 -10.88 4.81
CA ASN B 810 -32.91 -10.32 6.04
C ASN B 810 -33.84 -11.35 6.74
N LEU B 811 -33.46 -11.76 7.93
CA LEU B 811 -34.30 -12.66 8.77
C LEU B 811 -35.28 -11.84 9.63
N VAL B 812 -36.57 -12.11 9.51
CA VAL B 812 -37.60 -11.39 10.29
C VAL B 812 -37.94 -12.20 11.53
N VAL B 813 -37.71 -11.63 12.72
CA VAL B 813 -37.81 -12.36 13.99
C VAL B 813 -38.75 -11.68 14.98
N GLY B 814 -39.38 -12.48 15.83
CA GLY B 814 -40.26 -11.97 16.88
C GLY B 814 -39.53 -11.40 18.08
N LEU B 815 -40.31 -10.98 19.08
CA LEU B 815 -39.81 -10.41 20.35
C LEU B 815 -39.14 -11.45 21.28
N GLU B 816 -38.16 -10.97 22.08
CA GLU B 816 -37.43 -11.77 23.15
C GLU B 816 -38.53 -12.57 23.92
N HIS B 817 -38.42 -13.91 24.01
CA HIS B 817 -39.39 -14.75 24.79
C HIS B 817 -39.49 -14.31 26.28
#